data_7TU9
#
_entry.id   7TU9
#
_cell.length_a   1.00
_cell.length_b   1.00
_cell.length_c   1.00
_cell.angle_alpha   90.00
_cell.angle_beta   90.00
_cell.angle_gamma   90.00
#
_symmetry.space_group_name_H-M   'P 1'
#
loop_
_entity.id
_entity.type
_entity.pdbx_description
1 polymer 'Glycine receptor subunit alphaZ1'
2 polymer 'Glycine receptor beta subunit 2'
3 non-polymer 2-acetamido-2-deoxy-beta-D-glucopyranose
4 non-polymer '[(2R)-2-octanoyloxy-3-[oxidanyl-[(1R,2R,3S,4R,5R,6S)-2,3,6-tris(oxidanyl)-4,5-diphosphonooxy-cyclohexyl]oxy-phosphoryl]oxy-propyl] octanoate'
5 non-polymer 1,2-DIMYRISTOYL-SN-GLYCERO-3-PHOSPHOCHOLINE
6 non-polymer STRYCHNINE
#
loop_
_entity_poly.entity_id
_entity_poly.type
_entity_poly.pdbx_seq_one_letter_code
_entity_poly.pdbx_strand_id
1 'polypeptide(L)'
;MFALGIYLWETIVFFSLAASQQAAARKAASPMPPSEFLDKLMGKVSGYDARIRPNFKGPPVNVTCNIFINSFGSIAETTM
DYRVNIFLRQQWNDPRLAYSEYPDDSLDLDPSMLDSIWKPDLFFANEKGANFHEVTTDNKLLRISKNGNVLYSIRITLVL
ACPMDLKNFPMDVQTCIMQLESFGYTMNDLIFEWDEKGAVQVADGLTLPQFILKEEKDLRYCTKHYNTGKFTCIEARFHL
ERQMGYYLIQMYIPSLLIVILSWVSFWINMDAAPARVGLGITTVLTMTTQSSGSRASLPKVSYVKAIDIWMAVCLLFVFS
ALLEYAAVNFIARQHKELLRFQRRRRHLKEDEAGDGRFSFAAYGMGPACLQAKDGMAIKGNNNNAPTSTNPPEKTVEEMR
KLFISRAKRIDTVSRVAFPLVFLIFNIFYWITYKIIRSEDIHKQLVPRGSHHHHHHHH
;
A,D,C,B
2 'polypeptide(L)'
;MKALKVIFMLLIICLWMEGGFTKEKSAKKWSHPQFEKGGGSGGGSGGGSWSHPQFEKGGGSGGGSGGGSWSHPQFEKGGG
SGGGSGGGSWSHPQFEKENLYFQGEKSAKKGKKKGKQVYCPSQLSSEDLARVPANSTSNILNKLLITYDPRIRPNFKGIP
VEDRVNIFINSFGSIQETTMDYRVNIFLRQRWNDPRLRLPQDFKSDSLTVDPKMFKCLWKPDLFFANEKSANFHDVTQEN
ILLFIFRNGDVLISMRLSVTLSCPLDLTLFPMDTQRCKMQLESFGYTTDDLQFMWQSGDPVQMDEIALPQFDIKQEDIEY
GNCTKYYAGTGYYTCVEVIFTLRRQVGFYMMGVYAPTLLIVVLSWLSFWINPDASAARVPLGILSVLSLSSECTSLASEL
PKVSYVKAIDIWLIACLLFGFASLVEYAVVQVMLNSPKLLEAERAKIATKEKAEGKTPAKNTINGMGSTPIHVSTLQVTE
TRCKKVCTSKSDLRTNDFSIVGSLPRDFELSNFDCYGKPIEVGSAFSKSQAKNNKKPPPPKPVIPSAAKRIDLYARALFP
FSFLFFNVIYWSVYLENLYFQGTETSQVAPA
;
E
#
loop_
_chem_comp.id
_chem_comp.type
_chem_comp.name
_chem_comp.formula
NAG D-saccharide, beta linking 2-acetamido-2-deoxy-beta-D-glucopyranose 'C8 H15 N O6'
PIO non-polymer '[(2R)-2-octanoyloxy-3-[oxidanyl-[(1R,2R,3S,4R,5R,6S)-2,3,6-tris(oxidanyl)-4,5-diphosphonooxy-cyclohexyl]oxy-phosphoryl]oxy-propyl] octanoate' 'C25 H49 O19 P3'
PX4 non-polymer 1,2-DIMYRISTOYL-SN-GLYCERO-3-PHOSPHOCHOLINE 'C36 H73 N O8 P 1'
SY9 non-polymer STRYCHNINE 'C21 H22 N2 O2'
#
# COMPACT_ATOMS: atom_id res chain seq x y z
N PRO A 33 27.48 0.56 -47.71
CA PRO A 33 26.57 0.72 -46.57
C PRO A 33 26.72 -0.41 -45.55
N PRO A 34 26.75 -0.06 -44.27
CA PRO A 34 26.86 -1.11 -43.23
C PRO A 34 25.64 -2.01 -43.14
N SER A 35 24.48 -1.58 -43.63
CA SER A 35 23.28 -2.41 -43.56
C SER A 35 23.38 -3.61 -44.50
N GLU A 36 23.78 -3.38 -45.74
CA GLU A 36 23.91 -4.47 -46.70
C GLU A 36 25.15 -5.31 -46.44
N PHE A 37 26.21 -4.72 -45.88
CA PHE A 37 27.41 -5.49 -45.58
C PHE A 37 27.17 -6.46 -44.43
N LEU A 38 26.38 -6.04 -43.43
CA LEU A 38 26.09 -6.92 -42.31
C LEU A 38 25.20 -8.08 -42.73
N ASP A 39 24.28 -7.85 -43.66
CA ASP A 39 23.39 -8.91 -44.13
C ASP A 39 24.14 -10.01 -44.88
N LYS A 40 25.30 -9.69 -45.45
CA LYS A 40 26.12 -10.73 -46.08
C LYS A 40 26.68 -11.70 -45.04
N LEU A 41 27.05 -11.18 -43.86
CA LEU A 41 27.62 -12.02 -42.81
C LEU A 41 26.58 -12.86 -42.09
N MET A 42 25.34 -12.37 -41.97
CA MET A 42 24.35 -12.99 -41.10
C MET A 42 23.09 -13.43 -41.83
N GLY A 43 23.02 -13.25 -43.16
CA GLY A 43 21.83 -13.55 -43.92
C GLY A 43 21.73 -15.01 -44.29
N LYS A 44 20.74 -15.32 -45.12
CA LYS A 44 20.51 -16.68 -45.57
C LYS A 44 21.61 -17.19 -46.50
N VAL A 45 22.37 -16.28 -47.12
CA VAL A 45 23.50 -16.69 -47.94
C VAL A 45 24.58 -17.32 -47.06
N SER A 46 24.93 -16.64 -45.97
CA SER A 46 25.91 -17.18 -45.03
C SER A 46 25.30 -18.32 -44.21
N GLY A 47 26.17 -19.19 -43.73
CA GLY A 47 25.73 -20.36 -42.99
C GLY A 47 25.60 -20.12 -41.50
N TYR A 48 25.53 -18.86 -41.09
CA TYR A 48 25.41 -18.52 -39.68
C TYR A 48 24.06 -18.97 -39.14
N ASP A 49 24.08 -19.62 -37.98
CA ASP A 49 22.87 -20.07 -37.30
C ASP A 49 22.89 -19.52 -35.88
N ALA A 50 21.78 -18.92 -35.46
CA ALA A 50 21.70 -18.31 -34.13
C ALA A 50 21.51 -19.33 -33.02
N ARG A 51 21.28 -20.60 -33.35
CA ARG A 51 21.03 -21.62 -32.34
C ARG A 51 22.27 -22.42 -31.98
N ILE A 52 23.42 -22.09 -32.55
CA ILE A 52 24.68 -22.80 -32.30
C ILE A 52 25.63 -21.85 -31.59
N ARG A 53 26.19 -22.32 -30.47
CA ARG A 53 27.14 -21.51 -29.73
C ARG A 53 28.45 -21.38 -30.50
N PRO A 54 29.21 -20.30 -30.29
CA PRO A 54 30.51 -20.18 -30.93
C PRO A 54 31.47 -21.26 -30.45
N ASN A 55 32.39 -21.65 -31.33
CA ASN A 55 33.36 -22.72 -31.09
C ASN A 55 32.67 -24.02 -30.71
N PHE A 56 31.83 -24.50 -31.63
CA PHE A 56 31.08 -25.72 -31.40
C PHE A 56 32.01 -26.93 -31.35
N LYS A 57 31.74 -27.84 -30.40
CA LYS A 57 32.56 -29.03 -30.14
C LYS A 57 34.03 -28.65 -29.89
N GLY A 58 34.23 -27.59 -29.13
CA GLY A 58 35.56 -27.13 -28.79
C GLY A 58 35.65 -26.63 -27.37
N PRO A 59 36.58 -25.71 -27.12
CA PRO A 59 36.69 -25.13 -25.78
C PRO A 59 35.48 -24.26 -25.47
N PRO A 60 35.11 -24.12 -24.20
CA PRO A 60 33.99 -23.27 -23.85
C PRO A 60 34.29 -21.80 -24.09
N VAL A 61 33.24 -21.04 -24.40
CA VAL A 61 33.39 -19.60 -24.60
C VAL A 61 33.44 -18.90 -23.26
N ASN A 62 34.17 -17.80 -23.20
CA ASN A 62 34.38 -17.05 -21.97
C ASN A 62 33.67 -15.70 -22.06
N VAL A 63 32.91 -15.36 -21.04
CA VAL A 63 32.12 -14.14 -21.00
C VAL A 63 32.63 -13.27 -19.87
N THR A 64 32.94 -12.02 -20.18
CA THR A 64 33.41 -11.05 -19.20
C THR A 64 32.28 -10.08 -18.87
N CYS A 65 31.98 -9.95 -17.58
CA CYS A 65 30.81 -9.21 -17.13
C CYS A 65 31.20 -7.99 -16.31
N ASN A 66 30.43 -6.91 -16.49
CA ASN A 66 30.57 -5.70 -15.71
C ASN A 66 29.18 -5.24 -15.26
N ILE A 67 29.13 -4.59 -14.12
CA ILE A 67 27.87 -4.09 -13.55
C ILE A 67 28.07 -2.67 -13.07
N PHE A 68 27.22 -1.75 -13.54
CA PHE A 68 27.19 -0.37 -13.09
C PHE A 68 25.84 -0.11 -12.45
N ILE A 69 25.85 0.33 -11.20
CA ILE A 69 24.63 0.50 -10.41
C ILE A 69 24.20 1.96 -10.45
N ASN A 70 22.97 2.20 -10.86
CA ASN A 70 22.43 3.56 -10.94
C ASN A 70 21.73 3.96 -9.64
N SER A 71 20.73 3.19 -9.24
CA SER A 71 19.96 3.48 -8.03
C SER A 71 19.88 2.24 -7.16
N PHE A 72 19.80 2.46 -5.86
CA PHE A 72 19.80 1.38 -4.88
C PHE A 72 18.85 1.77 -3.76
N GLY A 73 18.04 0.83 -3.30
CA GLY A 73 17.16 1.14 -2.18
C GLY A 73 15.93 0.27 -2.18
N SER A 74 14.84 0.83 -1.62
CA SER A 74 13.57 0.14 -1.42
C SER A 74 13.74 -1.15 -0.63
N ILE A 75 14.56 -1.09 0.41
CA ILE A 75 14.81 -2.25 1.26
C ILE A 75 13.64 -2.40 2.22
N ALA A 76 13.01 -3.57 2.20
CA ALA A 76 11.84 -3.84 3.03
C ALA A 76 12.04 -5.15 3.77
N GLU A 77 11.68 -5.16 5.05
CA GLU A 77 11.78 -6.37 5.86
C GLU A 77 10.52 -7.21 5.85
N THR A 78 9.38 -6.63 5.48
CA THR A 78 8.14 -7.39 5.39
C THR A 78 8.11 -8.33 4.20
N THR A 79 8.87 -8.04 3.14
CA THR A 79 8.97 -8.91 1.99
C THR A 79 10.39 -9.45 1.78
N MET A 80 11.38 -8.90 2.50
CA MET A 80 12.75 -9.40 2.52
C MET A 80 13.38 -9.37 1.13
N ASP A 81 13.44 -8.16 0.57
CA ASP A 81 13.93 -7.97 -0.80
C ASP A 81 14.36 -6.52 -0.97
N TYR A 82 15.07 -6.25 -2.07
CA TYR A 82 15.51 -4.91 -2.39
C TYR A 82 15.50 -4.73 -3.91
N ARG A 83 15.48 -3.48 -4.34
CA ARG A 83 15.33 -3.12 -5.75
C ARG A 83 16.55 -2.35 -6.23
N VAL A 84 17.04 -2.70 -7.42
CA VAL A 84 18.21 -2.07 -8.00
C VAL A 84 17.90 -1.65 -9.44
N ASN A 85 18.77 -0.81 -9.98
CA ASN A 85 18.71 -0.36 -11.37
C ASN A 85 20.14 -0.37 -11.89
N ILE A 86 20.44 -1.30 -12.80
CA ILE A 86 21.83 -1.59 -13.15
C ILE A 86 22.03 -1.51 -14.65
N PHE A 87 23.30 -1.36 -15.03
CA PHE A 87 23.76 -1.52 -16.40
C PHE A 87 24.57 -2.81 -16.48
N LEU A 88 24.26 -3.67 -17.43
CA LEU A 88 24.90 -4.97 -17.56
C LEU A 88 25.63 -5.03 -18.90
N ARG A 89 26.90 -5.45 -18.87
CA ARG A 89 27.72 -5.56 -20.06
C ARG A 89 28.35 -6.94 -20.13
N GLN A 90 28.35 -7.52 -21.34
CA GLN A 90 28.93 -8.83 -21.58
C GLN A 90 29.82 -8.78 -22.81
N GLN A 91 30.93 -9.50 -22.77
CA GLN A 91 31.87 -9.56 -23.88
C GLN A 91 32.26 -11.00 -24.17
N TRP A 92 32.19 -11.39 -25.44
CA TRP A 92 32.61 -12.71 -25.86
C TRP A 92 33.07 -12.64 -27.31
N ASN A 93 33.82 -13.65 -27.73
CA ASN A 93 34.41 -13.69 -29.07
C ASN A 93 33.69 -14.73 -29.92
N ASP A 94 33.23 -14.32 -31.09
CA ASP A 94 32.58 -15.20 -32.05
C ASP A 94 33.38 -15.22 -33.33
N PRO A 95 34.14 -16.30 -33.61
CA PRO A 95 34.97 -16.32 -34.82
C PRO A 95 34.19 -16.32 -36.13
N ARG A 96 32.91 -16.68 -36.12
CA ARG A 96 32.13 -16.68 -37.34
C ARG A 96 31.76 -15.28 -37.82
N LEU A 97 31.93 -14.27 -36.99
CA LEU A 97 31.58 -12.89 -37.35
C LEU A 97 32.80 -12.05 -37.74
N ALA A 98 33.96 -12.67 -37.89
CA ALA A 98 35.16 -11.92 -38.26
C ALA A 98 35.09 -11.50 -39.72
N TYR A 99 35.42 -10.24 -39.97
CA TYR A 99 35.46 -9.70 -41.33
C TYR A 99 36.73 -8.89 -41.50
N SER A 100 37.30 -8.92 -42.70
CA SER A 100 38.56 -8.25 -42.99
C SER A 100 38.50 -7.53 -44.33
N GLU A 101 37.34 -6.96 -44.66
CA GLU A 101 37.16 -6.24 -45.91
C GLU A 101 36.50 -4.88 -45.77
N TYR A 102 35.76 -4.62 -44.70
CA TYR A 102 35.12 -3.32 -44.53
C TYR A 102 36.18 -2.28 -44.16
N PRO A 103 36.11 -1.08 -44.76
CA PRO A 103 37.03 -0.01 -44.35
C PRO A 103 36.86 0.43 -42.91
N ASP A 104 35.64 0.38 -42.38
CA ASP A 104 35.35 0.76 -41.01
C ASP A 104 35.23 -0.48 -40.12
N ASP A 105 35.23 -0.25 -38.81
CA ASP A 105 35.10 -1.30 -37.82
C ASP A 105 33.96 -0.95 -36.88
N SER A 106 33.68 -1.88 -35.95
CA SER A 106 32.67 -1.72 -34.90
C SER A 106 31.28 -1.45 -35.49
N LEU A 107 30.78 -2.43 -36.22
CA LEU A 107 29.43 -2.35 -36.74
C LEU A 107 28.40 -2.45 -35.61
N ASP A 108 27.30 -1.73 -35.77
CA ASP A 108 26.25 -1.66 -34.76
C ASP A 108 24.99 -2.32 -35.28
N LEU A 109 24.37 -3.12 -34.42
CA LEU A 109 23.16 -3.86 -34.76
C LEU A 109 21.92 -3.09 -34.32
N ASP A 110 20.90 -3.07 -35.19
CA ASP A 110 19.61 -2.55 -34.81
C ASP A 110 18.95 -3.47 -33.81
N PRO A 111 18.32 -2.93 -32.76
CA PRO A 111 17.68 -3.80 -31.75
C PRO A 111 16.52 -4.61 -32.27
N SER A 112 15.94 -4.25 -33.41
CA SER A 112 14.82 -5.02 -33.95
C SER A 112 15.25 -6.41 -34.38
N MET A 113 16.40 -6.52 -35.04
CA MET A 113 16.93 -7.80 -35.51
C MET A 113 17.92 -8.41 -34.53
N LEU A 114 17.78 -8.09 -33.24
CA LEU A 114 18.72 -8.56 -32.23
C LEU A 114 18.63 -10.07 -31.98
N ASP A 115 17.54 -10.70 -32.41
CA ASP A 115 17.36 -12.13 -32.20
C ASP A 115 18.00 -12.98 -33.29
N SER A 116 18.68 -12.37 -34.25
CA SER A 116 19.36 -13.11 -35.31
C SER A 116 20.79 -13.45 -34.95
N ILE A 117 21.24 -13.14 -33.74
CA ILE A 117 22.61 -13.37 -33.32
C ILE A 117 22.60 -14.22 -32.06
N TRP A 118 23.68 -14.95 -31.84
CA TRP A 118 23.79 -15.77 -30.64
C TRP A 118 24.11 -14.92 -29.43
N LYS A 119 23.40 -15.16 -28.32
CA LYS A 119 23.65 -14.47 -27.08
C LYS A 119 23.64 -15.48 -25.93
N PRO A 120 24.47 -15.28 -24.92
CA PRO A 120 24.46 -16.20 -23.77
C PRO A 120 23.17 -16.06 -22.96
N ASP A 121 22.72 -17.17 -22.40
CA ASP A 121 21.53 -17.20 -21.57
C ASP A 121 21.91 -16.91 -20.12
N LEU A 122 21.53 -15.74 -19.64
CA LEU A 122 21.88 -15.28 -18.30
C LEU A 122 20.60 -14.97 -17.54
N PHE A 123 20.60 -15.28 -16.25
CA PHE A 123 19.50 -14.88 -15.39
C PHE A 123 20.01 -14.78 -13.96
N PHE A 124 19.24 -14.08 -13.13
CA PHE A 124 19.60 -13.84 -11.74
C PHE A 124 18.86 -14.84 -10.86
N ALA A 125 19.60 -15.61 -10.06
CA ALA A 125 18.99 -16.63 -9.22
C ALA A 125 18.22 -16.03 -8.05
N ASN A 126 18.45 -14.77 -7.73
CA ASN A 126 17.73 -14.08 -6.67
C ASN A 126 16.56 -13.24 -7.19
N GLU A 127 16.30 -13.29 -8.49
CA GLU A 127 15.32 -12.39 -9.09
C GLU A 127 13.90 -12.80 -8.70
N LYS A 128 13.12 -11.82 -8.25
CA LYS A 128 11.69 -11.99 -8.03
C LYS A 128 10.85 -11.17 -9.01
N GLY A 129 11.48 -10.49 -9.96
CA GLY A 129 10.79 -9.68 -10.93
C GLY A 129 11.74 -8.73 -11.64
N ALA A 130 11.59 -8.58 -12.94
CA ALA A 130 12.49 -7.74 -13.71
C ALA A 130 11.79 -7.30 -15.00
N ASN A 131 12.34 -6.26 -15.61
CA ASN A 131 11.81 -5.74 -16.87
C ASN A 131 12.88 -4.96 -17.59
N PHE A 132 12.67 -4.75 -18.89
CA PHE A 132 13.53 -3.93 -19.71
C PHE A 132 13.05 -2.48 -19.66
N HIS A 133 13.58 -1.64 -20.55
CA HIS A 133 13.20 -0.23 -20.58
C HIS A 133 12.92 0.20 -22.01
N GLU A 134 11.81 0.91 -22.18
CA GLU A 134 11.38 1.43 -23.48
C GLU A 134 10.94 2.89 -23.28
N VAL A 135 11.81 3.69 -22.67
CA VAL A 135 11.44 5.04 -22.27
C VAL A 135 11.21 5.92 -23.49
N THR A 136 12.13 5.90 -24.45
CA THR A 136 11.91 6.51 -25.75
C THR A 136 12.26 5.58 -26.90
N THR A 137 13.31 4.77 -26.73
CA THR A 137 13.67 3.73 -27.68
C THR A 137 14.01 2.49 -26.89
N ASP A 138 14.60 1.50 -27.56
CA ASP A 138 15.04 0.28 -26.87
C ASP A 138 16.39 0.54 -26.24
N ASN A 139 16.50 0.31 -24.93
CA ASN A 139 17.75 0.57 -24.20
C ASN A 139 18.68 -0.64 -24.29
N LYS A 140 19.03 -1.00 -25.52
CA LYS A 140 19.96 -2.08 -25.79
C LYS A 140 20.96 -1.63 -26.85
N LEU A 141 22.13 -2.24 -26.82
CA LEU A 141 23.18 -1.89 -27.77
C LEU A 141 24.07 -3.11 -27.98
N LEU A 142 24.39 -3.40 -29.23
CA LEU A 142 25.29 -4.49 -29.57
C LEU A 142 26.29 -4.00 -30.60
N ARG A 143 27.55 -4.39 -30.43
CA ARG A 143 28.64 -3.95 -31.30
C ARG A 143 29.50 -5.15 -31.67
N ILE A 144 29.92 -5.20 -32.94
CA ILE A 144 30.71 -6.30 -33.47
C ILE A 144 32.00 -5.71 -34.02
N SER A 145 33.13 -6.11 -33.44
CA SER A 145 34.43 -5.60 -33.87
C SER A 145 34.93 -6.37 -35.08
N LYS A 146 36.14 -6.02 -35.54
CA LYS A 146 36.69 -6.65 -36.73
C LYS A 146 37.17 -8.07 -36.46
N ASN A 147 37.81 -8.29 -35.32
CA ASN A 147 38.35 -9.61 -35.00
C ASN A 147 37.30 -10.61 -34.56
N GLY A 148 36.06 -10.16 -34.31
CA GLY A 148 35.00 -11.04 -33.88
C GLY A 148 34.49 -10.78 -32.48
N ASN A 149 35.05 -9.81 -31.77
CA ASN A 149 34.59 -9.50 -30.42
C ASN A 149 33.20 -8.89 -30.46
N VAL A 150 32.36 -9.28 -29.51
CA VAL A 150 30.99 -8.81 -29.42
C VAL A 150 30.79 -8.14 -28.07
N LEU A 151 30.26 -6.92 -28.09
CA LEU A 151 29.92 -6.18 -26.88
C LEU A 151 28.40 -6.03 -26.82
N TYR A 152 27.85 -6.22 -25.62
CA TYR A 152 26.40 -6.26 -25.45
C TYR A 152 26.05 -5.58 -24.13
N SER A 153 25.39 -4.43 -24.20
CA SER A 153 25.06 -3.64 -23.03
C SER A 153 23.56 -3.38 -22.98
N ILE A 154 22.95 -3.66 -21.83
CA ILE A 154 21.52 -3.45 -21.61
C ILE A 154 21.33 -2.77 -20.26
N ARG A 155 20.14 -2.19 -20.08
CA ARG A 155 19.76 -1.53 -18.83
C ARG A 155 18.47 -2.16 -18.32
N ILE A 156 18.52 -2.72 -17.11
CA ILE A 156 17.41 -3.45 -16.53
C ILE A 156 17.24 -3.06 -15.07
N THR A 157 16.06 -3.37 -14.52
CA THR A 157 15.77 -3.24 -13.10
C THR A 157 15.44 -4.60 -12.52
N LEU A 158 15.87 -4.83 -11.29
CA LEU A 158 15.71 -6.12 -10.64
C LEU A 158 15.08 -5.94 -9.26
N VAL A 159 14.35 -6.97 -8.84
CA VAL A 159 13.85 -7.06 -7.47
C VAL A 159 14.47 -8.32 -6.88
N LEU A 160 15.63 -8.16 -6.24
CA LEU A 160 16.38 -9.29 -5.71
C LEU A 160 15.97 -9.58 -4.27
N ALA A 161 16.04 -10.85 -3.91
CA ALA A 161 15.64 -11.31 -2.59
C ALA A 161 16.86 -11.64 -1.74
N CYS A 162 16.87 -11.16 -0.51
CA CYS A 162 17.95 -11.44 0.42
C CYS A 162 17.37 -11.80 1.78
N PRO A 163 17.81 -12.90 2.39
CA PRO A 163 17.40 -13.19 3.77
C PRO A 163 18.02 -12.20 4.75
N MET A 164 17.30 -11.97 5.85
CA MET A 164 17.70 -11.00 6.86
C MET A 164 17.59 -11.61 8.24
N ASP A 165 18.34 -11.05 9.18
CA ASP A 165 18.33 -11.49 10.58
C ASP A 165 18.28 -10.26 11.46
N LEU A 166 17.13 -10.01 12.08
CA LEU A 166 16.92 -8.85 12.93
C LEU A 166 17.05 -9.20 14.41
N LYS A 167 17.95 -10.13 14.73
CA LYS A 167 18.16 -10.51 16.13
C LYS A 167 18.79 -9.40 16.94
N ASN A 168 19.51 -8.50 16.30
CA ASN A 168 20.17 -7.36 16.91
C ASN A 168 19.75 -6.08 16.22
N PHE A 169 18.44 -5.86 16.09
CA PHE A 169 17.85 -4.92 15.12
C PHE A 169 18.44 -3.52 15.12
N PRO A 170 18.65 -2.82 16.25
CA PRO A 170 19.21 -1.47 16.14
C PRO A 170 20.65 -1.43 15.66
N MET A 171 21.52 -2.30 16.17
CA MET A 171 22.92 -2.36 15.73
C MET A 171 23.17 -3.73 15.07
N ASP A 172 23.13 -3.74 13.74
CA ASP A 172 23.26 -4.98 12.98
C ASP A 172 23.85 -4.66 11.62
N VAL A 173 24.40 -5.69 10.98
CA VAL A 173 24.95 -5.59 9.65
C VAL A 173 24.28 -6.63 8.76
N GLN A 174 23.92 -6.24 7.55
CA GLN A 174 23.24 -7.11 6.61
C GLN A 174 24.07 -7.23 5.33
N THR A 175 23.98 -8.39 4.69
CA THR A 175 24.68 -8.67 3.46
C THR A 175 23.67 -9.02 2.37
N CYS A 176 23.81 -8.38 1.22
CA CYS A 176 22.92 -8.61 0.08
C CYS A 176 23.67 -9.31 -1.04
N ILE A 177 22.96 -10.17 -1.76
CA ILE A 177 23.55 -11.07 -2.74
C ILE A 177 23.01 -10.72 -4.11
N MET A 178 23.89 -10.68 -5.11
CA MET A 178 23.50 -10.52 -6.51
C MET A 178 24.18 -11.64 -7.30
N GLN A 179 23.40 -12.61 -7.75
CA GLN A 179 23.93 -13.79 -8.41
C GLN A 179 23.63 -13.76 -9.90
N LEU A 180 24.60 -14.19 -10.70
CA LEU A 180 24.45 -14.32 -12.14
C LEU A 180 24.64 -15.78 -12.52
N GLU A 181 23.69 -16.33 -13.26
CA GLU A 181 23.60 -17.77 -13.49
C GLU A 181 23.33 -18.06 -14.96
N SER A 182 23.90 -19.16 -15.45
CA SER A 182 23.60 -19.68 -16.78
C SER A 182 22.45 -20.66 -16.70
N PHE A 183 21.57 -20.61 -17.71
CA PHE A 183 20.35 -21.41 -17.65
C PHE A 183 20.59 -22.85 -18.10
N GLY A 184 21.00 -23.03 -19.35
CA GLY A 184 21.08 -24.37 -19.91
C GLY A 184 22.41 -24.74 -20.53
N TYR A 185 23.51 -24.22 -20.00
CA TYR A 185 24.84 -24.52 -20.49
C TYR A 185 25.74 -24.88 -19.31
N THR A 186 26.56 -25.91 -19.50
CA THR A 186 27.45 -26.39 -18.46
C THR A 186 28.85 -25.80 -18.65
N MET A 187 29.82 -26.30 -17.86
CA MET A 187 31.20 -25.86 -17.99
C MET A 187 31.83 -26.25 -19.32
N ASN A 188 31.31 -27.27 -19.99
CA ASN A 188 31.85 -27.67 -21.28
C ASN A 188 31.50 -26.69 -22.39
N ASP A 189 30.58 -25.76 -22.16
CA ASP A 189 30.15 -24.85 -23.21
C ASP A 189 30.24 -23.39 -22.82
N LEU A 190 29.96 -23.05 -21.57
CA LEU A 190 29.90 -21.66 -21.13
C LEU A 190 30.68 -21.49 -19.84
N ILE A 191 31.35 -20.35 -19.71
CA ILE A 191 32.11 -19.99 -18.50
C ILE A 191 31.94 -18.50 -18.27
N PHE A 192 31.55 -18.13 -17.05
CA PHE A 192 31.36 -16.73 -16.68
C PHE A 192 32.55 -16.26 -15.85
N GLU A 193 33.09 -15.10 -16.20
CA GLU A 193 34.22 -14.51 -15.50
C GLU A 193 33.93 -13.05 -15.19
N TRP A 194 34.41 -12.59 -14.04
CA TRP A 194 34.33 -11.18 -13.70
C TRP A 194 35.37 -10.39 -14.50
N ASP A 195 35.15 -9.08 -14.59
CA ASP A 195 36.10 -8.23 -15.26
C ASP A 195 37.37 -8.06 -14.43
N GLU A 196 38.48 -7.77 -15.11
CA GLU A 196 39.75 -7.63 -14.42
C GLU A 196 39.77 -6.39 -13.53
N LYS A 197 39.29 -5.27 -14.04
CA LYS A 197 39.23 -4.03 -13.27
C LYS A 197 37.88 -3.37 -13.45
N GLY A 198 37.41 -2.71 -12.41
CA GLY A 198 36.12 -2.04 -12.45
C GLY A 198 34.95 -2.96 -12.64
N ALA A 199 34.92 -4.09 -11.93
CA ALA A 199 33.86 -5.06 -12.11
C ALA A 199 32.52 -4.52 -11.63
N VAL A 200 32.47 -3.99 -10.42
CA VAL A 200 31.25 -3.42 -9.85
C VAL A 200 31.51 -1.96 -9.54
N GLN A 201 30.68 -1.08 -10.08
CA GLN A 201 30.78 0.36 -9.85
C GLN A 201 29.44 0.89 -9.38
N VAL A 202 29.47 1.84 -8.45
CA VAL A 202 28.27 2.46 -7.90
C VAL A 202 28.34 3.95 -8.17
N ALA A 203 27.25 4.51 -8.69
CA ALA A 203 27.18 5.93 -8.97
C ALA A 203 27.20 6.72 -7.67
N ASP A 204 27.91 7.85 -7.68
CA ASP A 204 28.05 8.66 -6.48
C ASP A 204 26.76 9.43 -6.20
N GLY A 205 26.53 9.71 -4.92
CA GLY A 205 25.37 10.44 -4.50
C GLY A 205 24.19 9.62 -4.03
N LEU A 206 24.37 8.32 -3.83
CA LEU A 206 23.29 7.46 -3.39
C LEU A 206 23.09 7.58 -1.89
N THR A 207 21.83 7.75 -1.47
CA THR A 207 21.46 7.85 -0.07
C THR A 207 20.37 6.85 0.25
N LEU A 208 20.35 6.41 1.49
CA LEU A 208 19.35 5.46 1.97
C LEU A 208 18.71 5.99 3.24
N PRO A 209 17.42 5.69 3.47
CA PRO A 209 16.75 6.23 4.66
C PRO A 209 17.27 5.67 5.98
N GLN A 210 17.72 4.41 6.01
CA GLN A 210 18.13 3.80 7.26
C GLN A 210 19.47 3.08 7.20
N PHE A 211 20.05 2.85 6.03
CA PHE A 211 21.24 2.03 5.91
C PHE A 211 22.39 2.85 5.34
N ILE A 212 23.60 2.34 5.55
CA ILE A 212 24.82 2.92 5.01
C ILE A 212 25.48 1.86 4.13
N LEU A 213 25.73 2.18 2.88
CA LEU A 213 26.33 1.24 1.93
C LEU A 213 27.84 1.34 2.00
N LYS A 214 28.49 0.26 2.42
CA LYS A 214 29.94 0.24 2.51
C LYS A 214 30.57 0.27 1.12
N GLU A 215 31.78 0.82 1.05
CA GLU A 215 32.50 0.94 -0.20
C GLU A 215 33.31 -0.32 -0.54
N GLU A 216 33.30 -1.32 0.34
CA GLU A 216 34.08 -2.55 0.14
C GLU A 216 33.15 -3.64 -0.37
N LYS A 217 33.36 -4.04 -1.62
CA LYS A 217 32.59 -5.10 -2.25
C LYS A 217 33.40 -6.38 -2.32
N ASP A 218 32.70 -7.50 -2.45
CA ASP A 218 33.32 -8.82 -2.52
C ASP A 218 32.88 -9.54 -3.78
N LEU A 219 33.83 -10.10 -4.50
CA LEU A 219 33.57 -10.86 -5.72
C LEU A 219 34.03 -12.30 -5.50
N ARG A 220 33.12 -13.24 -5.70
CA ARG A 220 33.38 -14.64 -5.37
C ARG A 220 32.81 -15.54 -6.45
N TYR A 221 33.35 -16.77 -6.50
CA TYR A 221 32.83 -17.83 -7.33
C TYR A 221 31.92 -18.73 -6.50
N CYS A 222 30.72 -18.97 -6.98
CA CYS A 222 29.71 -19.76 -6.27
C CYS A 222 29.07 -20.77 -7.21
N THR A 223 29.92 -21.54 -7.90
CA THR A 223 29.49 -22.54 -8.86
C THR A 223 28.54 -23.55 -8.25
N LYS A 224 27.40 -23.77 -8.91
CA LYS A 224 26.37 -24.67 -8.41
C LYS A 224 26.52 -26.05 -9.04
N HIS A 225 26.41 -27.08 -8.20
CA HIS A 225 26.51 -28.46 -8.63
C HIS A 225 25.11 -29.08 -8.63
N TYR A 226 24.74 -29.73 -9.73
CA TYR A 226 23.46 -30.39 -9.86
C TYR A 226 23.68 -31.81 -10.36
N ASN A 227 22.59 -32.57 -10.45
CA ASN A 227 22.69 -33.93 -10.99
C ASN A 227 22.95 -33.91 -12.49
N THR A 228 22.52 -32.87 -13.18
CA THR A 228 22.77 -32.76 -14.62
C THR A 228 24.21 -32.37 -14.90
N GLY A 229 24.80 -31.54 -14.06
CA GLY A 229 26.18 -31.13 -14.25
C GLY A 229 26.45 -29.82 -13.54
N LYS A 230 27.67 -29.32 -13.76
CA LYS A 230 28.09 -28.06 -13.17
C LYS A 230 27.58 -26.89 -14.00
N PHE A 231 27.26 -25.80 -13.31
CA PHE A 231 26.76 -24.59 -13.96
C PHE A 231 27.50 -23.38 -13.42
N THR A 232 27.73 -22.39 -14.28
CA THR A 232 28.50 -21.22 -13.91
C THR A 232 27.71 -20.29 -13.01
N CYS A 233 28.42 -19.65 -12.08
CA CYS A 233 27.80 -18.63 -11.24
C CYS A 233 28.87 -17.68 -10.76
N ILE A 234 28.55 -16.38 -10.75
CA ILE A 234 29.40 -15.34 -10.20
C ILE A 234 28.52 -14.43 -9.36
N GLU A 235 29.05 -13.97 -8.23
CA GLU A 235 28.25 -13.19 -7.29
C GLU A 235 29.02 -11.98 -6.81
N ALA A 236 28.27 -10.97 -6.35
CA ALA A 236 28.82 -9.78 -5.72
C ALA A 236 28.05 -9.50 -4.44
N ARG A 237 28.77 -9.14 -3.39
CA ARG A 237 28.20 -8.95 -2.06
C ARG A 237 28.35 -7.51 -1.62
N PHE A 238 27.27 -6.95 -1.07
CA PHE A 238 27.27 -5.61 -0.51
C PHE A 238 27.01 -5.70 0.99
N HIS A 239 27.67 -4.84 1.76
CA HIS A 239 27.52 -4.79 3.20
C HIS A 239 26.76 -3.53 3.59
N LEU A 240 25.74 -3.70 4.42
CA LEU A 240 24.90 -2.60 4.87
C LEU A 240 24.99 -2.45 6.38
N GLU A 241 25.11 -1.21 6.84
CA GLU A 241 25.16 -0.89 8.25
C GLU A 241 24.05 0.09 8.59
N ARG A 242 23.37 -0.14 9.72
CA ARG A 242 22.24 0.66 10.13
C ARG A 242 22.70 1.74 11.10
N GLN A 243 22.18 2.95 10.90
CA GLN A 243 22.57 4.09 11.73
C GLN A 243 21.90 4.01 13.10
N MET A 244 22.61 4.54 14.11
CA MET A 244 22.15 4.56 15.48
C MET A 244 21.59 5.90 15.94
N GLY A 245 21.50 6.88 15.05
CA GLY A 245 21.16 8.24 15.48
C GLY A 245 19.75 8.37 16.01
N TYR A 246 18.78 7.82 15.30
CA TYR A 246 17.38 8.06 15.65
C TYR A 246 16.97 7.27 16.89
N TYR A 247 17.38 6.00 16.97
CA TYR A 247 16.93 5.15 18.07
C TYR A 247 17.59 5.51 19.39
N LEU A 248 18.79 6.07 19.35
CA LEU A 248 19.49 6.39 20.60
C LEU A 248 18.87 7.60 21.29
N ILE A 249 18.35 8.56 20.52
CA ILE A 249 17.84 9.80 21.12
C ILE A 249 16.32 9.77 21.33
N GLN A 250 15.62 8.81 20.73
CA GLN A 250 14.16 8.77 20.81
C GLN A 250 13.64 7.64 21.70
N MET A 251 14.32 6.50 21.72
CA MET A 251 13.85 5.35 22.47
C MET A 251 14.79 4.86 23.56
N TYR A 252 16.08 5.19 23.48
CA TYR A 252 17.04 4.75 24.49
C TYR A 252 17.21 5.77 25.60
N ILE A 253 17.43 7.04 25.23
CA ILE A 253 17.58 8.10 26.25
C ILE A 253 16.30 8.34 27.06
N PRO A 254 15.11 8.47 26.46
CA PRO A 254 13.92 8.67 27.31
C PRO A 254 13.60 7.48 28.21
N SER A 255 14.01 6.27 27.85
CA SER A 255 13.85 5.14 28.76
C SER A 255 14.78 5.26 29.95
N LEU A 256 15.98 5.82 29.73
CA LEU A 256 16.92 6.00 30.82
C LEU A 256 16.47 7.09 31.79
N LEU A 257 15.83 8.13 31.29
CA LEU A 257 15.36 9.20 32.17
C LEU A 257 14.18 8.75 33.02
N ILE A 258 13.38 7.81 32.53
CA ILE A 258 12.20 7.37 33.26
C ILE A 258 12.59 6.56 34.50
N VAL A 259 13.54 5.64 34.35
CA VAL A 259 13.94 4.81 35.48
C VAL A 259 14.70 5.60 36.54
N ILE A 260 15.32 6.72 36.16
CA ILE A 260 15.92 7.61 37.15
C ILE A 260 14.84 8.29 37.97
N LEU A 261 13.73 8.68 37.32
CA LEU A 261 12.61 9.29 38.02
C LEU A 261 11.94 8.34 39.00
N SER A 262 12.05 7.02 38.78
CA SER A 262 11.53 6.07 39.74
C SER A 262 12.35 6.03 41.02
N TRP A 263 13.62 6.45 40.97
CA TRP A 263 14.46 6.47 42.16
C TRP A 263 14.26 7.71 43.02
N VAL A 264 13.45 8.67 42.56
CA VAL A 264 13.14 9.84 43.38
C VAL A 264 12.34 9.43 44.60
N SER A 265 11.56 8.36 44.50
CA SER A 265 10.70 7.91 45.60
C SER A 265 11.49 7.46 46.82
N PHE A 266 12.77 7.10 46.66
CA PHE A 266 13.56 6.70 47.81
C PHE A 266 13.94 7.88 48.70
N TRP A 267 13.80 9.10 48.21
CA TRP A 267 14.14 10.29 48.98
C TRP A 267 12.92 11.02 49.53
N ILE A 268 11.72 10.71 49.02
CA ILE A 268 10.50 11.31 49.56
C ILE A 268 10.26 10.77 50.97
N ASN A 269 9.54 11.53 51.78
CA ASN A 269 9.25 11.14 53.15
C ASN A 269 8.42 9.87 53.18
N MET A 270 8.68 9.04 54.20
CA MET A 270 8.09 7.71 54.26
C MET A 270 6.58 7.77 54.51
N ASP A 271 6.13 8.73 55.31
CA ASP A 271 4.71 8.82 55.66
C ASP A 271 3.85 9.42 54.56
N ALA A 272 4.45 9.97 53.51
CA ALA A 272 3.70 10.59 52.42
C ALA A 272 3.23 9.49 51.47
N ALA A 273 2.19 8.78 51.90
CA ALA A 273 1.66 7.69 51.09
C ALA A 273 1.05 8.13 49.76
N PRO A 274 0.18 9.16 49.68
CA PRO A 274 -0.32 9.56 48.35
C PRO A 274 0.75 10.07 47.40
N ALA A 275 1.81 10.69 47.93
CA ALA A 275 2.86 11.22 47.05
C ALA A 275 3.71 10.08 46.48
N ARG A 276 4.10 9.13 47.32
CA ARG A 276 4.99 8.06 46.87
C ARG A 276 4.27 7.01 46.03
N VAL A 277 2.97 6.80 46.27
CA VAL A 277 2.22 5.85 45.45
C VAL A 277 2.01 6.41 44.05
N GLY A 278 1.65 7.70 43.96
CA GLY A 278 1.43 8.30 42.65
C GLY A 278 2.69 8.38 41.81
N LEU A 279 3.84 8.61 42.44
CA LEU A 279 5.12 8.56 41.77
C LEU A 279 5.59 7.11 41.76
N GLY A 280 5.26 6.39 40.69
CA GLY A 280 5.56 4.98 40.62
C GLY A 280 4.46 4.19 39.95
N ILE A 281 3.22 4.64 40.09
CA ILE A 281 2.15 4.07 39.27
C ILE A 281 1.95 4.87 38.00
N THR A 282 2.26 6.18 38.02
CA THR A 282 2.29 6.97 36.81
C THR A 282 3.55 6.68 36.00
N THR A 283 4.65 6.37 36.68
CA THR A 283 5.90 6.04 35.98
C THR A 283 5.77 4.74 35.21
N VAL A 284 5.05 3.76 35.76
CA VAL A 284 4.73 2.55 35.02
C VAL A 284 3.83 2.87 33.83
N LEU A 285 2.83 3.71 34.05
CA LEU A 285 1.95 4.13 32.97
C LEU A 285 2.71 4.92 31.90
N THR A 286 3.64 5.76 32.33
CA THR A 286 4.49 6.48 31.37
C THR A 286 5.37 5.51 30.58
N MET A 287 5.88 4.47 31.24
CA MET A 287 6.80 3.57 30.57
C MET A 287 6.09 2.70 29.54
N THR A 288 4.87 2.24 29.85
CA THR A 288 4.13 1.42 28.89
C THR A 288 3.63 2.25 27.72
N THR A 289 3.39 3.55 27.95
CA THR A 289 2.99 4.43 26.85
C THR A 289 4.11 4.58 25.82
N GLN A 290 5.35 4.72 26.29
CA GLN A 290 6.47 4.87 25.38
C GLN A 290 6.79 3.55 24.66
N SER A 291 6.74 2.44 25.39
CA SER A 291 7.06 1.14 24.79
C SER A 291 6.04 0.73 23.74
N SER A 292 4.75 0.92 24.03
CA SER A 292 3.72 0.57 23.05
C SER A 292 3.66 1.58 21.91
N GLY A 293 3.90 2.85 22.20
CA GLY A 293 3.86 3.86 21.16
C GLY A 293 4.97 3.71 20.14
N SER A 294 6.17 3.34 20.59
CA SER A 294 7.29 3.16 19.69
C SER A 294 7.25 1.84 18.94
N ARG A 295 6.39 0.91 19.34
CA ARG A 295 6.35 -0.41 18.70
C ARG A 295 5.79 -0.33 17.29
N ALA A 296 5.01 0.71 16.98
CA ALA A 296 4.48 0.88 15.63
C ALA A 296 5.58 1.16 14.63
N SER A 297 6.65 1.84 15.04
CA SER A 297 7.77 2.13 14.15
C SER A 297 8.65 0.91 13.88
N LEU A 298 8.53 -0.13 14.70
CA LEU A 298 9.34 -1.33 14.58
C LEU A 298 8.89 -2.18 13.39
N PRO A 299 9.82 -2.91 12.78
CA PRO A 299 9.42 -3.94 11.81
C PRO A 299 8.65 -5.07 12.49
N LYS A 300 7.77 -5.70 11.72
CA LYS A 300 6.93 -6.78 12.23
C LYS A 300 7.74 -8.06 12.24
N VAL A 301 8.27 -8.42 13.40
CA VAL A 301 9.09 -9.62 13.57
C VAL A 301 8.57 -10.37 14.78
N SER A 302 8.37 -11.69 14.62
CA SER A 302 7.73 -12.50 15.65
C SER A 302 8.69 -13.08 16.68
N TYR A 303 10.00 -12.81 16.57
CA TYR A 303 10.93 -13.25 17.59
C TYR A 303 11.55 -12.05 18.28
N VAL A 304 12.39 -12.33 19.29
CA VAL A 304 12.94 -11.26 20.12
C VAL A 304 14.00 -10.49 19.36
N LYS A 305 14.16 -9.22 19.73
CA LYS A 305 15.15 -8.33 19.16
C LYS A 305 16.01 -7.76 20.28
N ALA A 306 16.94 -6.87 19.90
CA ALA A 306 17.87 -6.33 20.89
C ALA A 306 17.16 -5.32 21.81
N ILE A 307 16.33 -4.44 21.26
CA ILE A 307 15.67 -3.46 22.09
C ILE A 307 14.54 -4.06 22.89
N ASP A 308 14.01 -5.22 22.48
CA ASP A 308 12.98 -5.89 23.24
C ASP A 308 13.53 -6.38 24.58
N ILE A 309 14.81 -6.75 24.62
CA ILE A 309 15.45 -7.05 25.90
C ILE A 309 15.59 -5.78 26.73
N TRP A 310 15.93 -4.66 26.08
CA TRP A 310 16.10 -3.40 26.80
C TRP A 310 14.79 -2.90 27.39
N MET A 311 13.71 -2.96 26.60
CA MET A 311 12.43 -2.44 27.09
C MET A 311 11.84 -3.31 28.18
N ALA A 312 12.09 -4.62 28.14
CA ALA A 312 11.53 -5.50 29.16
C ALA A 312 12.25 -5.33 30.49
N VAL A 313 13.58 -5.26 30.46
CA VAL A 313 14.34 -5.14 31.70
C VAL A 313 14.13 -3.77 32.35
N CYS A 314 14.12 -2.72 31.54
CA CYS A 314 13.89 -1.37 32.09
C CYS A 314 12.46 -1.22 32.60
N LEU A 315 11.51 -1.97 32.06
CA LEU A 315 10.18 -2.04 32.65
C LEU A 315 10.20 -2.76 33.99
N LEU A 316 11.06 -3.77 34.14
CA LEU A 316 11.15 -4.51 35.39
C LEU A 316 11.73 -3.66 36.51
N PHE A 317 12.53 -2.65 36.18
CA PHE A 317 13.10 -1.79 37.21
C PHE A 317 12.07 -0.83 37.77
N VAL A 318 11.20 -0.30 36.92
CA VAL A 318 10.12 0.55 37.41
C VAL A 318 9.11 -0.26 38.21
N PHE A 319 8.88 -1.51 37.80
CA PHE A 319 7.97 -2.38 38.53
C PHE A 319 8.50 -2.70 39.91
N SER A 320 9.81 -2.90 40.04
CA SER A 320 10.39 -3.21 41.35
C SER A 320 10.47 -1.99 42.25
N ALA A 321 10.43 -0.78 41.68
CA ALA A 321 10.51 0.42 42.51
C ALA A 321 9.22 0.63 43.30
N LEU A 322 8.08 0.33 42.70
CA LEU A 322 6.81 0.46 43.42
C LEU A 322 6.58 -0.69 44.39
N LEU A 323 7.10 -1.87 44.08
CA LEU A 323 6.86 -3.04 44.93
C LEU A 323 7.59 -2.94 46.26
N GLU A 324 8.77 -2.31 46.28
CA GLU A 324 9.52 -2.22 47.53
C GLU A 324 8.87 -1.26 48.52
N TYR A 325 8.06 -0.32 48.04
CA TYR A 325 7.41 0.62 48.94
C TYR A 325 6.39 -0.06 49.83
N ALA A 326 5.70 -1.08 49.32
CA ALA A 326 4.77 -1.84 50.13
C ALA A 326 5.50 -2.57 51.25
N ALA A 327 6.70 -3.07 50.98
CA ALA A 327 7.53 -3.66 52.03
C ALA A 327 7.89 -2.61 53.07
N VAL A 328 8.16 -1.38 52.64
CA VAL A 328 8.39 -0.28 53.58
C VAL A 328 7.09 0.07 54.30
N ASN A 329 5.98 0.13 53.56
CA ASN A 329 4.71 0.55 54.16
C ASN A 329 4.18 -0.47 55.14
N PHE A 330 4.28 -1.76 54.80
CA PHE A 330 3.73 -2.80 55.68
C PHE A 330 4.56 -2.99 56.94
N ILE A 331 5.88 -2.82 56.83
CA ILE A 331 6.75 -3.01 58.00
C ILE A 331 6.54 -1.89 59.02
N ALA A 332 6.48 -0.65 58.54
CA ALA A 332 6.38 0.50 59.44
C ALA A 332 5.01 0.58 60.10
N ARG A 333 3.95 0.23 59.38
CA ARG A 333 2.60 0.37 59.91
C ARG A 333 2.29 -0.69 60.95
N GLN A 334 2.99 -1.83 60.89
CA GLN A 334 2.68 -2.97 61.76
C GLN A 334 2.92 -2.60 63.23
N HIS A 335 1.93 -2.95 64.06
CA HIS A 335 1.90 -2.60 65.49
C HIS A 335 2.06 -1.08 65.68
N LYS A 336 1.33 -0.31 64.89
CA LYS A 336 1.32 1.15 64.91
C LYS A 336 2.72 1.76 64.73
N MET A 399 8.99 -3.29 72.69
CA MET A 399 9.71 -2.16 72.10
C MET A 399 9.35 -2.06 70.63
N ARG A 400 8.61 -0.99 70.29
CA ARG A 400 8.07 -0.81 68.95
C ARG A 400 8.96 0.03 68.05
N LYS A 401 10.11 0.50 68.56
CA LYS A 401 10.99 1.34 67.75
C LYS A 401 11.78 0.54 66.72
N LEU A 402 11.83 -0.79 66.84
CA LEU A 402 12.53 -1.60 65.86
C LEU A 402 11.84 -1.58 64.50
N PHE A 403 10.51 -1.45 64.50
CA PHE A 403 9.77 -1.41 63.24
C PHE A 403 10.11 -0.16 62.44
N ILE A 404 10.20 1.00 63.11
CA ILE A 404 10.57 2.23 62.42
C ILE A 404 12.03 2.17 61.96
N SER A 405 12.90 1.61 62.79
CA SER A 405 14.32 1.48 62.44
C SER A 405 14.51 0.55 61.25
N ARG A 406 13.75 -0.55 61.20
CA ARG A 406 13.85 -1.47 60.06
C ARG A 406 13.23 -0.88 58.81
N ALA A 407 12.28 0.05 58.97
CA ALA A 407 11.66 0.68 57.81
C ALA A 407 12.62 1.62 57.10
N LYS A 408 13.41 2.38 57.88
CA LYS A 408 14.38 3.29 57.28
C LYS A 408 15.56 2.55 56.67
N ARG A 409 15.86 1.34 57.16
CA ARG A 409 17.01 0.60 56.65
C ARG A 409 16.77 0.12 55.22
N ILE A 410 15.52 -0.13 54.83
CA ILE A 410 15.21 -0.52 53.47
C ILE A 410 15.48 0.64 52.50
N ASP A 411 15.05 1.85 52.88
CA ASP A 411 15.24 3.00 52.00
C ASP A 411 16.71 3.39 51.87
N THR A 412 17.47 3.27 52.96
CA THR A 412 18.88 3.64 52.93
C THR A 412 19.67 2.69 52.03
N VAL A 413 19.36 1.40 52.07
CA VAL A 413 20.04 0.44 51.20
C VAL A 413 19.61 0.63 49.75
N SER A 414 18.32 0.85 49.53
CA SER A 414 17.80 0.97 48.16
C SER A 414 18.25 2.24 47.45
N ARG A 415 18.77 3.22 48.19
CA ARG A 415 19.27 4.43 47.55
C ARG A 415 20.53 4.17 46.74
N VAL A 416 21.30 3.16 47.12
CA VAL A 416 22.54 2.83 46.43
C VAL A 416 22.47 1.49 45.69
N ALA A 417 21.63 0.55 46.15
CA ALA A 417 21.56 -0.76 45.49
C ALA A 417 20.88 -0.67 44.14
N PHE A 418 19.81 0.12 44.04
CA PHE A 418 19.11 0.27 42.76
C PHE A 418 19.94 0.93 41.67
N PRO A 419 20.66 2.04 41.90
CA PRO A 419 21.50 2.57 40.81
C PRO A 419 22.71 1.70 40.50
N LEU A 420 23.19 0.93 41.47
CA LEU A 420 24.37 0.10 41.24
C LEU A 420 24.03 -1.09 40.34
N VAL A 421 22.90 -1.75 40.58
CA VAL A 421 22.53 -2.91 39.77
C VAL A 421 22.11 -2.50 38.38
N PHE A 422 21.63 -1.26 38.19
CA PHE A 422 21.31 -0.79 36.85
C PHE A 422 22.55 -0.50 36.03
N LEU A 423 23.64 -0.09 36.69
CA LEU A 423 24.91 0.11 35.98
C LEU A 423 25.53 -1.21 35.56
N ILE A 424 25.30 -2.28 36.34
CA ILE A 424 25.77 -3.61 35.94
C ILE A 424 25.05 -4.08 34.69
N PHE A 425 23.74 -3.83 34.62
CA PHE A 425 22.97 -4.22 33.44
C PHE A 425 23.42 -3.45 32.20
N ASN A 426 23.72 -2.15 32.35
CA ASN A 426 24.20 -1.37 31.22
C ASN A 426 25.58 -1.82 30.75
N ILE A 427 26.43 -2.28 31.68
CA ILE A 427 27.74 -2.77 31.30
C ILE A 427 27.61 -4.05 30.48
N PHE A 428 26.76 -4.98 30.93
CA PHE A 428 26.62 -6.25 30.23
C PHE A 428 25.87 -6.10 28.92
N TYR A 429 24.88 -5.19 28.85
CA TYR A 429 24.08 -5.06 27.64
C TYR A 429 24.89 -4.47 26.48
N TRP A 430 25.66 -3.42 26.75
CA TRP A 430 26.42 -2.74 25.70
C TRP A 430 27.71 -3.48 25.35
N ILE A 431 28.08 -4.51 26.11
CA ILE A 431 29.30 -5.25 25.80
C ILE A 431 29.02 -6.58 25.09
N THR A 432 27.76 -7.03 25.08
CA THR A 432 27.40 -8.27 24.39
C THR A 432 26.62 -8.03 23.12
N TYR A 433 26.04 -6.85 22.93
CA TYR A 433 25.43 -6.47 21.67
C TYR A 433 26.34 -5.56 20.85
N LYS A 434 27.53 -5.26 21.35
CA LYS A 434 28.52 -4.47 20.65
C LYS A 434 29.89 -4.85 21.19
N ILE A 435 30.90 -4.70 20.33
CA ILE A 435 32.29 -5.07 20.63
C ILE A 435 32.41 -6.53 21.06
N PRO B 33 -7.86 -37.88 -38.22
CA PRO B 33 -7.23 -36.56 -38.24
C PRO B 33 -8.24 -35.44 -38.02
N PRO B 34 -8.55 -35.12 -36.76
CA PRO B 34 -9.55 -34.08 -36.49
C PRO B 34 -9.14 -32.69 -36.92
N SER B 35 -7.84 -32.41 -37.06
CA SER B 35 -7.40 -31.05 -37.36
C SER B 35 -7.77 -30.63 -38.78
N GLU B 36 -7.61 -31.54 -39.75
CA GLU B 36 -7.95 -31.20 -41.13
C GLU B 36 -9.45 -31.15 -41.37
N PHE B 37 -10.25 -31.72 -40.47
CA PHE B 37 -11.70 -31.67 -40.60
C PHE B 37 -12.25 -30.26 -40.40
N LEU B 38 -11.53 -29.40 -39.67
CA LEU B 38 -12.01 -28.05 -39.41
C LEU B 38 -12.04 -27.21 -40.67
N ASP B 39 -11.08 -27.42 -41.58
CA ASP B 39 -11.07 -26.69 -42.84
C ASP B 39 -12.30 -27.02 -43.68
N LYS B 40 -12.77 -28.26 -43.63
CA LYS B 40 -14.02 -28.60 -44.28
C LYS B 40 -15.22 -28.00 -43.57
N LEU B 41 -15.09 -27.73 -42.27
CA LEU B 41 -16.19 -27.13 -41.52
C LEU B 41 -16.28 -25.62 -41.78
N MET B 42 -15.21 -24.89 -41.48
CA MET B 42 -15.13 -23.48 -41.79
C MET B 42 -13.80 -23.18 -42.46
N GLY B 43 -13.81 -22.17 -43.33
CA GLY B 43 -12.62 -21.82 -44.07
C GLY B 43 -13.00 -21.08 -45.35
N LYS B 44 -12.04 -21.04 -46.27
CA LYS B 44 -12.26 -20.37 -47.55
C LYS B 44 -13.30 -21.10 -48.39
N VAL B 45 -13.23 -22.43 -48.44
CA VAL B 45 -14.19 -23.19 -49.22
C VAL B 45 -15.58 -23.17 -48.57
N SER B 46 -15.63 -23.14 -47.25
CA SER B 46 -16.91 -23.11 -46.55
C SER B 46 -17.49 -21.70 -46.52
N GLY B 47 -18.80 -21.62 -46.35
CA GLY B 47 -19.51 -20.37 -46.25
C GLY B 47 -19.62 -19.81 -44.85
N TYR B 48 -18.94 -20.40 -43.87
CA TYR B 48 -19.05 -19.94 -42.50
C TYR B 48 -18.35 -18.60 -42.33
N ASP B 49 -19.05 -17.67 -41.68
CA ASP B 49 -18.53 -16.33 -41.40
C ASP B 49 -18.63 -16.08 -39.90
N ALA B 50 -17.55 -15.59 -39.31
CA ALA B 50 -17.51 -15.35 -37.87
C ALA B 50 -18.20 -14.06 -37.46
N ARG B 51 -18.61 -13.22 -38.42
CA ARG B 51 -19.23 -11.94 -38.11
C ARG B 51 -20.76 -12.00 -38.14
N ILE B 52 -21.35 -13.17 -38.37
CA ILE B 52 -22.79 -13.33 -38.45
C ILE B 52 -23.23 -14.28 -37.36
N ARG B 53 -24.23 -13.86 -36.59
CA ARG B 53 -24.75 -14.70 -35.52
C ARG B 53 -25.54 -15.87 -36.11
N PRO B 54 -25.62 -16.99 -35.39
CA PRO B 54 -26.44 -18.11 -35.86
C PRO B 54 -27.92 -17.75 -35.90
N ASN B 55 -28.64 -18.40 -36.80
CA ASN B 55 -30.06 -18.14 -37.08
C ASN B 55 -30.27 -16.66 -37.45
N PHE B 56 -29.57 -16.25 -38.50
CA PHE B 56 -29.65 -14.87 -38.96
C PHE B 56 -31.03 -14.59 -39.55
N LYS B 57 -31.53 -13.37 -39.29
CA LYS B 57 -32.87 -12.93 -39.72
C LYS B 57 -33.96 -13.88 -39.23
N GLY B 58 -33.83 -14.33 -37.98
CA GLY B 58 -34.78 -15.27 -37.43
C GLY B 58 -34.94 -15.11 -35.93
N PRO B 59 -35.18 -16.24 -35.24
CA PRO B 59 -35.38 -16.18 -33.79
C PRO B 59 -34.08 -15.83 -33.08
N PRO B 60 -34.15 -15.29 -31.88
CA PRO B 60 -32.92 -14.94 -31.15
C PRO B 60 -32.18 -16.18 -30.66
N VAL B 61 -30.96 -15.96 -30.19
CA VAL B 61 -30.08 -17.02 -29.75
C VAL B 61 -30.23 -17.22 -28.25
N ASN B 62 -30.45 -18.47 -27.84
CA ASN B 62 -30.55 -18.81 -26.43
C ASN B 62 -29.16 -19.17 -25.90
N VAL B 63 -28.76 -18.52 -24.81
CA VAL B 63 -27.47 -18.76 -24.19
C VAL B 63 -27.69 -19.17 -22.75
N THR B 64 -27.12 -20.30 -22.36
CA THR B 64 -27.22 -20.84 -21.00
C THR B 64 -25.88 -20.67 -20.30
N CYS B 65 -25.91 -20.10 -19.10
CA CYS B 65 -24.70 -19.73 -18.38
C CYS B 65 -24.64 -20.40 -17.01
N ASN B 66 -23.44 -20.82 -16.63
CA ASN B 66 -23.16 -21.35 -15.30
C ASN B 66 -21.94 -20.62 -14.74
N ILE B 67 -21.84 -20.58 -13.42
CA ILE B 67 -20.74 -19.91 -12.73
C ILE B 67 -20.27 -20.79 -11.59
N PHE B 68 -18.96 -21.05 -11.54
CA PHE B 68 -18.31 -21.74 -10.45
C PHE B 68 -17.31 -20.80 -9.80
N ILE B 69 -17.39 -20.65 -8.48
CA ILE B 69 -16.57 -19.68 -7.75
C ILE B 69 -15.46 -20.42 -7.02
N ASN B 70 -14.22 -20.00 -7.26
CA ASN B 70 -13.05 -20.59 -6.62
C ASN B 70 -12.54 -19.77 -5.44
N SER B 71 -12.54 -18.45 -5.55
CA SER B 71 -12.02 -17.59 -4.50
C SER B 71 -12.96 -16.42 -4.28
N PHE B 72 -12.93 -15.87 -3.07
CA PHE B 72 -13.79 -14.77 -2.68
C PHE B 72 -13.15 -14.07 -1.49
N GLY B 73 -12.99 -12.76 -1.59
CA GLY B 73 -12.39 -12.01 -0.51
C GLY B 73 -12.04 -10.60 -0.94
N SER B 74 -11.17 -9.96 -0.14
CA SER B 74 -10.70 -8.60 -0.36
C SER B 74 -11.85 -7.61 -0.44
N ILE B 75 -12.74 -7.68 0.54
CA ILE B 75 -13.85 -6.73 0.65
C ILE B 75 -13.28 -5.40 1.13
N ALA B 76 -13.13 -4.44 0.22
CA ALA B 76 -12.49 -3.17 0.52
C ALA B 76 -13.55 -2.11 0.75
N GLU B 77 -13.51 -1.48 1.93
CA GLU B 77 -14.48 -0.43 2.26
C GLU B 77 -14.15 0.88 1.56
N THR B 78 -12.87 1.19 1.38
CA THR B 78 -12.48 2.49 0.83
C THR B 78 -12.78 2.59 -0.66
N THR B 79 -12.46 1.55 -1.42
CA THR B 79 -12.66 1.57 -2.86
C THR B 79 -13.99 0.97 -3.30
N MET B 80 -14.79 0.47 -2.34
CA MET B 80 -16.15 -0.02 -2.60
C MET B 80 -16.17 -1.16 -3.62
N ASP B 81 -15.29 -2.14 -3.42
CA ASP B 81 -15.17 -3.23 -4.39
C ASP B 81 -14.75 -4.52 -3.70
N TYR B 82 -14.75 -5.60 -4.47
CA TYR B 82 -14.33 -6.91 -4.00
C TYR B 82 -13.83 -7.72 -5.19
N ARG B 83 -13.06 -8.77 -4.89
CA ARG B 83 -12.42 -9.59 -5.90
C ARG B 83 -12.99 -11.02 -5.86
N VAL B 84 -13.00 -11.67 -7.02
CA VAL B 84 -13.55 -13.00 -7.15
C VAL B 84 -12.85 -13.72 -8.30
N ASN B 85 -12.70 -15.03 -8.17
CA ASN B 85 -12.11 -15.89 -9.19
C ASN B 85 -13.17 -16.91 -9.59
N ILE B 86 -13.56 -16.90 -10.87
CA ILE B 86 -14.72 -17.67 -11.32
C ILE B 86 -14.37 -18.52 -12.52
N PHE B 87 -15.21 -19.53 -12.75
CA PHE B 87 -15.27 -20.28 -13.99
C PHE B 87 -16.56 -19.91 -14.71
N LEU B 88 -16.47 -19.53 -15.98
CA LEU B 88 -17.63 -19.13 -16.76
C LEU B 88 -17.85 -20.13 -17.89
N ARG B 89 -19.09 -20.62 -18.02
CA ARG B 89 -19.44 -21.60 -19.04
C ARG B 89 -20.68 -21.13 -19.77
N GLN B 90 -20.61 -21.11 -21.11
CA GLN B 90 -21.71 -20.68 -21.96
C GLN B 90 -22.01 -21.76 -22.99
N GLN B 91 -23.30 -21.99 -23.24
CA GLN B 91 -23.74 -22.98 -24.21
C GLN B 91 -24.77 -22.36 -25.14
N TRP B 92 -24.63 -22.63 -26.44
CA TRP B 92 -25.61 -22.21 -27.43
C TRP B 92 -25.60 -23.22 -28.57
N ASN B 93 -26.30 -22.90 -29.66
CA ASN B 93 -26.44 -23.80 -30.79
C ASN B 93 -26.11 -23.06 -32.07
N ASP B 94 -25.30 -23.69 -32.92
CA ASP B 94 -24.95 -23.15 -34.23
C ASP B 94 -25.30 -24.19 -35.29
N PRO B 95 -26.35 -23.98 -36.07
CA PRO B 95 -26.70 -24.96 -37.12
C PRO B 95 -25.68 -25.08 -38.23
N ARG B 96 -24.80 -24.08 -38.40
CA ARG B 96 -23.83 -24.12 -39.49
C ARG B 96 -22.69 -25.11 -39.22
N LEU B 97 -22.54 -25.58 -37.99
CA LEU B 97 -21.46 -26.47 -37.62
C LEU B 97 -21.91 -27.93 -37.49
N ALA B 98 -23.08 -28.27 -37.99
CA ALA B 98 -23.58 -29.63 -37.87
C ALA B 98 -22.82 -30.57 -38.80
N TYR B 99 -22.61 -31.80 -38.35
CA TYR B 99 -21.97 -32.83 -39.16
C TYR B 99 -22.50 -34.19 -38.72
N SER B 100 -22.41 -35.16 -39.63
CA SER B 100 -22.92 -36.50 -39.34
C SER B 100 -22.00 -37.63 -39.75
N GLU B 101 -20.95 -37.38 -40.54
CA GLU B 101 -20.11 -38.48 -41.02
C GLU B 101 -18.96 -38.79 -40.08
N TYR B 102 -18.52 -37.82 -39.29
CA TYR B 102 -17.41 -38.05 -38.37
C TYR B 102 -17.91 -38.87 -37.18
N PRO B 103 -17.20 -39.96 -36.82
CA PRO B 103 -17.77 -40.94 -35.87
C PRO B 103 -18.06 -40.42 -34.48
N ASP B 104 -17.09 -39.84 -33.79
CA ASP B 104 -17.30 -39.46 -32.39
C ASP B 104 -17.91 -38.07 -32.27
N ASP B 105 -18.65 -37.87 -31.19
CA ASP B 105 -19.44 -36.65 -31.03
C ASP B 105 -18.56 -35.45 -30.69
N SER B 106 -17.62 -35.61 -29.76
CA SER B 106 -16.83 -34.49 -29.30
C SER B 106 -15.82 -34.06 -30.37
N LEU B 107 -15.57 -32.76 -30.42
CA LEU B 107 -14.59 -32.21 -31.36
C LEU B 107 -14.06 -30.91 -30.75
N ASP B 108 -12.89 -31.00 -30.11
CA ASP B 108 -12.30 -29.84 -29.47
C ASP B 108 -11.62 -28.94 -30.50
N LEU B 109 -11.47 -27.67 -30.13
CA LEU B 109 -10.89 -26.67 -31.02
C LEU B 109 -9.72 -26.00 -30.32
N ASP B 110 -8.65 -25.75 -31.06
CA ASP B 110 -7.43 -25.21 -30.47
C ASP B 110 -7.63 -23.75 -30.07
N PRO B 111 -7.16 -23.35 -28.89
CA PRO B 111 -7.38 -21.96 -28.43
C PRO B 111 -6.68 -20.91 -29.29
N SER B 112 -5.67 -21.28 -30.08
CA SER B 112 -4.99 -20.30 -30.91
C SER B 112 -5.84 -19.82 -32.07
N MET B 113 -6.89 -20.55 -32.43
CA MET B 113 -7.76 -20.20 -33.55
C MET B 113 -9.19 -19.93 -33.09
N LEU B 114 -9.35 -19.43 -31.85
CA LEU B 114 -10.66 -19.16 -31.28
C LEU B 114 -11.37 -17.98 -31.93
N ASP B 115 -10.68 -17.18 -32.73
CA ASP B 115 -11.29 -16.03 -33.37
C ASP B 115 -12.03 -16.38 -34.66
N SER B 116 -12.04 -17.65 -35.06
CA SER B 116 -12.77 -18.09 -36.25
C SER B 116 -14.17 -18.60 -35.92
N ILE B 117 -14.60 -18.49 -34.68
CA ILE B 117 -15.90 -18.97 -34.23
C ILE B 117 -16.69 -17.80 -33.67
N TRP B 118 -17.96 -17.68 -34.06
CA TRP B 118 -18.83 -16.68 -33.47
C TRP B 118 -19.04 -16.97 -32.00
N LYS B 119 -18.87 -15.95 -31.17
CA LYS B 119 -19.07 -16.06 -29.73
C LYS B 119 -19.89 -14.88 -29.24
N PRO B 120 -20.68 -15.07 -28.19
CA PRO B 120 -21.43 -13.94 -27.62
C PRO B 120 -20.50 -12.92 -26.98
N ASP B 121 -20.91 -11.66 -27.06
CA ASP B 121 -20.12 -10.56 -26.51
C ASP B 121 -20.55 -10.23 -25.08
N LEU B 122 -20.40 -11.23 -24.22
CA LEU B 122 -20.73 -11.06 -22.81
C LEU B 122 -19.72 -10.14 -22.14
N PHE B 123 -20.21 -9.33 -21.20
CA PHE B 123 -19.34 -8.51 -20.37
C PHE B 123 -20.06 -8.22 -19.07
N PHE B 124 -19.27 -7.87 -18.05
CA PHE B 124 -19.79 -7.62 -16.72
C PHE B 124 -20.05 -6.13 -16.54
N ALA B 125 -21.26 -5.79 -16.08
CA ALA B 125 -21.66 -4.40 -16.01
C ALA B 125 -20.87 -3.64 -14.94
N ASN B 126 -20.80 -4.20 -13.73
CA ASN B 126 -20.10 -3.54 -12.62
C ASN B 126 -18.67 -4.08 -12.50
N GLU B 127 -17.92 -3.96 -13.59
CA GLU B 127 -16.58 -4.51 -13.68
C GLU B 127 -15.56 -3.38 -13.66
N LYS B 128 -14.54 -3.52 -12.80
CA LYS B 128 -13.53 -2.49 -12.63
C LYS B 128 -12.13 -3.04 -12.89
N GLY B 129 -12.03 -4.08 -13.72
CA GLY B 129 -10.75 -4.69 -14.00
C GLY B 129 -10.82 -6.20 -14.04
N ALA B 130 -10.32 -6.81 -15.12
CA ALA B 130 -10.38 -8.25 -15.27
C ALA B 130 -9.26 -8.70 -16.19
N ASN B 131 -8.93 -9.99 -16.11
CA ASN B 131 -7.86 -10.54 -16.93
C ASN B 131 -8.07 -12.04 -17.08
N PHE B 132 -7.44 -12.61 -18.10
CA PHE B 132 -7.47 -14.04 -18.34
C PHE B 132 -6.34 -14.71 -17.57
N HIS B 133 -6.10 -15.99 -17.84
CA HIS B 133 -5.05 -16.76 -17.18
C HIS B 133 -4.25 -17.53 -18.21
N GLU B 134 -2.93 -17.39 -18.16
CA GLU B 134 -2.00 -18.07 -19.06
C GLU B 134 -0.85 -18.67 -18.26
N VAL B 135 -1.18 -19.44 -17.23
CA VAL B 135 -0.16 -19.94 -16.31
C VAL B 135 0.77 -20.95 -17.00
N THR B 136 0.22 -21.83 -17.82
CA THR B 136 1.05 -22.65 -18.70
C THR B 136 0.55 -22.65 -20.13
N THR B 137 -0.76 -22.69 -20.32
CA THR B 137 -1.39 -22.52 -21.63
C THR B 137 -2.56 -21.58 -21.45
N ASP B 138 -3.35 -21.41 -22.50
CA ASP B 138 -4.58 -20.63 -22.37
C ASP B 138 -5.61 -21.43 -21.59
N ASN B 139 -6.24 -20.78 -20.61
CA ASN B 139 -7.28 -21.44 -19.81
C ASN B 139 -8.65 -21.32 -20.46
N LYS B 140 -8.73 -21.75 -21.72
CA LYS B 140 -9.97 -21.73 -22.49
C LYS B 140 -10.20 -23.10 -23.10
N LEU B 141 -11.46 -23.37 -23.44
CA LEU B 141 -11.82 -24.65 -24.02
C LEU B 141 -13.08 -24.47 -24.86
N LEU B 142 -13.07 -25.02 -26.07
CA LEU B 142 -14.22 -24.97 -26.96
C LEU B 142 -14.52 -26.38 -27.46
N ARG B 143 -15.77 -26.79 -27.37
CA ARG B 143 -16.19 -28.13 -27.74
C ARG B 143 -17.42 -28.04 -28.63
N ILE B 144 -17.42 -28.81 -29.72
CA ILE B 144 -18.51 -28.81 -30.69
C ILE B 144 -19.05 -30.23 -30.79
N SER B 145 -20.37 -30.38 -30.62
CA SER B 145 -21.01 -31.68 -30.74
C SER B 145 -21.44 -31.92 -32.18
N LYS B 146 -22.13 -33.05 -32.41
CA LYS B 146 -22.56 -33.39 -33.77
C LYS B 146 -23.74 -32.55 -34.21
N ASN B 147 -24.70 -32.31 -33.31
CA ASN B 147 -25.90 -31.57 -33.69
C ASN B 147 -25.60 -30.11 -33.95
N GLY B 148 -24.68 -29.53 -33.20
CA GLY B 148 -24.32 -28.14 -33.41
C GLY B 148 -24.14 -27.36 -32.11
N ASN B 149 -24.32 -28.03 -30.98
CA ASN B 149 -24.13 -27.38 -29.69
C ASN B 149 -22.67 -27.00 -29.48
N VAL B 150 -22.45 -25.83 -28.88
CA VAL B 150 -21.11 -25.31 -28.64
C VAL B 150 -20.94 -25.09 -27.14
N LEU B 151 -19.86 -25.61 -26.58
CA LEU B 151 -19.54 -25.45 -25.17
C LEU B 151 -18.28 -24.60 -25.06
N TYR B 152 -18.33 -23.57 -24.21
CA TYR B 152 -17.25 -22.60 -24.10
C TYR B 152 -17.00 -22.32 -22.63
N SER B 153 -15.81 -22.66 -22.16
CA SER B 153 -15.45 -22.50 -20.76
C SER B 153 -14.16 -21.71 -20.63
N ILE B 154 -14.17 -20.68 -19.78
CA ILE B 154 -13.01 -19.84 -19.53
C ILE B 154 -12.87 -19.64 -18.03
N ARG B 155 -11.69 -19.16 -17.62
CA ARG B 155 -11.39 -18.88 -16.23
C ARG B 155 -10.83 -17.46 -16.14
N ILE B 156 -11.50 -16.60 -15.37
CA ILE B 156 -11.14 -15.20 -15.28
C ILE B 156 -11.20 -14.74 -13.83
N THR B 157 -10.55 -13.61 -13.57
CA THR B 157 -10.62 -12.93 -12.29
C THR B 157 -11.33 -11.59 -12.46
N LEU B 158 -12.11 -11.21 -11.46
CA LEU B 158 -12.91 -10.00 -11.54
C LEU B 158 -12.64 -9.10 -10.34
N VAL B 159 -12.78 -7.80 -10.55
CA VAL B 159 -12.79 -6.82 -9.48
C VAL B 159 -14.10 -6.05 -9.63
N LEU B 160 -15.12 -6.49 -8.91
CA LEU B 160 -16.47 -5.97 -9.10
C LEU B 160 -16.79 -4.88 -8.10
N ALA B 161 -17.61 -3.92 -8.54
CA ALA B 161 -18.01 -2.79 -7.72
C ALA B 161 -19.22 -3.16 -6.89
N CYS B 162 -19.12 -2.96 -5.57
CA CYS B 162 -20.21 -3.25 -4.65
C CYS B 162 -20.40 -2.06 -3.71
N PRO B 163 -21.35 -1.17 -4.00
CA PRO B 163 -21.64 -0.08 -3.06
C PRO B 163 -22.21 -0.62 -1.76
N MET B 164 -21.82 0.01 -0.66
CA MET B 164 -22.25 -0.44 0.65
C MET B 164 -22.38 0.76 1.57
N ASP B 165 -23.20 0.60 2.61
CA ASP B 165 -23.44 1.66 3.58
C ASP B 165 -23.18 1.12 4.98
N LEU B 166 -22.60 1.97 5.82
CA LEU B 166 -22.28 1.58 7.18
C LEU B 166 -22.98 2.50 8.18
N LYS B 167 -24.28 2.75 7.95
CA LYS B 167 -25.07 3.52 8.90
C LYS B 167 -25.14 2.82 10.25
N ASN B 168 -25.27 1.50 10.25
CA ASN B 168 -25.20 0.67 11.44
C ASN B 168 -24.08 -0.37 11.28
N PHE B 169 -22.85 0.09 11.54
CA PHE B 169 -21.66 -0.65 11.16
C PHE B 169 -21.50 -2.01 11.84
N PRO B 170 -21.60 -2.14 13.17
CA PRO B 170 -21.41 -3.49 13.75
C PRO B 170 -22.53 -4.46 13.42
N MET B 171 -23.75 -3.98 13.22
CA MET B 171 -24.88 -4.84 12.90
C MET B 171 -25.35 -4.47 11.49
N ASP B 172 -24.73 -5.05 10.47
CA ASP B 172 -25.08 -4.73 9.10
C ASP B 172 -25.08 -5.99 8.25
N VAL B 173 -25.93 -5.99 7.22
CA VAL B 173 -26.01 -7.06 6.23
C VAL B 173 -25.89 -6.43 4.86
N GLN B 174 -24.93 -6.91 4.06
CA GLN B 174 -24.63 -6.30 2.78
C GLN B 174 -24.89 -7.28 1.64
N THR B 175 -25.26 -6.73 0.49
CA THR B 175 -25.60 -7.51 -0.69
C THR B 175 -24.60 -7.21 -1.80
N CYS B 176 -24.06 -8.26 -2.40
CA CYS B 176 -23.11 -8.14 -3.50
C CYS B 176 -23.79 -8.54 -4.81
N ILE B 177 -23.53 -7.78 -5.86
CA ILE B 177 -24.19 -7.95 -7.15
C ILE B 177 -23.14 -8.31 -8.19
N MET B 178 -23.45 -9.31 -9.02
CA MET B 178 -22.61 -9.71 -10.14
C MET B 178 -23.50 -9.84 -11.38
N GLN B 179 -23.31 -8.95 -12.35
CA GLN B 179 -24.16 -8.86 -13.52
C GLN B 179 -23.43 -9.30 -14.78
N LEU B 180 -24.12 -10.04 -15.63
CA LEU B 180 -23.61 -10.47 -16.93
C LEU B 180 -24.57 -9.98 -17.99
N GLU B 181 -24.07 -9.23 -18.97
CA GLU B 181 -24.94 -8.65 -19.99
C GLU B 181 -24.22 -8.55 -21.31
N SER B 182 -25.01 -8.42 -22.38
CA SER B 182 -24.49 -8.27 -23.73
C SER B 182 -24.06 -6.83 -23.98
N PHE B 183 -23.30 -6.64 -25.06
CA PHE B 183 -22.75 -5.35 -25.41
C PHE B 183 -23.42 -4.70 -26.62
N GLY B 184 -23.77 -5.48 -27.64
CA GLY B 184 -24.31 -4.89 -28.85
C GLY B 184 -25.45 -5.66 -29.49
N TYR B 185 -26.21 -6.40 -28.70
CA TYR B 185 -27.34 -7.17 -29.21
C TYR B 185 -28.57 -6.96 -28.34
N THR B 186 -29.71 -6.80 -28.99
CA THR B 186 -30.97 -6.54 -28.31
C THR B 186 -31.72 -7.83 -28.02
N MET B 187 -33.01 -7.72 -27.68
CA MET B 187 -33.87 -8.89 -27.50
C MET B 187 -33.99 -9.70 -28.77
N ASN B 188 -33.96 -9.05 -29.93
CA ASN B 188 -34.23 -9.73 -31.19
C ASN B 188 -33.10 -10.66 -31.62
N ASP B 189 -31.94 -10.60 -30.98
CA ASP B 189 -30.80 -11.41 -31.42
C ASP B 189 -30.22 -12.28 -30.32
N LEU B 190 -30.12 -11.78 -29.09
CA LEU B 190 -29.40 -12.50 -28.04
C LEU B 190 -30.19 -12.42 -26.73
N ILE B 191 -30.48 -13.57 -26.14
CA ILE B 191 -31.17 -13.66 -24.86
C ILE B 191 -30.32 -14.52 -23.93
N PHE B 192 -30.07 -14.03 -22.73
CA PHE B 192 -29.32 -14.75 -21.71
C PHE B 192 -30.28 -15.44 -20.76
N GLU B 193 -29.96 -16.68 -20.39
CA GLU B 193 -30.78 -17.46 -19.47
C GLU B 193 -29.88 -18.18 -18.48
N TRP B 194 -30.31 -18.22 -17.22
CA TRP B 194 -29.61 -19.02 -16.22
C TRP B 194 -29.84 -20.49 -16.46
N ASP B 195 -28.92 -21.31 -15.96
CA ASP B 195 -29.07 -22.76 -16.07
C ASP B 195 -30.20 -23.25 -15.18
N GLU B 196 -30.82 -24.35 -15.60
CA GLU B 196 -31.94 -24.90 -14.84
C GLU B 196 -31.48 -25.41 -13.46
N LYS B 197 -30.35 -26.09 -13.41
CA LYS B 197 -29.82 -26.64 -12.18
C LYS B 197 -28.34 -26.30 -12.06
N GLY B 198 -27.90 -26.05 -10.82
CA GLY B 198 -26.52 -25.74 -10.55
C GLY B 198 -26.04 -24.46 -11.21
N ALA B 199 -26.84 -23.40 -11.11
CA ALA B 199 -26.49 -22.15 -11.79
C ALA B 199 -25.26 -21.50 -11.18
N VAL B 200 -25.22 -21.37 -9.86
CA VAL B 200 -24.08 -20.77 -9.15
C VAL B 200 -23.63 -21.75 -8.08
N GLN B 201 -22.35 -22.10 -8.11
CA GLN B 201 -21.77 -23.02 -7.13
C GLN B 201 -20.54 -22.37 -6.52
N VAL B 202 -20.25 -22.75 -5.28
CA VAL B 202 -19.13 -22.21 -4.52
C VAL B 202 -18.24 -23.38 -4.10
N ALA B 203 -16.94 -23.24 -4.29
CA ALA B 203 -16.00 -24.27 -3.90
C ALA B 203 -16.00 -24.46 -2.38
N ASP B 204 -15.80 -25.70 -1.96
CA ASP B 204 -15.88 -26.05 -0.55
C ASP B 204 -14.67 -25.52 0.21
N GLY B 205 -14.87 -25.31 1.50
CA GLY B 205 -13.81 -24.80 2.35
C GLY B 205 -13.38 -23.38 2.05
N LEU B 206 -14.34 -22.48 1.82
CA LEU B 206 -14.05 -21.09 1.51
C LEU B 206 -14.31 -20.24 2.75
N THR B 207 -13.39 -19.33 3.04
CA THR B 207 -13.50 -18.48 4.21
C THR B 207 -13.00 -17.07 3.88
N LEU B 208 -13.40 -16.12 4.72
CA LEU B 208 -13.03 -14.72 4.60
C LEU B 208 -13.14 -14.12 6.00
N PRO B 209 -12.23 -13.20 6.37
CA PRO B 209 -12.17 -12.77 7.78
C PRO B 209 -13.38 -12.02 8.30
N GLN B 210 -13.74 -10.91 7.65
CA GLN B 210 -14.73 -10.01 8.22
C GLN B 210 -16.15 -10.58 8.16
N PHE B 211 -16.53 -11.13 7.02
CA PHE B 211 -17.92 -11.46 6.76
C PHE B 211 -18.16 -12.96 6.77
N ILE B 212 -19.44 -13.32 6.70
CA ILE B 212 -19.88 -14.70 6.56
C ILE B 212 -20.83 -14.75 5.36
N LEU B 213 -20.51 -15.58 4.37
CA LEU B 213 -21.29 -15.66 3.15
C LEU B 213 -22.37 -16.71 3.32
N LYS B 214 -23.63 -16.28 3.26
CA LYS B 214 -24.75 -17.19 3.44
C LYS B 214 -24.95 -18.07 2.22
N GLU B 215 -25.55 -19.24 2.44
CA GLU B 215 -25.73 -20.21 1.36
C GLU B 215 -26.83 -19.81 0.39
N GLU B 216 -27.79 -18.99 0.82
CA GLU B 216 -28.89 -18.60 -0.05
C GLU B 216 -28.43 -17.56 -1.06
N LYS B 217 -28.74 -17.80 -2.33
CA LYS B 217 -28.42 -16.87 -3.41
C LYS B 217 -29.65 -16.67 -4.27
N ASP B 218 -29.76 -15.47 -4.84
CA ASP B 218 -30.91 -15.09 -5.65
C ASP B 218 -30.49 -14.88 -7.09
N LEU B 219 -31.26 -15.45 -8.02
CA LEU B 219 -31.02 -15.30 -9.45
C LEU B 219 -32.19 -14.54 -10.04
N ARG B 220 -31.91 -13.34 -10.55
CA ARG B 220 -32.96 -12.44 -11.01
C ARG B 220 -32.67 -11.96 -12.43
N TYR B 221 -33.69 -11.36 -13.04
CA TYR B 221 -33.58 -10.71 -14.34
C TYR B 221 -33.59 -9.20 -14.13
N CYS B 222 -32.59 -8.52 -14.70
CA CYS B 222 -32.55 -7.06 -14.70
C CYS B 222 -32.27 -6.59 -16.13
N THR B 223 -33.32 -6.51 -16.94
CA THR B 223 -33.17 -6.13 -18.34
C THR B 223 -33.00 -4.62 -18.44
N LYS B 224 -31.93 -4.20 -19.11
CA LYS B 224 -31.64 -2.78 -19.24
C LYS B 224 -32.49 -2.17 -20.35
N HIS B 225 -33.04 -0.99 -20.07
CA HIS B 225 -33.81 -0.23 -21.05
C HIS B 225 -33.05 1.05 -21.40
N TYR B 226 -32.81 1.25 -22.69
CA TYR B 226 -32.08 2.41 -23.17
C TYR B 226 -32.88 3.05 -24.32
N ASN B 227 -32.28 4.07 -24.93
CA ASN B 227 -32.91 4.72 -26.07
C ASN B 227 -32.70 3.97 -27.38
N THR B 228 -31.89 2.91 -27.37
CA THR B 228 -31.65 2.11 -28.56
C THR B 228 -32.38 0.76 -28.54
N GLY B 229 -32.82 0.31 -27.39
CA GLY B 229 -33.54 -0.93 -27.28
C GLY B 229 -33.37 -1.55 -25.91
N LYS B 230 -33.74 -2.82 -25.80
CA LYS B 230 -33.63 -3.58 -24.57
C LYS B 230 -32.47 -4.54 -24.67
N PHE B 231 -31.60 -4.54 -23.65
CA PHE B 231 -30.41 -5.37 -23.64
C PHE B 231 -30.50 -6.37 -22.51
N THR B 232 -30.19 -7.64 -22.82
CA THR B 232 -30.36 -8.71 -21.86
C THR B 232 -29.30 -8.65 -20.77
N CYS B 233 -29.70 -9.06 -19.57
CA CYS B 233 -28.80 -9.08 -18.42
C CYS B 233 -29.36 -10.01 -17.36
N ILE B 234 -28.46 -10.74 -16.70
CA ILE B 234 -28.81 -11.60 -15.58
C ILE B 234 -27.86 -11.29 -14.43
N GLU B 235 -28.36 -11.46 -13.21
CA GLU B 235 -27.60 -11.08 -12.03
C GLU B 235 -27.73 -12.15 -10.95
N ALA B 236 -26.72 -12.19 -10.08
CA ALA B 236 -26.71 -13.06 -8.92
C ALA B 236 -26.38 -12.24 -7.69
N ARG B 237 -27.04 -12.56 -6.58
CA ARG B 237 -26.93 -11.79 -5.34
C ARG B 237 -26.33 -12.66 -4.24
N PHE B 238 -25.36 -12.11 -3.51
CA PHE B 238 -24.76 -12.75 -2.36
C PHE B 238 -25.04 -11.92 -1.12
N HIS B 239 -25.41 -12.60 -0.03
CA HIS B 239 -25.72 -11.93 1.23
C HIS B 239 -24.58 -12.14 2.21
N LEU B 240 -24.13 -11.04 2.82
CA LEU B 240 -22.97 -11.05 3.71
C LEU B 240 -23.37 -10.53 5.08
N GLU B 241 -22.93 -11.22 6.13
CA GLU B 241 -23.18 -10.81 7.49
C GLU B 241 -21.86 -10.71 8.24
N ARG B 242 -21.74 -9.69 9.09
CA ARG B 242 -20.53 -9.48 9.88
C ARG B 242 -20.64 -10.17 11.22
N GLN B 243 -19.50 -10.59 11.75
CA GLN B 243 -19.44 -11.30 13.02
C GLN B 243 -19.27 -10.32 14.18
N MET B 244 -19.94 -10.60 15.28
CA MET B 244 -19.95 -9.72 16.45
C MET B 244 -19.02 -10.19 17.57
N GLY B 245 -18.16 -11.17 17.30
CA GLY B 245 -17.31 -11.70 18.36
C GLY B 245 -16.27 -10.70 18.83
N TYR B 246 -15.55 -10.08 17.89
CA TYR B 246 -14.44 -9.21 18.27
C TYR B 246 -14.91 -7.88 18.81
N TYR B 247 -15.98 -7.31 18.23
CA TYR B 247 -16.42 -5.98 18.64
C TYR B 247 -17.07 -6.00 20.00
N LEU B 248 -17.77 -7.08 20.36
CA LEU B 248 -18.43 -7.16 21.65
C LEU B 248 -17.44 -7.30 22.79
N ILE B 249 -16.30 -7.95 22.55
CA ILE B 249 -15.33 -8.22 23.60
C ILE B 249 -14.25 -7.15 23.70
N GLN B 250 -14.12 -6.28 22.69
CA GLN B 250 -13.05 -5.28 22.66
C GLN B 250 -13.56 -3.87 22.83
N MET B 251 -14.70 -3.52 22.22
CA MET B 251 -15.16 -2.14 22.21
C MET B 251 -16.44 -1.90 23.01
N TYR B 252 -17.21 -2.94 23.30
CA TYR B 252 -18.46 -2.78 24.04
C TYR B 252 -18.32 -3.13 25.52
N ILE B 253 -17.77 -4.30 25.82
CA ILE B 253 -17.60 -4.71 27.22
C ILE B 253 -16.63 -3.81 27.99
N PRO B 254 -15.43 -3.48 27.47
CA PRO B 254 -14.59 -2.52 28.20
C PRO B 254 -15.21 -1.13 28.35
N SER B 255 -16.01 -0.70 27.38
CA SER B 255 -16.71 0.57 27.53
C SER B 255 -17.77 0.52 28.61
N LEU B 256 -18.38 -0.64 28.82
CA LEU B 256 -19.39 -0.79 29.86
C LEU B 256 -18.76 -0.79 31.24
N LEU B 257 -17.56 -1.37 31.37
CA LEU B 257 -16.92 -1.50 32.68
C LEU B 257 -16.47 -0.15 33.23
N ILE B 258 -16.03 0.76 32.36
CA ILE B 258 -15.54 2.06 32.82
C ILE B 258 -16.70 2.90 33.36
N VAL B 259 -17.88 2.80 32.73
CA VAL B 259 -19.04 3.54 33.19
C VAL B 259 -19.47 3.08 34.58
N ILE B 260 -19.41 1.76 34.83
CA ILE B 260 -19.72 1.24 36.16
C ILE B 260 -18.69 1.73 37.18
N LEU B 261 -17.43 1.86 36.75
CA LEU B 261 -16.39 2.35 37.66
C LEU B 261 -16.61 3.80 38.06
N SER B 262 -17.28 4.58 37.22
CA SER B 262 -17.55 5.98 37.56
C SER B 262 -18.65 6.10 38.61
N TRP B 263 -19.46 5.06 38.81
CA TRP B 263 -20.50 5.07 39.83
C TRP B 263 -19.98 4.75 41.21
N VAL B 264 -18.70 4.41 41.34
CA VAL B 264 -18.09 4.16 42.64
C VAL B 264 -18.07 5.43 43.48
N SER B 265 -17.96 6.59 42.83
CA SER B 265 -17.88 7.87 43.52
C SER B 265 -19.10 8.18 44.38
N PHE B 266 -20.27 7.62 44.04
CA PHE B 266 -21.46 7.85 44.85
C PHE B 266 -21.40 7.17 46.20
N TRP B 267 -20.49 6.21 46.39
CA TRP B 267 -20.36 5.50 47.65
C TRP B 267 -19.20 5.99 48.50
N ILE B 268 -18.27 6.75 47.93
CA ILE B 268 -17.17 7.32 48.69
C ILE B 268 -17.68 8.49 49.51
N ASN B 269 -17.13 8.65 50.71
CA ASN B 269 -17.50 9.77 51.59
C ASN B 269 -17.21 11.10 50.91
N MET B 270 -18.14 12.05 51.09
CA MET B 270 -18.08 13.32 50.37
C MET B 270 -16.97 14.25 50.86
N ASP B 271 -16.36 13.95 52.00
CA ASP B 271 -15.25 14.77 52.48
C ASP B 271 -13.92 14.42 51.81
N ALA B 272 -13.83 13.28 51.13
CA ALA B 272 -12.60 12.87 50.45
C ALA B 272 -12.55 13.52 49.08
N ALA B 273 -12.21 14.81 49.08
CA ALA B 273 -12.12 15.57 47.83
C ALA B 273 -11.04 15.08 46.87
N PRO B 274 -9.79 14.82 47.29
CA PRO B 274 -8.81 14.31 46.30
C PRO B 274 -9.15 12.93 45.76
N ALA B 275 -9.85 12.09 46.53
CA ALA B 275 -10.17 10.75 46.05
C ALA B 275 -11.27 10.78 45.00
N ARG B 276 -12.31 11.59 45.23
CA ARG B 276 -13.45 11.60 44.32
C ARG B 276 -13.14 12.36 43.03
N VAL B 277 -12.38 13.45 43.13
CA VAL B 277 -12.01 14.21 41.94
C VAL B 277 -11.03 13.42 41.08
N GLY B 278 -10.07 12.75 41.72
CA GLY B 278 -9.10 11.97 40.98
C GLY B 278 -9.71 10.78 40.27
N LEU B 279 -10.70 10.14 40.91
CA LEU B 279 -11.38 9.01 40.27
C LEU B 279 -12.24 9.48 39.10
N GLY B 280 -12.90 10.63 39.25
CA GLY B 280 -13.78 11.11 38.20
C GLY B 280 -13.05 11.51 36.93
N ILE B 281 -11.93 12.21 37.07
CA ILE B 281 -11.24 12.73 35.89
C ILE B 281 -10.42 11.62 35.21
N THR B 282 -10.03 10.59 35.95
CA THR B 282 -9.26 9.51 35.34
C THR B 282 -10.15 8.63 34.48
N THR B 283 -11.42 8.46 34.88
CA THR B 283 -12.35 7.69 34.05
C THR B 283 -12.66 8.39 32.74
N VAL B 284 -12.70 9.73 32.75
CA VAL B 284 -12.87 10.48 31.51
C VAL B 284 -11.66 10.29 30.60
N LEU B 285 -10.45 10.33 31.18
CA LEU B 285 -9.24 10.09 30.40
C LEU B 285 -9.19 8.67 29.87
N THR B 286 -9.64 7.70 30.66
CA THR B 286 -9.66 6.30 30.22
C THR B 286 -10.65 6.11 29.07
N MET B 287 -11.80 6.77 29.13
CA MET B 287 -12.78 6.69 28.04
C MET B 287 -12.25 7.33 26.76
N THR B 288 -11.52 8.44 26.88
CA THR B 288 -11.00 9.13 25.70
C THR B 288 -9.98 8.27 24.96
N THR B 289 -9.07 7.62 25.70
CA THR B 289 -8.08 6.77 25.06
C THR B 289 -8.72 5.51 24.47
N GLN B 290 -9.81 5.04 25.07
CA GLN B 290 -10.55 3.91 24.50
C GLN B 290 -11.17 4.28 23.17
N SER B 291 -11.73 5.48 23.06
CA SER B 291 -12.35 5.91 21.81
C SER B 291 -11.31 6.29 20.78
N SER B 292 -10.24 6.97 21.19
CA SER B 292 -9.24 7.43 20.24
C SER B 292 -8.37 6.29 19.75
N GLY B 293 -8.12 5.29 20.60
CA GLY B 293 -7.29 4.17 20.20
C GLY B 293 -7.98 3.17 19.32
N SER B 294 -9.31 3.12 19.35
CA SER B 294 -10.06 2.13 18.58
C SER B 294 -10.39 2.57 17.17
N ARG B 295 -10.07 3.82 16.80
CA ARG B 295 -10.41 4.29 15.46
C ARG B 295 -9.48 3.72 14.40
N ALA B 296 -8.37 3.09 14.79
CA ALA B 296 -7.45 2.51 13.82
C ALA B 296 -8.04 1.31 13.12
N SER B 297 -8.77 0.47 13.85
CA SER B 297 -9.35 -0.73 13.27
C SER B 297 -10.72 -0.51 12.67
N LEU B 298 -11.31 0.67 12.84
CA LEU B 298 -12.62 0.94 12.28
C LEU B 298 -12.48 1.46 10.85
N PRO B 299 -13.47 1.21 9.99
CA PRO B 299 -13.44 1.77 8.63
C PRO B 299 -13.55 3.29 8.65
N LYS B 300 -12.94 3.90 7.64
CA LYS B 300 -12.89 5.35 7.53
C LYS B 300 -14.08 5.83 6.71
N VAL B 301 -15.07 6.41 7.39
CA VAL B 301 -16.22 7.04 6.75
C VAL B 301 -16.40 8.42 7.36
N SER B 302 -17.39 9.15 6.85
CA SER B 302 -17.64 10.51 7.31
C SER B 302 -19.04 10.71 7.88
N TYR B 303 -19.87 9.68 7.92
CA TYR B 303 -21.18 9.77 8.54
C TYR B 303 -21.22 8.96 9.83
N VAL B 304 -22.25 9.19 10.62
CA VAL B 304 -22.36 8.60 11.95
C VAL B 304 -22.75 7.14 11.83
N LYS B 305 -22.00 6.27 12.49
CA LYS B 305 -22.29 4.85 12.56
C LYS B 305 -22.95 4.52 13.89
N ALA B 306 -23.30 3.23 14.05
CA ALA B 306 -23.93 2.80 15.30
C ALA B 306 -22.93 2.71 16.44
N ILE B 307 -21.64 2.48 16.13
CA ILE B 307 -20.65 2.39 17.17
C ILE B 307 -20.30 3.77 17.73
N ASP B 308 -20.51 4.83 16.93
CA ASP B 308 -20.21 6.17 17.39
C ASP B 308 -21.22 6.65 18.42
N ILE B 309 -22.49 6.26 18.27
CA ILE B 309 -23.51 6.66 19.21
C ILE B 309 -23.28 6.01 20.57
N TRP B 310 -22.79 4.77 20.58
CA TRP B 310 -22.49 4.10 21.84
C TRP B 310 -21.34 4.78 22.58
N MET B 311 -20.31 5.20 21.85
CA MET B 311 -19.18 5.84 22.49
C MET B 311 -19.51 7.26 22.96
N ALA B 312 -20.38 7.95 22.23
CA ALA B 312 -20.74 9.32 22.61
C ALA B 312 -21.58 9.35 23.88
N VAL B 313 -22.54 8.43 23.99
CA VAL B 313 -23.38 8.37 25.18
C VAL B 313 -22.58 7.91 26.39
N CYS B 314 -21.68 6.94 26.19
CA CYS B 314 -20.84 6.47 27.29
C CYS B 314 -19.90 7.56 27.79
N LEU B 315 -19.43 8.43 26.90
CA LEU B 315 -18.66 9.59 27.34
C LEU B 315 -19.53 10.60 28.10
N LEU B 316 -20.80 10.71 27.71
CA LEU B 316 -21.69 11.64 28.38
C LEU B 316 -22.02 11.19 29.81
N PHE B 317 -22.01 9.88 30.06
CA PHE B 317 -22.36 9.38 31.38
C PHE B 317 -21.23 9.62 32.38
N VAL B 318 -19.98 9.44 31.95
CA VAL B 318 -18.87 9.73 32.85
C VAL B 318 -18.59 11.22 32.95
N PHE B 319 -19.04 12.00 31.97
CA PHE B 319 -18.94 13.45 32.06
C PHE B 319 -19.85 13.99 33.16
N SER B 320 -21.04 13.42 33.29
CA SER B 320 -21.98 13.85 34.32
C SER B 320 -21.67 13.24 35.69
N ALA B 321 -20.83 12.20 35.75
CA ALA B 321 -20.52 11.59 37.03
C ALA B 321 -19.66 12.51 37.90
N LEU B 322 -18.70 13.21 37.30
CA LEU B 322 -17.89 14.15 38.06
C LEU B 322 -18.65 15.45 38.32
N LEU B 323 -19.52 15.84 37.39
CA LEU B 323 -20.17 17.15 37.49
C LEU B 323 -21.18 17.20 38.63
N GLU B 324 -21.75 16.06 39.03
CA GLU B 324 -22.68 16.06 40.14
C GLU B 324 -21.95 16.25 41.46
N TYR B 325 -20.68 15.85 41.55
CA TYR B 325 -19.91 16.04 42.77
C TYR B 325 -19.66 17.53 43.04
N ALA B 326 -19.52 18.33 41.97
CA ALA B 326 -19.41 19.77 42.14
C ALA B 326 -20.66 20.35 42.78
N ALA B 327 -21.84 19.83 42.39
CA ALA B 327 -23.06 20.22 43.05
C ALA B 327 -23.08 19.77 44.51
N VAL B 328 -22.52 18.58 44.78
CA VAL B 328 -22.42 18.10 46.15
C VAL B 328 -21.43 18.96 46.94
N ASN B 329 -20.29 19.28 46.34
CA ASN B 329 -19.26 20.04 47.05
C ASN B 329 -19.67 21.49 47.27
N PHE B 330 -20.37 22.08 46.31
CA PHE B 330 -20.74 23.48 46.44
C PHE B 330 -21.91 23.67 47.40
N ILE B 331 -22.86 22.74 47.42
CA ILE B 331 -23.98 22.82 48.36
C ILE B 331 -23.48 22.68 49.79
N ALA B 332 -22.58 21.73 50.02
CA ALA B 332 -21.91 21.65 51.31
C ALA B 332 -21.03 22.88 51.52
N ARG B 333 -20.80 23.20 52.81
CA ARG B 333 -20.09 24.37 53.33
C ARG B 333 -20.42 25.67 52.60
N GLN B 334 -21.67 25.82 52.16
CA GLN B 334 -22.08 27.04 51.48
C GLN B 334 -22.17 28.20 52.45
N HIS B 335 -22.61 27.94 53.68
CA HIS B 335 -22.70 28.98 54.70
C HIS B 335 -21.54 28.86 55.70
N MET B 399 -28.31 24.90 62.26
CA MET B 399 -28.89 25.00 60.92
C MET B 399 -27.96 24.46 59.85
N ARG B 400 -26.72 24.14 60.27
CA ARG B 400 -25.74 23.64 59.31
C ARG B 400 -26.06 22.22 58.85
N LYS B 401 -26.76 21.45 59.69
CA LYS B 401 -27.14 20.09 59.29
C LYS B 401 -28.21 20.08 58.21
N LEU B 402 -28.93 21.19 58.03
CA LEU B 402 -29.89 21.28 56.94
C LEU B 402 -29.19 21.26 55.59
N PHE B 403 -28.08 21.99 55.47
CA PHE B 403 -27.33 21.99 54.21
C PHE B 403 -26.61 20.67 53.99
N ILE B 404 -26.15 20.03 55.06
CA ILE B 404 -25.52 18.71 54.93
C ILE B 404 -26.52 17.68 54.45
N SER B 405 -27.74 17.70 55.00
CA SER B 405 -28.77 16.78 54.55
C SER B 405 -29.20 17.05 53.12
N ARG B 406 -29.13 18.31 52.68
CA ARG B 406 -29.39 18.63 51.29
C ARG B 406 -28.35 18.01 50.37
N ALA B 407 -27.08 18.06 50.77
CA ALA B 407 -26.02 17.47 49.94
C ALA B 407 -26.02 15.95 50.03
N LYS B 408 -26.45 15.39 51.16
CA LYS B 408 -26.48 13.94 51.30
C LYS B 408 -27.60 13.32 50.45
N ARG B 409 -28.68 14.07 50.23
CA ARG B 409 -29.77 13.53 49.41
C ARG B 409 -29.42 13.51 47.92
N ILE B 410 -28.42 14.28 47.50
CA ILE B 410 -28.01 14.25 46.10
C ILE B 410 -27.30 12.92 45.79
N ASP B 411 -26.43 12.47 46.69
CA ASP B 411 -25.74 11.20 46.48
C ASP B 411 -26.69 10.02 46.65
N THR B 412 -27.68 10.13 47.53
CA THR B 412 -28.64 9.05 47.70
C THR B 412 -29.55 8.91 46.48
N VAL B 413 -29.99 10.03 45.91
CA VAL B 413 -30.85 9.99 44.73
C VAL B 413 -30.06 9.50 43.52
N SER B 414 -28.85 10.03 43.32
CA SER B 414 -28.04 9.64 42.18
C SER B 414 -27.45 8.25 42.31
N ARG B 415 -27.56 7.62 43.48
CA ARG B 415 -27.07 6.26 43.63
C ARG B 415 -27.90 5.27 42.81
N VAL B 416 -29.19 5.54 42.67
CA VAL B 416 -30.08 4.68 41.90
C VAL B 416 -30.52 5.32 40.58
N ALA B 417 -30.46 6.64 40.46
CA ALA B 417 -30.90 7.28 39.22
C ALA B 417 -29.93 7.01 38.08
N PHE B 418 -28.62 7.02 38.37
CA PHE B 418 -27.63 6.77 37.32
C PHE B 418 -27.68 5.35 36.75
N PRO B 419 -27.79 4.26 37.54
CA PRO B 419 -27.91 2.95 36.88
C PRO B 419 -29.21 2.73 36.16
N LEU B 420 -30.31 3.35 36.64
CA LEU B 420 -31.60 3.16 35.98
C LEU B 420 -31.67 3.88 34.64
N VAL B 421 -31.09 5.07 34.55
CA VAL B 421 -31.09 5.80 33.28
C VAL B 421 -30.25 5.08 32.24
N PHE B 422 -29.10 4.55 32.65
CA PHE B 422 -28.24 3.80 31.73
C PHE B 422 -28.91 2.52 31.24
N LEU B 423 -29.76 1.91 32.07
CA LEU B 423 -30.47 0.71 31.64
C LEU B 423 -31.54 1.05 30.62
N ILE B 424 -32.20 2.20 30.77
CA ILE B 424 -33.23 2.62 29.83
C ILE B 424 -32.62 2.87 28.45
N PHE B 425 -31.47 3.54 28.42
CA PHE B 425 -30.77 3.75 27.16
C PHE B 425 -30.29 2.44 26.56
N ASN B 426 -29.86 1.51 27.41
CA ASN B 426 -29.32 0.24 26.92
C ASN B 426 -30.39 -0.61 26.27
N ILE B 427 -31.62 -0.58 26.81
CA ILE B 427 -32.72 -1.31 26.19
C ILE B 427 -33.06 -0.71 24.83
N PHE B 428 -33.18 0.63 24.78
CA PHE B 428 -33.54 1.29 23.52
C PHE B 428 -32.47 1.16 22.45
N TYR B 429 -31.21 0.98 22.84
CA TYR B 429 -30.15 0.84 21.85
C TYR B 429 -30.24 -0.49 21.12
N TRP B 430 -30.39 -1.58 21.86
CA TRP B 430 -30.40 -2.91 21.24
C TRP B 430 -31.73 -3.23 20.56
N ILE B 431 -32.83 -2.63 21.01
CA ILE B 431 -34.12 -2.88 20.38
C ILE B 431 -34.15 -2.27 18.98
N THR B 432 -33.68 -1.02 18.84
CA THR B 432 -33.76 -0.34 17.56
C THR B 432 -32.66 -0.75 16.59
N TYR B 433 -31.68 -1.55 17.02
CA TYR B 433 -30.57 -1.94 16.17
C TYR B 433 -30.53 -3.43 15.90
N LYS B 434 -30.55 -4.26 16.94
CA LYS B 434 -30.47 -5.70 16.73
C LYS B 434 -31.78 -6.25 16.18
N ILE B 435 -32.89 -5.57 16.42
CA ILE B 435 -34.18 -5.96 15.86
C ILE B 435 -34.67 -4.83 14.94
N ILE B 436 -34.34 -4.93 13.66
CA ILE B 436 -34.69 -3.89 12.70
C ILE B 436 -35.72 -4.41 11.70
N PRO C 33 -24.06 -10.35 -47.97
CA PRO C 33 -22.82 -10.53 -47.19
C PRO C 33 -22.27 -9.20 -46.69
N PRO C 34 -22.50 -8.88 -45.41
CA PRO C 34 -21.98 -7.62 -44.86
C PRO C 34 -20.46 -7.53 -44.87
N SER C 35 -19.75 -8.65 -44.69
CA SER C 35 -18.29 -8.60 -44.74
C SER C 35 -17.79 -8.30 -46.14
N GLU C 36 -18.48 -8.82 -47.16
CA GLU C 36 -18.08 -8.55 -48.54
C GLU C 36 -18.38 -7.11 -48.92
N PHE C 37 -19.48 -6.55 -48.40
CA PHE C 37 -19.85 -5.17 -48.75
C PHE C 37 -18.87 -4.17 -48.13
N LEU C 38 -18.42 -4.42 -46.90
CA LEU C 38 -17.48 -3.50 -46.27
C LEU C 38 -16.13 -3.52 -46.95
N ASP C 39 -15.74 -4.64 -47.54
CA ASP C 39 -14.47 -4.71 -48.26
C ASP C 39 -14.48 -3.87 -49.53
N LYS C 40 -15.65 -3.62 -50.10
CA LYS C 40 -15.73 -2.76 -51.28
C LYS C 40 -15.53 -1.30 -50.92
N LEU C 41 -16.11 -0.86 -49.81
CA LEU C 41 -16.00 0.53 -49.37
C LEU C 41 -14.66 0.83 -48.71
N MET C 42 -13.90 -0.19 -48.33
CA MET C 42 -12.69 -0.01 -47.55
C MET C 42 -11.44 -0.58 -48.21
N GLY C 43 -11.59 -1.37 -49.27
CA GLY C 43 -10.45 -2.05 -49.86
C GLY C 43 -9.64 -1.16 -50.78
N LYS C 44 -8.64 -1.78 -51.41
CA LYS C 44 -7.77 -1.06 -52.33
C LYS C 44 -8.48 -0.66 -53.61
N VAL C 45 -9.62 -1.29 -53.92
CA VAL C 45 -10.45 -0.83 -55.04
C VAL C 45 -10.99 0.56 -54.77
N SER C 46 -11.48 0.80 -53.55
CA SER C 46 -11.91 2.13 -53.17
C SER C 46 -10.72 3.03 -52.89
N GLY C 47 -10.94 4.33 -53.01
CA GLY C 47 -9.90 5.31 -52.79
C GLY C 47 -9.86 5.83 -51.36
N TYR C 48 -10.47 5.09 -50.45
CA TYR C 48 -10.51 5.50 -49.05
C TYR C 48 -9.14 5.41 -48.42
N ASP C 49 -8.73 6.47 -47.73
CA ASP C 49 -7.46 6.53 -47.01
C ASP C 49 -7.73 6.84 -45.56
N ALA C 50 -7.13 6.07 -44.66
CA ALA C 50 -7.41 6.20 -43.23
C ALA C 50 -6.67 7.36 -42.58
N ARG C 51 -5.74 8.00 -43.27
CA ARG C 51 -4.96 9.09 -42.72
C ARG C 51 -5.46 10.46 -43.16
N ILE C 52 -6.59 10.51 -43.86
CA ILE C 52 -7.15 11.77 -44.35
C ILE C 52 -8.50 11.99 -43.68
N ARG C 53 -8.68 13.16 -43.08
CA ARG C 53 -9.93 13.48 -42.43
C ARG C 53 -11.04 13.70 -43.45
N PRO C 54 -12.29 13.49 -43.07
CA PRO C 54 -13.40 13.83 -43.97
C PRO C 54 -13.48 15.32 -44.23
N ASN C 55 -14.00 15.66 -45.41
CA ASN C 55 -14.07 17.03 -45.91
C ASN C 55 -12.68 17.68 -45.93
N PHE C 56 -11.78 17.02 -46.66
CA PHE C 56 -10.41 17.50 -46.76
C PHE C 56 -10.36 18.82 -47.52
N LYS C 57 -9.54 19.74 -47.01
CA LYS C 57 -9.42 21.11 -47.54
C LYS C 57 -10.77 21.81 -47.61
N GLY C 58 -11.58 21.64 -46.57
CA GLY C 58 -12.88 22.24 -46.51
C GLY C 58 -13.26 22.66 -45.11
N PRO C 59 -14.56 22.61 -44.80
CA PRO C 59 -15.03 22.97 -43.46
C PRO C 59 -14.59 21.96 -42.43
N PRO C 60 -14.49 22.35 -41.16
CA PRO C 60 -14.15 21.39 -40.11
C PRO C 60 -15.27 20.38 -39.89
N VAL C 61 -14.92 19.30 -39.20
CA VAL C 61 -15.88 18.24 -38.89
C VAL C 61 -16.40 18.42 -37.47
N ASN C 62 -17.71 18.32 -37.31
CA ASN C 62 -18.32 18.36 -35.98
C ASN C 62 -18.21 16.99 -35.32
N VAL C 63 -17.98 17.00 -34.02
CA VAL C 63 -17.94 15.78 -33.21
C VAL C 63 -18.83 15.99 -31.99
N THR C 64 -19.79 15.10 -31.80
CA THR C 64 -20.73 15.17 -30.68
C THR C 64 -20.36 14.08 -29.67
N CYS C 65 -20.23 14.47 -28.41
CA CYS C 65 -19.73 13.58 -27.37
C CYS C 65 -20.76 13.37 -26.28
N ASN C 66 -20.69 12.19 -25.66
CA ASN C 66 -21.56 11.82 -24.55
C ASN C 66 -20.74 11.05 -23.52
N ILE C 67 -21.10 11.20 -22.25
CA ILE C 67 -20.41 10.55 -21.14
C ILE C 67 -21.44 9.86 -20.26
N PHE C 68 -21.19 8.61 -19.90
CA PHE C 68 -22.03 7.85 -18.98
C PHE C 68 -21.15 7.27 -17.89
N ILE C 69 -21.21 7.85 -16.70
CA ILE C 69 -20.36 7.41 -15.59
C ILE C 69 -20.98 6.16 -14.97
N ASN C 70 -20.18 5.10 -14.87
CA ASN C 70 -20.57 3.88 -14.17
C ASN C 70 -20.05 3.84 -12.74
N SER C 71 -18.76 4.16 -12.56
CA SER C 71 -18.13 4.11 -11.25
C SER C 71 -17.46 5.44 -10.96
N PHE C 72 -17.36 5.77 -9.67
CA PHE C 72 -16.79 7.03 -9.24
C PHE C 72 -16.30 6.87 -7.80
N GLY C 73 -15.12 7.37 -7.53
CA GLY C 73 -14.60 7.32 -6.17
C GLY C 73 -13.09 7.20 -6.17
N SER C 74 -12.59 6.59 -5.09
CA SER C 74 -11.16 6.44 -4.82
C SER C 74 -10.44 7.79 -4.84
N ILE C 75 -11.06 8.79 -4.21
CA ILE C 75 -10.48 10.13 -4.12
C ILE C 75 -9.44 10.12 -3.01
N ALA C 76 -8.20 10.40 -3.35
CA ALA C 76 -7.10 10.43 -2.39
C ALA C 76 -6.42 11.79 -2.44
N GLU C 77 -6.11 12.32 -1.25
CA GLU C 77 -5.44 13.61 -1.15
C GLU C 77 -3.92 13.49 -1.22
N THR C 78 -3.37 12.29 -1.07
CA THR C 78 -1.93 12.12 -1.14
C THR C 78 -1.41 12.32 -2.56
N THR C 79 -2.12 11.79 -3.55
CA THR C 79 -1.75 11.94 -4.95
C THR C 79 -2.65 12.89 -5.71
N MET C 80 -3.77 13.32 -5.11
CA MET C 80 -4.72 14.28 -5.70
C MET C 80 -5.25 13.76 -7.04
N ASP C 81 -5.94 12.63 -6.97
CA ASP C 81 -6.50 12.01 -8.16
C ASP C 81 -7.73 11.19 -7.78
N TYR C 82 -8.46 10.77 -8.80
CA TYR C 82 -9.68 9.99 -8.60
C TYR C 82 -9.94 9.16 -9.85
N ARG C 83 -10.50 7.97 -9.66
CA ARG C 83 -10.69 7.00 -10.72
C ARG C 83 -12.15 6.99 -11.16
N VAL C 84 -12.37 7.04 -12.48
CA VAL C 84 -13.71 7.10 -13.06
C VAL C 84 -13.80 6.06 -14.17
N ASN C 85 -14.92 5.34 -14.22
CA ASN C 85 -15.23 4.40 -15.30
C ASN C 85 -16.39 4.97 -16.10
N ILE C 86 -16.22 5.09 -17.41
CA ILE C 86 -17.19 5.78 -18.25
C ILE C 86 -17.48 5.00 -19.53
N PHE C 87 -18.56 5.39 -20.19
CA PHE C 87 -18.87 5.03 -21.58
C PHE C 87 -18.74 6.29 -22.41
N LEU C 88 -17.90 6.25 -23.44
CA LEU C 88 -17.65 7.40 -24.28
C LEU C 88 -18.21 7.15 -25.68
N ARG C 89 -19.02 8.09 -26.15
CA ARG C 89 -19.69 7.97 -27.45
C ARG C 89 -19.34 9.18 -28.32
N GLN C 90 -18.94 8.91 -29.56
CA GLN C 90 -18.58 9.95 -30.51
C GLN C 90 -19.41 9.78 -31.78
N GLN C 91 -19.88 10.89 -32.34
CA GLN C 91 -20.65 10.89 -33.58
C GLN C 91 -20.12 11.96 -34.52
N TRP C 92 -19.94 11.60 -35.78
CA TRP C 92 -19.54 12.55 -36.81
C TRP C 92 -20.10 12.07 -38.14
N ASN C 93 -19.65 12.68 -39.23
CA ASN C 93 -20.12 12.36 -40.56
C ASN C 93 -18.93 12.09 -41.48
N ASP C 94 -19.15 11.22 -42.45
CA ASP C 94 -18.12 10.85 -43.42
C ASP C 94 -18.80 10.63 -44.77
N PRO C 95 -18.70 11.59 -45.70
CA PRO C 95 -19.35 11.43 -47.00
C PRO C 95 -18.79 10.30 -47.84
N ARG C 96 -17.56 9.84 -47.56
CA ARG C 96 -16.98 8.76 -48.35
C ARG C 96 -17.67 7.43 -48.08
N LEU C 97 -18.19 7.23 -46.87
CA LEU C 97 -18.87 5.98 -46.53
C LEU C 97 -20.38 6.12 -46.70
N ALA C 98 -20.79 6.31 -47.95
CA ALA C 98 -22.20 6.42 -48.31
C ALA C 98 -22.57 5.28 -49.24
N TYR C 99 -23.65 4.58 -48.91
CA TYR C 99 -24.13 3.47 -49.70
C TYR C 99 -25.64 3.57 -49.87
N SER C 100 -26.15 3.00 -50.96
CA SER C 100 -27.58 3.02 -51.22
C SER C 100 -28.15 1.67 -51.65
N GLU C 101 -27.35 0.75 -52.18
CA GLU C 101 -27.88 -0.50 -52.70
C GLU C 101 -28.13 -1.55 -51.62
N TYR C 102 -27.47 -1.43 -50.46
CA TYR C 102 -27.61 -2.44 -49.42
C TYR C 102 -28.96 -2.28 -48.72
N PRO C 103 -29.63 -3.39 -48.41
CA PRO C 103 -30.95 -3.29 -47.77
C PRO C 103 -30.88 -2.93 -46.30
N ASP C 104 -29.83 -3.33 -45.59
CA ASP C 104 -29.73 -3.05 -44.16
C ASP C 104 -29.49 -1.57 -43.92
N ASP C 105 -30.08 -1.07 -42.83
CA ASP C 105 -29.95 0.35 -42.51
C ASP C 105 -28.57 0.68 -41.97
N SER C 106 -28.02 -0.18 -41.10
CA SER C 106 -26.74 0.07 -40.46
C SER C 106 -25.83 -1.13 -40.67
N LEU C 107 -24.53 -0.86 -40.66
CA LEU C 107 -23.50 -1.88 -40.80
C LEU C 107 -22.55 -1.81 -39.62
N ASP C 108 -22.29 -2.96 -39.00
CA ASP C 108 -21.35 -3.03 -37.89
C ASP C 108 -19.97 -3.43 -38.40
N LEU C 109 -18.95 -2.94 -37.70
CA LEU C 109 -17.57 -3.17 -38.09
C LEU C 109 -16.88 -4.08 -37.09
N ASP C 110 -16.01 -4.94 -37.60
CA ASP C 110 -15.25 -5.85 -36.74
C ASP C 110 -14.23 -5.05 -35.93
N PRO C 111 -14.21 -5.21 -34.60
CA PRO C 111 -13.25 -4.43 -33.79
C PRO C 111 -11.79 -4.74 -34.07
N SER C 112 -11.48 -5.90 -34.65
CA SER C 112 -10.09 -6.23 -34.96
C SER C 112 -9.57 -5.47 -36.18
N MET C 113 -10.44 -4.84 -36.96
CA MET C 113 -10.04 -4.08 -38.13
C MET C 113 -10.44 -2.61 -38.01
N LEU C 114 -10.45 -2.08 -36.79
CA LEU C 114 -10.84 -0.70 -36.53
C LEU C 114 -9.82 0.31 -37.02
N ASP C 115 -8.60 -0.12 -37.36
CA ASP C 115 -7.54 0.80 -37.72
C ASP C 115 -7.65 1.31 -39.16
N SER C 116 -8.62 0.83 -39.93
CA SER C 116 -8.78 1.24 -41.32
C SER C 116 -9.87 2.29 -41.50
N ILE C 117 -10.35 2.89 -40.40
CA ILE C 117 -11.34 3.97 -40.44
C ILE C 117 -10.74 5.18 -39.73
N TRP C 118 -10.87 6.35 -40.36
CA TRP C 118 -10.46 7.58 -39.71
C TRP C 118 -11.29 7.83 -38.47
N LYS C 119 -10.63 8.13 -37.36
CA LYS C 119 -11.29 8.44 -36.10
C LYS C 119 -10.68 9.69 -35.51
N PRO C 120 -11.47 10.49 -34.78
CA PRO C 120 -10.90 11.64 -34.08
C PRO C 120 -9.92 11.21 -32.99
N ASP C 121 -8.87 12.01 -32.82
CA ASP C 121 -7.82 11.69 -31.86
C ASP C 121 -8.07 12.42 -30.53
N LEU C 122 -9.15 12.01 -29.88
CA LEU C 122 -9.53 12.55 -28.59
C LEU C 122 -8.61 12.00 -27.50
N PHE C 123 -8.32 12.85 -26.52
CA PHE C 123 -7.62 12.38 -25.32
C PHE C 123 -7.90 13.37 -24.20
N PHE C 124 -7.61 12.95 -22.97
CA PHE C 124 -7.97 13.71 -21.78
C PHE C 124 -6.76 14.49 -21.29
N ALA C 125 -6.98 15.78 -21.02
CA ALA C 125 -5.87 16.67 -20.69
C ALA C 125 -5.28 16.36 -19.32
N ASN C 126 -6.13 16.09 -18.32
CA ASN C 126 -5.68 15.80 -16.96
C ASN C 126 -5.62 14.31 -16.68
N GLU C 127 -5.30 13.51 -17.69
CA GLU C 127 -5.27 12.06 -17.57
C GLU C 127 -3.91 11.60 -17.06
N LYS C 128 -3.92 10.75 -16.03
CA LYS C 128 -2.70 10.23 -15.42
C LYS C 128 -2.63 8.70 -15.52
N GLY C 129 -3.37 8.10 -16.45
CA GLY C 129 -3.41 6.66 -16.56
C GLY C 129 -4.76 6.16 -17.01
N ALA C 130 -4.78 5.27 -17.99
CA ALA C 130 -6.04 4.79 -18.55
C ALA C 130 -5.85 3.41 -19.14
N ASN C 131 -6.96 2.70 -19.31
CA ASN C 131 -6.94 1.34 -19.83
C ASN C 131 -8.15 1.11 -20.71
N PHE C 132 -8.04 0.12 -21.58
CA PHE C 132 -9.16 -0.45 -22.31
C PHE C 132 -9.63 -1.72 -21.59
N HIS C 133 -10.80 -2.21 -22.00
CA HIS C 133 -11.41 -3.37 -21.36
C HIS C 133 -11.56 -4.48 -22.39
N GLU C 134 -11.06 -5.67 -22.04
CA GLU C 134 -11.13 -6.88 -22.85
C GLU C 134 -11.54 -8.07 -22.00
N VAL C 135 -12.65 -7.91 -21.25
CA VAL C 135 -13.04 -8.91 -20.26
C VAL C 135 -13.42 -10.24 -20.92
N THR C 136 -14.16 -10.19 -22.01
CA THR C 136 -14.37 -11.39 -22.83
C THR C 136 -14.12 -11.13 -24.30
N THR C 137 -14.52 -9.97 -24.80
CA THR C 137 -14.17 -9.50 -26.13
C THR C 137 -13.75 -8.04 -26.01
N ASP C 138 -13.49 -7.40 -27.14
CA ASP C 138 -13.20 -5.98 -27.13
C ASP C 138 -14.48 -5.20 -26.88
N ASN C 139 -14.42 -4.28 -25.91
CA ASN C 139 -15.58 -3.47 -25.55
C ASN C 139 -15.67 -2.21 -26.42
N LYS C 140 -15.64 -2.42 -27.74
CA LYS C 140 -15.73 -1.34 -28.71
C LYS C 140 -16.83 -1.64 -29.70
N LEU C 141 -17.45 -0.59 -30.23
CA LEU C 141 -18.53 -0.74 -31.17
C LEU C 141 -18.51 0.44 -32.14
N LEU C 142 -18.43 0.14 -33.44
CA LEU C 142 -18.49 1.16 -34.47
C LEU C 142 -19.58 0.77 -35.46
N ARG C 143 -20.49 1.71 -35.73
CA ARG C 143 -21.62 1.46 -36.61
C ARG C 143 -21.72 2.58 -37.63
N ILE C 144 -21.88 2.21 -38.90
CA ILE C 144 -21.96 3.17 -40.00
C ILE C 144 -23.39 3.18 -40.51
N SER C 145 -24.01 4.35 -40.49
CA SER C 145 -25.38 4.48 -40.98
C SER C 145 -25.39 4.59 -42.50
N LYS C 146 -26.60 4.71 -43.06
CA LYS C 146 -26.75 4.75 -44.51
C LYS C 146 -26.26 6.06 -45.11
N ASN C 147 -26.46 7.18 -44.41
CA ASN C 147 -26.10 8.49 -44.93
C ASN C 147 -24.66 8.86 -44.63
N GLY C 148 -23.88 7.99 -44.01
CA GLY C 148 -22.49 8.26 -43.71
C GLY C 148 -22.20 8.62 -42.27
N ASN C 149 -23.22 8.72 -41.42
CA ASN C 149 -22.99 9.00 -40.00
C ASN C 149 -22.31 7.80 -39.35
N VAL C 150 -21.36 8.08 -38.47
CA VAL C 150 -20.58 7.06 -37.78
C VAL C 150 -20.78 7.22 -36.29
N LEU C 151 -21.11 6.11 -35.63
CA LEU C 151 -21.27 6.06 -34.18
C LEU C 151 -20.17 5.17 -33.61
N TYR C 152 -19.53 5.63 -32.53
CA TYR C 152 -18.38 4.96 -31.95
C TYR C 152 -18.50 5.00 -30.44
N SER C 153 -18.62 3.83 -29.82
CA SER C 153 -18.79 3.72 -28.38
C SER C 153 -17.74 2.77 -27.81
N ILE C 154 -17.05 3.22 -26.74
CA ILE C 154 -16.06 2.42 -26.06
C ILE C 154 -16.26 2.54 -24.56
N ARG C 155 -15.73 1.58 -23.82
CA ARG C 155 -15.77 1.59 -22.36
C ARG C 155 -14.34 1.62 -21.84
N ILE C 156 -13.99 2.70 -21.14
CA ILE C 156 -12.63 2.93 -20.67
C ILE C 156 -12.67 3.34 -19.21
N THR C 157 -11.52 3.20 -18.55
CA THR C 157 -11.32 3.68 -17.19
C THR C 157 -10.22 4.73 -17.19
N LEU C 158 -10.33 5.70 -16.27
CA LEU C 158 -9.44 6.84 -16.22
C LEU C 158 -8.99 7.10 -14.79
N VAL C 159 -7.82 7.72 -14.67
CA VAL C 159 -7.33 8.24 -13.40
C VAL C 159 -7.02 9.71 -13.64
N LEU C 160 -8.01 10.57 -13.39
CA LEU C 160 -7.86 12.00 -13.62
C LEU C 160 -7.30 12.68 -12.38
N ALA C 161 -6.69 13.84 -12.59
CA ALA C 161 -6.04 14.60 -11.53
C ALA C 161 -6.83 15.86 -11.24
N CYS C 162 -7.07 16.14 -9.95
CA CYS C 162 -7.74 17.36 -9.54
C CYS C 162 -6.98 17.95 -8.35
N PRO C 163 -6.68 19.26 -8.40
CA PRO C 163 -6.08 19.90 -7.22
C PRO C 163 -7.11 20.12 -6.12
N MET C 164 -6.70 19.85 -4.89
CA MET C 164 -7.60 19.94 -3.75
C MET C 164 -7.04 20.93 -2.74
N ASP C 165 -7.90 21.80 -2.22
CA ASP C 165 -7.54 22.79 -1.22
C ASP C 165 -8.26 22.46 0.08
N LEU C 166 -7.51 22.04 1.09
CA LEU C 166 -8.06 21.60 2.37
C LEU C 166 -7.87 22.66 3.45
N LYS C 167 -8.01 23.93 3.09
CA LYS C 167 -7.88 25.01 4.06
C LYS C 167 -9.01 24.97 5.09
N ASN C 168 -10.25 24.85 4.61
CA ASN C 168 -11.41 24.67 5.48
C ASN C 168 -11.76 23.18 5.46
N PHE C 169 -10.97 22.38 6.16
CA PHE C 169 -10.96 20.93 5.93
C PHE C 169 -12.29 20.23 6.19
N PRO C 170 -13.00 20.44 7.32
CA PRO C 170 -14.29 19.74 7.44
C PRO C 170 -15.37 20.35 6.57
N MET C 171 -15.43 21.67 6.47
CA MET C 171 -16.42 22.35 5.63
C MET C 171 -15.78 22.77 4.32
N ASP C 172 -15.37 21.78 3.54
CA ASP C 172 -14.72 22.00 2.26
C ASP C 172 -15.65 21.61 1.10
N VAL C 173 -15.60 22.39 0.03
CA VAL C 173 -16.28 22.07 -1.21
C VAL C 173 -15.21 21.98 -2.30
N GLN C 174 -15.14 20.82 -2.96
CA GLN C 174 -14.15 20.58 -3.99
C GLN C 174 -14.81 20.55 -5.36
N THR C 175 -13.98 20.67 -6.39
CA THR C 175 -14.43 20.64 -7.78
C THR C 175 -13.54 19.71 -8.57
N CYS C 176 -14.15 18.80 -9.32
CA CYS C 176 -13.43 17.85 -10.16
C CYS C 176 -13.60 18.25 -11.61
N ILE C 177 -12.58 17.99 -12.43
CA ILE C 177 -12.48 18.51 -13.78
C ILE C 177 -12.31 17.35 -14.74
N MET C 178 -13.11 17.33 -15.80
CA MET C 178 -12.93 16.42 -16.92
C MET C 178 -12.75 17.23 -18.19
N GLN C 179 -11.67 16.98 -18.92
CA GLN C 179 -11.39 17.69 -20.17
C GLN C 179 -11.23 16.69 -21.31
N LEU C 180 -11.80 17.02 -22.46
CA LEU C 180 -11.72 16.20 -23.66
C LEU C 180 -11.23 17.09 -24.81
N GLU C 181 -9.97 16.94 -25.19
CA GLU C 181 -9.35 17.87 -26.13
C GLU C 181 -8.38 17.16 -27.05
N SER C 182 -8.15 17.76 -28.22
CA SER C 182 -7.54 17.09 -29.36
C SER C 182 -6.01 17.05 -29.26
N PHE C 183 -5.40 16.27 -30.16
CA PHE C 183 -3.96 16.09 -30.25
C PHE C 183 -3.52 16.32 -31.69
N GLY C 184 -3.27 17.57 -32.05
CA GLY C 184 -2.73 17.88 -33.36
C GLY C 184 -3.71 18.35 -34.42
N TYR C 185 -4.93 18.71 -34.03
CA TYR C 185 -5.92 19.25 -34.96
C TYR C 185 -6.43 20.58 -34.42
N THR C 186 -6.46 21.59 -35.28
CA THR C 186 -6.79 22.95 -34.88
C THR C 186 -8.29 23.20 -35.06
N MET C 187 -8.69 24.48 -34.96
CA MET C 187 -10.07 24.87 -35.21
C MET C 187 -10.49 24.64 -36.66
N ASN C 188 -9.55 24.74 -37.59
CA ASN C 188 -9.87 24.59 -39.00
C ASN C 188 -10.18 23.15 -39.41
N ASP C 189 -9.88 22.18 -38.55
CA ASP C 189 -10.06 20.78 -38.90
C ASP C 189 -11.05 20.05 -38.01
N LEU C 190 -10.90 20.13 -36.69
CA LEU C 190 -11.69 19.33 -35.77
C LEU C 190 -12.27 20.22 -34.68
N ILE C 191 -13.58 20.14 -34.48
CA ILE C 191 -14.30 20.91 -33.47
C ILE C 191 -15.11 19.95 -32.61
N PHE C 192 -14.96 20.06 -31.29
CA PHE C 192 -15.71 19.24 -30.35
C PHE C 192 -16.93 20.00 -29.84
N GLU C 193 -18.01 19.29 -29.57
CA GLU C 193 -19.22 19.88 -29.05
C GLU C 193 -19.94 18.89 -28.15
N TRP C 194 -20.54 19.39 -27.08
CA TRP C 194 -21.35 18.55 -26.21
C TRP C 194 -22.67 18.19 -26.89
N ASP C 195 -23.28 17.12 -26.40
CA ASP C 195 -24.59 16.73 -26.90
C ASP C 195 -25.65 17.73 -26.45
N GLU C 196 -26.73 17.81 -27.21
CA GLU C 196 -27.76 18.80 -26.94
C GLU C 196 -28.53 18.47 -25.66
N LYS C 197 -28.95 17.23 -25.50
CA LYS C 197 -29.67 16.79 -24.31
C LYS C 197 -29.07 15.48 -23.80
N GLY C 198 -29.01 15.36 -22.48
CA GLY C 198 -28.40 14.19 -21.87
C GLY C 198 -26.93 14.05 -22.16
N ALA C 199 -26.17 15.14 -22.05
CA ALA C 199 -24.76 15.12 -22.38
C ALA C 199 -23.96 14.27 -21.39
N VAL C 200 -24.16 14.50 -20.09
CA VAL C 200 -23.46 13.78 -19.04
C VAL C 200 -24.50 13.10 -18.17
N GLN C 201 -24.39 11.79 -18.01
CA GLN C 201 -25.30 11.00 -17.20
C GLN C 201 -24.51 10.15 -16.22
N VAL C 202 -25.09 9.94 -15.04
CA VAL C 202 -24.46 9.15 -13.99
C VAL C 202 -25.43 8.07 -13.54
N ALA C 203 -24.91 6.87 -13.32
CA ALA C 203 -25.73 5.76 -12.86
C ALA C 203 -26.20 6.00 -11.43
N ASP C 204 -27.42 5.55 -11.14
CA ASP C 204 -27.98 5.74 -9.81
C ASP C 204 -27.34 4.77 -8.82
N GLY C 205 -27.54 5.05 -7.54
CA GLY C 205 -26.97 4.23 -6.48
C GLY C 205 -25.47 4.27 -6.38
N LEU C 206 -24.87 5.46 -6.50
CA LEU C 206 -23.45 5.65 -6.31
C LEU C 206 -23.21 6.37 -5.00
N THR C 207 -22.36 5.80 -4.16
CA THR C 207 -22.07 6.35 -2.84
C THR C 207 -20.57 6.51 -2.66
N LEU C 208 -20.19 7.49 -1.85
CA LEU C 208 -18.80 7.76 -1.55
C LEU C 208 -18.57 7.73 -0.04
N PRO C 209 -17.40 7.25 0.41
CA PRO C 209 -17.14 7.23 1.86
C PRO C 209 -17.08 8.60 2.49
N GLN C 210 -16.66 9.63 1.74
CA GLN C 210 -16.40 10.94 2.32
C GLN C 210 -17.25 12.06 1.73
N PHE C 211 -17.71 11.94 0.50
CA PHE C 211 -18.26 13.08 -0.24
C PHE C 211 -19.67 12.80 -0.73
N ILE C 212 -20.34 13.87 -1.15
CA ILE C 212 -21.62 13.80 -1.87
C ILE C 212 -21.42 14.37 -3.25
N LEU C 213 -21.73 13.58 -4.28
CA LEU C 213 -21.69 14.06 -5.64
C LEU C 213 -23.04 14.68 -5.98
N LYS C 214 -23.03 16.00 -6.20
CA LYS C 214 -24.27 16.70 -6.49
C LYS C 214 -24.79 16.36 -7.88
N GLU C 215 -26.09 16.53 -8.06
CA GLU C 215 -26.76 16.22 -9.33
C GLU C 215 -26.65 17.35 -10.34
N GLU C 216 -26.06 18.48 -9.97
CA GLU C 216 -25.90 19.62 -10.88
C GLU C 216 -24.48 19.63 -11.41
N LYS C 217 -24.35 19.63 -12.74
CA LYS C 217 -23.05 19.61 -13.40
C LYS C 217 -22.98 20.75 -14.40
N ASP C 218 -21.76 21.19 -14.68
CA ASP C 218 -21.52 22.32 -15.57
C ASP C 218 -20.80 21.83 -16.83
N LEU C 219 -21.27 22.30 -17.98
CA LEU C 219 -20.65 22.01 -19.27
C LEU C 219 -20.15 23.32 -19.85
N ARG C 220 -18.83 23.49 -19.92
CA ARG C 220 -18.22 24.73 -20.33
C ARG C 220 -17.22 24.48 -21.45
N TYR C 221 -17.07 25.48 -22.31
CA TYR C 221 -16.06 25.44 -23.36
C TYR C 221 -14.69 25.82 -22.82
N CYS C 222 -13.69 25.05 -23.23
CA CYS C 222 -12.28 25.43 -23.05
C CYS C 222 -11.64 25.46 -24.43
N THR C 223 -10.66 26.34 -24.61
CA THR C 223 -10.00 26.47 -25.91
C THR C 223 -8.55 26.89 -25.63
N LYS C 224 -7.64 25.92 -25.72
CA LYS C 224 -6.24 26.18 -25.46
C LYS C 224 -5.64 27.01 -26.59
N HIS C 225 -4.78 27.96 -26.23
CA HIS C 225 -4.05 28.79 -27.18
C HIS C 225 -2.57 28.50 -27.05
N TYR C 226 -1.92 28.22 -28.18
CA TYR C 226 -0.49 27.94 -28.20
C TYR C 226 0.13 28.71 -29.36
N ASN C 227 1.46 28.62 -29.47
CA ASN C 227 2.16 29.25 -30.58
C ASN C 227 1.85 28.55 -31.90
N THR C 228 1.55 27.25 -31.84
CA THR C 228 1.24 26.51 -33.06
C THR C 228 -0.13 26.89 -33.60
N GLY C 229 -1.11 27.07 -32.72
CA GLY C 229 -2.45 27.42 -33.15
C GLY C 229 -3.43 27.34 -32.01
N LYS C 230 -4.70 27.15 -32.37
CA LYS C 230 -5.81 27.09 -31.44
C LYS C 230 -6.40 25.69 -31.44
N PHE C 231 -6.61 25.13 -30.26
CA PHE C 231 -7.05 23.74 -30.12
C PHE C 231 -8.37 23.66 -29.34
N THR C 232 -9.21 22.73 -29.75
CA THR C 232 -10.55 22.58 -29.20
C THR C 232 -10.52 21.81 -27.89
N CYS C 233 -11.51 22.08 -27.04
CA CYS C 233 -11.66 21.37 -25.78
C CYS C 233 -13.10 21.52 -25.29
N ILE C 234 -13.51 20.60 -24.41
CA ILE C 234 -14.78 20.67 -23.72
C ILE C 234 -14.54 20.24 -22.27
N GLU C 235 -15.26 20.87 -21.35
CA GLU C 235 -15.03 20.68 -19.93
C GLU C 235 -16.33 20.31 -19.22
N ALA C 236 -16.22 19.40 -18.25
CA ALA C 236 -17.32 19.00 -17.40
C ALA C 236 -16.89 19.09 -15.95
N ARG C 237 -17.72 19.69 -15.10
CA ARG C 237 -17.37 19.97 -13.72
C ARG C 237 -18.34 19.28 -12.77
N PHE C 238 -17.78 18.72 -11.70
CA PHE C 238 -18.56 18.11 -10.62
C PHE C 238 -18.28 18.85 -9.32
N HIS C 239 -19.29 18.90 -8.45
CA HIS C 239 -19.18 19.52 -7.14
C HIS C 239 -19.31 18.46 -6.05
N LEU C 240 -18.44 18.54 -5.04
CA LEU C 240 -18.43 17.59 -3.95
C LEU C 240 -18.56 18.32 -2.62
N GLU C 241 -19.31 17.71 -1.69
CA GLU C 241 -19.47 18.25 -0.35
C GLU C 241 -19.24 17.13 0.66
N ARG C 242 -18.64 17.48 1.79
CA ARG C 242 -18.34 16.51 2.82
C ARG C 242 -19.53 16.31 3.75
N GLN C 243 -19.54 15.15 4.42
CA GLN C 243 -20.64 14.82 5.32
C GLN C 243 -20.67 15.74 6.54
N MET C 244 -19.52 15.90 7.21
CA MET C 244 -19.27 16.77 8.36
C MET C 244 -19.93 16.22 9.63
N GLY C 245 -20.75 15.18 9.49
CA GLY C 245 -21.48 14.65 10.64
C GLY C 245 -20.60 13.89 11.61
N TYR C 246 -19.63 13.14 11.10
CA TYR C 246 -18.77 12.33 11.97
C TYR C 246 -17.84 13.18 12.80
N TYR C 247 -17.34 14.29 12.24
CA TYR C 247 -16.36 15.10 12.96
C TYR C 247 -16.99 15.86 14.11
N LEU C 248 -18.30 16.13 14.05
CA LEU C 248 -18.98 16.77 15.17
C LEU C 248 -19.06 15.84 16.37
N ILE C 249 -19.44 14.58 16.14
CA ILE C 249 -19.70 13.66 17.26
C ILE C 249 -18.44 12.99 17.77
N GLN C 250 -17.32 13.09 17.05
CA GLN C 250 -16.12 12.35 17.41
C GLN C 250 -15.02 13.22 18.00
N MET C 251 -14.84 14.44 17.48
CA MET C 251 -13.73 15.27 17.93
C MET C 251 -14.13 16.69 18.28
N TYR C 252 -15.28 17.19 17.82
CA TYR C 252 -15.71 18.51 18.21
C TYR C 252 -16.40 18.49 19.57
N ILE C 253 -17.39 17.60 19.73
CA ILE C 253 -18.14 17.49 20.98
C ILE C 253 -17.26 17.02 22.14
N PRO C 254 -16.40 15.98 22.02
CA PRO C 254 -15.51 15.67 23.15
C PRO C 254 -14.54 16.80 23.49
N SER C 255 -14.08 17.58 22.51
CA SER C 255 -13.27 18.74 22.82
C SER C 255 -14.08 19.81 23.56
N LEU C 256 -15.35 19.96 23.20
CA LEU C 256 -16.22 20.89 23.91
C LEU C 256 -16.48 20.44 25.34
N LEU C 257 -16.58 19.13 25.56
CA LEU C 257 -16.87 18.63 26.90
C LEU C 257 -15.68 18.76 27.84
N ILE C 258 -14.46 18.66 27.31
CA ILE C 258 -13.28 18.66 28.16
C ILE C 258 -13.06 20.05 28.78
N VAL C 259 -13.27 21.11 27.99
CA VAL C 259 -13.08 22.46 28.54
C VAL C 259 -14.15 22.82 29.56
N ILE C 260 -15.27 22.09 29.59
CA ILE C 260 -16.22 22.25 30.69
C ILE C 260 -15.63 21.67 31.97
N LEU C 261 -14.92 20.54 31.86
CA LEU C 261 -14.20 19.98 32.99
C LEU C 261 -13.05 20.87 33.44
N SER C 262 -12.61 21.79 32.60
CA SER C 262 -11.61 22.76 33.02
C SER C 262 -12.18 23.80 33.98
N TRP C 263 -13.43 24.21 33.76
CA TRP C 263 -14.04 25.30 34.52
C TRP C 263 -14.61 24.85 35.86
N VAL C 264 -14.67 23.54 36.12
CA VAL C 264 -15.28 23.07 37.36
C VAL C 264 -14.36 23.32 38.54
N SER C 265 -13.07 23.60 38.28
CA SER C 265 -12.13 23.89 39.36
C SER C 265 -12.41 25.21 40.05
N PHE C 266 -13.16 26.11 39.42
CA PHE C 266 -13.46 27.40 40.04
C PHE C 266 -14.51 27.30 41.14
N TRP C 267 -15.20 26.17 41.26
CA TRP C 267 -16.21 25.97 42.28
C TRP C 267 -15.71 25.12 43.44
N ILE C 268 -14.40 24.89 43.53
CA ILE C 268 -13.79 24.09 44.57
C ILE C 268 -12.92 24.99 45.42
N ASN C 269 -12.95 24.77 46.74
CA ASN C 269 -12.15 25.55 47.66
C ASN C 269 -10.66 25.33 47.40
N MET C 270 -9.88 26.42 47.45
CA MET C 270 -8.47 26.33 47.11
C MET C 270 -7.61 25.77 48.22
N ASP C 271 -8.18 25.50 49.40
CA ASP C 271 -7.43 24.81 50.44
C ASP C 271 -7.10 23.39 50.05
N ALA C 272 -7.94 22.77 49.19
CA ALA C 272 -7.68 21.44 48.66
C ALA C 272 -6.76 21.58 47.45
N ALA C 273 -5.47 21.80 47.74
CA ALA C 273 -4.49 21.96 46.67
C ALA C 273 -4.30 20.74 45.78
N PRO C 274 -4.19 19.49 46.30
CA PRO C 274 -4.09 18.35 45.38
C PRO C 274 -5.34 18.12 44.54
N ALA C 275 -6.50 18.58 45.00
CA ALA C 275 -7.73 18.39 44.22
C ALA C 275 -7.72 19.25 42.96
N ARG C 276 -7.41 20.54 43.11
CA ARG C 276 -7.45 21.45 41.98
C ARG C 276 -6.25 21.29 41.05
N VAL C 277 -5.07 21.00 41.61
CA VAL C 277 -3.89 20.76 40.79
C VAL C 277 -4.06 19.48 39.98
N GLY C 278 -4.53 18.42 40.63
CA GLY C 278 -4.75 17.15 39.95
C GLY C 278 -5.91 17.17 38.97
N LEU C 279 -6.77 18.18 39.03
CA LEU C 279 -7.86 18.34 38.07
C LEU C 279 -7.47 19.27 36.93
N GLY C 280 -6.72 20.33 37.24
CA GLY C 280 -6.20 21.18 36.17
C GLY C 280 -5.24 20.44 35.27
N ILE C 281 -4.31 19.69 35.86
CA ILE C 281 -3.57 18.69 35.11
C ILE C 281 -4.44 17.46 34.91
N THR C 282 -4.04 16.62 33.96
CA THR C 282 -4.78 15.47 33.40
C THR C 282 -6.01 15.90 32.59
N THR C 283 -6.32 17.21 32.55
CA THR C 283 -7.24 17.77 31.58
C THR C 283 -6.49 18.23 30.35
N VAL C 284 -5.31 18.82 30.55
CA VAL C 284 -4.40 19.08 29.44
C VAL C 284 -3.92 17.77 28.83
N LEU C 285 -3.66 16.77 29.68
CA LEU C 285 -3.28 15.45 29.18
C LEU C 285 -4.41 14.81 28.40
N THR C 286 -5.66 14.97 28.86
CA THR C 286 -6.81 14.47 28.12
C THR C 286 -6.96 15.19 26.79
N MET C 287 -6.72 16.50 26.77
CA MET C 287 -6.76 17.24 25.51
C MET C 287 -5.61 16.85 24.59
N THR C 288 -4.43 16.58 25.16
CA THR C 288 -3.28 16.17 24.36
C THR C 288 -3.50 14.80 23.73
N THR C 289 -4.04 13.84 24.50
CA THR C 289 -4.35 12.54 23.95
C THR C 289 -5.60 12.55 23.08
N GLN C 290 -6.35 13.65 23.07
CA GLN C 290 -7.44 13.81 22.11
C GLN C 290 -6.90 14.32 20.77
N SER C 291 -5.98 15.29 20.81
CA SER C 291 -5.34 15.75 19.58
C SER C 291 -4.44 14.66 18.99
N SER C 292 -3.59 14.06 19.81
CA SER C 292 -2.82 12.91 19.37
C SER C 292 -3.73 11.72 19.18
N GLY C 293 -3.33 10.83 18.28
CA GLY C 293 -4.15 9.69 17.91
C GLY C 293 -5.15 9.96 16.82
N SER C 294 -5.46 11.22 16.55
CA SER C 294 -6.25 11.61 15.40
C SER C 294 -5.39 11.88 14.17
N ARG C 295 -4.06 11.75 14.31
CA ARG C 295 -3.17 12.04 13.19
C ARG C 295 -3.37 11.05 12.04
N ALA C 296 -3.74 9.81 12.36
CA ALA C 296 -4.00 8.83 11.32
C ALA C 296 -5.27 9.16 10.53
N SER C 297 -6.31 9.66 11.22
CA SER C 297 -7.55 9.97 10.54
C SER C 297 -7.44 11.24 9.70
N LEU C 298 -6.77 12.26 10.24
CA LEU C 298 -6.57 13.50 9.49
C LEU C 298 -5.61 13.28 8.33
N PRO C 299 -5.87 13.88 7.17
CA PRO C 299 -4.96 13.74 6.04
C PRO C 299 -3.63 14.45 6.28
N LYS C 300 -2.59 13.95 5.61
CA LYS C 300 -1.25 14.50 5.73
C LYS C 300 -1.17 15.78 4.91
N VAL C 301 -1.32 16.92 5.58
CA VAL C 301 -1.28 18.23 4.95
C VAL C 301 -0.32 19.11 5.73
N SER C 302 0.57 19.80 5.01
CA SER C 302 1.63 20.57 5.66
C SER C 302 1.22 21.98 6.05
N TYR C 303 0.00 22.41 5.74
CA TYR C 303 -0.47 23.72 6.15
C TYR C 303 -1.67 23.58 7.09
N VAL C 304 -2.06 24.71 7.67
CA VAL C 304 -3.09 24.70 8.70
C VAL C 304 -4.46 24.46 8.08
N LYS C 305 -5.35 23.86 8.86
CA LYS C 305 -6.72 23.57 8.45
C LYS C 305 -7.69 24.21 9.45
N ALA C 306 -8.99 24.02 9.19
CA ALA C 306 -10.00 24.54 10.09
C ALA C 306 -10.03 23.75 11.40
N ILE C 307 -9.80 22.45 11.33
CA ILE C 307 -9.81 21.61 12.53
C ILE C 307 -8.61 21.93 13.42
N ASP C 308 -7.47 22.29 12.84
CA ASP C 308 -6.27 22.57 13.61
C ASP C 308 -6.42 23.82 14.47
N ILE C 309 -7.17 24.81 14.00
CA ILE C 309 -7.39 26.02 14.78
C ILE C 309 -8.26 25.72 15.99
N TRP C 310 -9.27 24.86 15.83
CA TRP C 310 -10.13 24.50 16.95
C TRP C 310 -9.36 23.76 18.04
N MET C 311 -8.48 22.85 17.65
CA MET C 311 -7.77 22.05 18.64
C MET C 311 -6.72 22.86 19.38
N ALA C 312 -6.13 23.86 18.73
CA ALA C 312 -5.12 24.68 19.38
C ALA C 312 -5.73 25.64 20.39
N VAL C 313 -6.86 26.26 20.03
CA VAL C 313 -7.53 27.19 20.94
C VAL C 313 -8.12 26.45 22.13
N CYS C 314 -8.67 25.26 21.90
CA CYS C 314 -9.22 24.45 22.99
C CYS C 314 -8.13 24.03 23.96
N LEU C 315 -6.91 23.83 23.47
CA LEU C 315 -5.79 23.56 24.36
C LEU C 315 -5.37 24.80 25.12
N LEU C 316 -5.62 25.99 24.55
CA LEU C 316 -5.24 27.22 25.23
C LEU C 316 -6.13 27.51 26.43
N PHE C 317 -7.40 27.12 26.38
CA PHE C 317 -8.30 27.38 27.51
C PHE C 317 -7.98 26.47 28.69
N VAL C 318 -7.73 25.19 28.45
CA VAL C 318 -7.41 24.29 29.55
C VAL C 318 -6.03 24.59 30.12
N PHE C 319 -5.12 25.16 29.32
CA PHE C 319 -3.84 25.59 29.83
C PHE C 319 -3.95 26.85 30.67
N SER C 320 -4.80 27.80 30.24
CA SER C 320 -4.92 29.07 30.94
C SER C 320 -5.64 28.94 32.28
N ALA C 321 -6.39 27.85 32.49
CA ALA C 321 -7.07 27.67 33.77
C ALA C 321 -6.11 27.22 34.86
N LEU C 322 -5.06 26.47 34.50
CA LEU C 322 -4.09 26.05 35.51
C LEU C 322 -3.26 27.22 36.01
N LEU C 323 -2.96 28.19 35.14
CA LEU C 323 -2.28 29.40 35.58
C LEU C 323 -3.18 30.26 36.47
N GLU C 324 -4.49 30.14 36.33
CA GLU C 324 -5.40 30.89 37.19
C GLU C 324 -5.31 30.40 38.64
N TYR C 325 -5.13 29.09 38.83
CA TYR C 325 -4.96 28.59 40.19
C TYR C 325 -3.61 29.00 40.77
N ALA C 326 -2.57 29.08 39.95
CA ALA C 326 -1.27 29.53 40.45
C ALA C 326 -1.31 30.98 40.87
N ALA C 327 -2.14 31.79 40.24
CA ALA C 327 -2.30 33.18 40.67
C ALA C 327 -3.04 33.28 41.99
N VAL C 328 -4.02 32.39 42.22
CA VAL C 328 -4.82 32.50 43.43
C VAL C 328 -4.15 31.75 44.59
N ASN C 329 -3.32 30.75 44.31
CA ASN C 329 -2.62 30.05 45.37
C ASN C 329 -1.45 30.86 45.92
N PHE C 330 -0.75 31.58 45.04
CA PHE C 330 0.38 32.39 45.48
C PHE C 330 -0.07 33.63 46.23
N ILE C 331 -1.19 34.23 45.82
CA ILE C 331 -1.68 35.43 46.49
C ILE C 331 -2.19 35.10 47.89
N ALA C 332 -2.86 33.95 48.04
CA ALA C 332 -3.41 33.56 49.34
C ALA C 332 -2.30 33.31 50.36
N ARG C 333 -1.21 32.67 49.94
CA ARG C 333 -0.10 32.41 50.86
C ARG C 333 0.71 33.66 51.14
N GLN C 334 0.60 34.70 50.31
CA GLN C 334 1.35 35.93 50.51
C GLN C 334 0.95 36.62 51.81
N HIS C 335 -0.30 36.44 52.24
CA HIS C 335 -0.76 37.02 53.50
C HIS C 335 -0.01 36.42 54.69
N LYS C 336 0.21 35.11 54.67
CA LYS C 336 0.90 34.43 55.77
C LYS C 336 2.41 34.61 55.66
N MET C 399 -6.90 40.59 62.66
CA MET C 399 -6.28 41.62 61.83
C MET C 399 -7.05 41.77 60.52
N ARG C 400 -6.47 42.46 59.53
CA ARG C 400 -7.26 42.91 58.39
C ARG C 400 -7.70 41.76 57.49
N LYS C 401 -6.84 40.74 57.31
CA LYS C 401 -7.05 39.53 56.51
C LYS C 401 -7.75 39.76 55.18
N LEU C 402 -7.42 40.87 54.51
CA LEU C 402 -8.08 41.22 53.25
C LEU C 402 -7.46 40.52 52.03
N PHE C 403 -6.31 39.86 52.19
CA PHE C 403 -5.72 39.14 51.07
C PHE C 403 -6.51 37.89 50.71
N ILE C 404 -7.22 37.31 51.68
CA ILE C 404 -8.07 36.16 51.40
C ILE C 404 -9.26 36.58 50.55
N SER C 405 -9.83 37.77 50.84
CA SER C 405 -10.91 38.30 50.03
C SER C 405 -10.42 38.66 48.63
N ARG C 406 -9.14 39.02 48.50
CA ARG C 406 -8.57 39.23 47.18
C ARG C 406 -8.49 37.93 46.39
N ALA C 407 -8.25 36.81 47.09
CA ALA C 407 -8.27 35.51 46.43
C ALA C 407 -9.69 35.12 46.00
N LYS C 408 -10.70 35.56 46.76
CA LYS C 408 -12.07 35.34 46.34
C LYS C 408 -12.40 36.07 45.05
N ARG C 409 -11.88 37.29 44.89
CA ARG C 409 -12.21 38.10 43.73
C ARG C 409 -11.62 37.53 42.44
N ILE C 410 -10.52 36.79 42.54
CA ILE C 410 -9.96 36.15 41.36
C ILE C 410 -10.86 35.01 40.88
N ASP C 411 -11.35 34.20 41.81
CA ASP C 411 -12.18 33.06 41.43
C ASP C 411 -13.58 33.49 41.01
N THR C 412 -14.15 34.52 41.66
CA THR C 412 -15.50 34.96 41.34
C THR C 412 -15.57 35.54 39.93
N VAL C 413 -14.56 36.33 39.54
CA VAL C 413 -14.53 36.90 38.20
C VAL C 413 -14.28 35.82 37.16
N SER C 414 -13.36 34.88 37.47
CA SER C 414 -12.90 33.92 36.48
C SER C 414 -13.99 32.93 36.08
N ARG C 415 -14.87 32.56 37.00
CA ARG C 415 -15.91 31.59 36.67
C ARG C 415 -17.07 32.20 35.90
N VAL C 416 -17.06 33.51 35.67
CA VAL C 416 -18.01 34.16 34.77
C VAL C 416 -17.33 34.59 33.47
N ALA C 417 -16.08 35.06 33.57
CA ALA C 417 -15.38 35.54 32.38
C ALA C 417 -14.94 34.40 31.47
N PHE C 418 -14.58 33.24 32.03
CA PHE C 418 -14.16 32.11 31.20
C PHE C 418 -15.25 31.59 30.27
N PRO C 419 -16.51 31.35 30.71
CA PRO C 419 -17.52 30.95 29.73
C PRO C 419 -17.89 32.06 28.76
N LEU C 420 -17.79 33.33 29.17
CA LEU C 420 -18.17 34.43 28.29
C LEU C 420 -17.15 34.62 27.18
N VAL C 421 -15.86 34.46 27.49
CA VAL C 421 -14.84 34.65 26.46
C VAL C 421 -14.78 33.44 25.54
N PHE C 422 -15.22 32.27 26.02
CA PHE C 422 -15.26 31.09 25.15
C PHE C 422 -16.43 31.15 24.20
N LEU C 423 -17.56 31.72 24.65
CA LEU C 423 -18.72 31.86 23.79
C LEU C 423 -18.49 32.88 22.69
N ILE C 424 -17.73 33.94 22.98
CA ILE C 424 -17.41 34.95 21.99
C ILE C 424 -16.56 34.34 20.87
N PHE C 425 -15.57 33.55 21.23
CA PHE C 425 -14.75 32.86 20.22
C PHE C 425 -15.59 31.84 19.46
N ASN C 426 -16.51 31.15 20.14
CA ASN C 426 -17.28 30.10 19.49
C ASN C 426 -18.22 30.66 18.44
N ILE C 427 -18.89 31.78 18.72
CA ILE C 427 -19.74 32.39 17.71
C ILE C 427 -18.93 33.11 16.65
N PHE C 428 -17.69 33.47 16.94
CA PHE C 428 -16.81 34.04 15.91
C PHE C 428 -16.27 32.97 14.99
N TYR C 429 -16.03 31.77 15.51
CA TYR C 429 -15.43 30.70 14.71
C TYR C 429 -16.43 30.13 13.69
N TRP C 430 -17.68 29.94 14.11
CA TRP C 430 -18.63 29.25 13.25
C TRP C 430 -19.16 30.13 12.13
N ILE C 431 -19.35 31.43 12.38
CA ILE C 431 -19.95 32.28 11.36
C ILE C 431 -18.97 32.67 10.26
N THR C 432 -17.67 32.54 10.49
CA THR C 432 -16.68 32.88 9.47
C THR C 432 -16.07 31.65 8.80
N TYR C 433 -16.46 30.45 9.22
CA TYR C 433 -16.04 29.23 8.55
C TYR C 433 -17.18 28.44 7.94
N LYS C 434 -18.43 28.83 8.20
CA LYS C 434 -19.59 28.17 7.62
C LYS C 434 -20.40 29.10 6.73
N ILE C 435 -20.68 30.31 7.19
CA ILE C 435 -21.45 31.27 6.41
C ILE C 435 -20.52 32.12 5.57
N PRO D 33 -2.51 13.36 -52.98
CA PRO D 33 -2.48 12.44 -51.84
C PRO D 33 -1.22 12.56 -51.01
N PRO D 34 -1.35 13.11 -49.80
CA PRO D 34 -0.17 13.25 -48.92
C PRO D 34 0.48 11.93 -48.55
N SER D 35 -0.32 10.86 -48.38
CA SER D 35 0.24 9.57 -48.03
C SER D 35 1.02 8.96 -49.20
N GLU D 36 0.54 9.16 -50.43
CA GLU D 36 1.23 8.62 -51.60
C GLU D 36 2.58 9.29 -51.81
N PHE D 37 2.67 10.60 -51.53
CA PHE D 37 3.93 11.31 -51.67
C PHE D 37 4.97 10.84 -50.68
N LEU D 38 4.54 10.47 -49.47
CA LEU D 38 5.49 10.02 -48.44
C LEU D 38 6.00 8.61 -48.74
N ASP D 39 5.22 7.81 -49.46
CA ASP D 39 5.67 6.47 -49.82
C ASP D 39 6.87 6.52 -50.77
N LYS D 40 6.88 7.49 -51.68
CA LYS D 40 8.02 7.67 -52.56
C LYS D 40 9.27 8.07 -51.78
N LEU D 41 9.11 8.91 -50.76
CA LEU D 41 10.25 9.36 -49.97
C LEU D 41 10.79 8.22 -49.10
N MET D 42 9.91 7.36 -48.60
CA MET D 42 10.30 6.25 -47.75
C MET D 42 10.54 4.96 -48.52
N GLY D 43 10.33 4.95 -49.83
CA GLY D 43 10.45 3.73 -50.60
C GLY D 43 11.89 3.29 -50.75
N LYS D 44 12.04 2.01 -51.11
CA LYS D 44 13.37 1.44 -51.34
C LYS D 44 14.02 2.00 -52.60
N VAL D 45 13.23 2.57 -53.52
CA VAL D 45 13.81 3.27 -54.65
C VAL D 45 14.50 4.55 -54.20
N SER D 46 14.02 5.16 -53.12
CA SER D 46 14.68 6.34 -52.56
C SER D 46 15.96 5.97 -51.82
N GLY D 47 16.10 4.73 -51.37
CA GLY D 47 17.32 4.31 -50.71
C GLY D 47 17.48 4.84 -49.31
N TYR D 48 16.39 5.26 -48.66
CA TYR D 48 16.48 5.77 -47.29
C TYR D 48 16.76 4.64 -46.31
N ASP D 49 17.69 4.89 -45.40
CA ASP D 49 18.06 3.92 -44.37
C ASP D 49 17.77 4.51 -43.00
N ALA D 50 17.01 3.77 -42.19
CA ALA D 50 16.62 4.28 -40.88
C ALA D 50 17.75 4.21 -39.87
N ARG D 51 18.73 3.32 -40.08
CA ARG D 51 19.81 3.17 -39.11
C ARG D 51 20.89 4.23 -39.28
N ILE D 52 20.99 4.84 -40.45
CA ILE D 52 22.04 5.81 -40.72
C ILE D 52 21.60 7.18 -40.22
N ARG D 53 22.41 7.79 -39.38
CA ARG D 53 22.10 9.12 -38.87
C ARG D 53 22.25 10.16 -39.97
N PRO D 54 21.55 11.29 -39.87
CA PRO D 54 21.74 12.37 -40.84
C PRO D 54 23.14 12.96 -40.74
N ASN D 55 23.62 13.48 -41.89
CA ASN D 55 24.96 14.05 -42.02
C ASN D 55 26.04 13.04 -41.60
N PHE D 56 25.99 11.87 -42.23
CA PHE D 56 26.94 10.81 -41.92
C PHE D 56 28.35 11.21 -42.35
N LYS D 57 29.33 10.87 -41.51
CA LYS D 57 30.73 11.23 -41.69
C LYS D 57 30.92 12.74 -41.86
N GLY D 58 30.19 13.51 -41.05
CA GLY D 58 30.27 14.94 -41.11
C GLY D 58 30.10 15.59 -39.75
N PRO D 59 29.51 16.79 -39.72
CA PRO D 59 29.29 17.46 -38.45
C PRO D 59 28.24 16.75 -37.62
N PRO D 60 28.28 16.89 -36.29
CA PRO D 60 27.33 16.16 -35.45
C PRO D 60 25.92 16.71 -35.58
N VAL D 61 24.96 15.91 -35.12
CA VAL D 61 23.55 16.28 -35.20
C VAL D 61 23.17 17.07 -33.96
N ASN D 62 22.63 18.27 -34.17
CA ASN D 62 22.26 19.19 -33.11
C ASN D 62 20.75 19.25 -32.95
N VAL D 63 20.27 18.95 -31.76
CA VAL D 63 18.86 18.75 -31.46
C VAL D 63 18.42 19.74 -30.40
N THR D 64 17.25 20.34 -30.59
CA THR D 64 16.67 21.28 -29.64
C THR D 64 15.52 20.61 -28.90
N CYS D 65 15.49 20.77 -27.58
CA CYS D 65 14.52 20.08 -26.73
C CYS D 65 13.68 21.08 -25.94
N ASN D 66 12.42 20.69 -25.71
CA ASN D 66 11.49 21.45 -24.89
C ASN D 66 10.76 20.50 -23.95
N ILE D 67 10.30 21.03 -22.81
CA ILE D 67 9.57 20.24 -21.83
C ILE D 67 8.42 21.07 -21.29
N PHE D 68 7.21 20.52 -21.35
CA PHE D 68 6.02 21.10 -20.74
C PHE D 68 5.51 20.12 -19.69
N ILE D 69 5.29 20.62 -18.48
CA ILE D 69 4.93 19.77 -17.34
C ILE D 69 3.44 19.89 -17.07
N ASN D 70 2.74 18.75 -17.06
CA ASN D 70 1.30 18.74 -16.82
C ASN D 70 0.97 18.52 -15.35
N SER D 71 1.62 17.56 -14.70
CA SER D 71 1.35 17.24 -13.31
C SER D 71 2.66 17.04 -12.57
N PHE D 72 2.62 17.24 -11.25
CA PHE D 72 3.78 17.10 -10.40
C PHE D 72 3.30 16.65 -9.02
N GLY D 73 4.02 15.73 -8.40
CA GLY D 73 3.64 15.30 -7.08
C GLY D 73 4.14 13.89 -6.81
N SER D 74 3.47 13.23 -5.86
CA SER D 74 3.82 11.89 -5.38
C SER D 74 5.26 11.84 -4.88
N ILE D 75 5.68 12.89 -4.18
CA ILE D 75 7.02 12.95 -3.60
C ILE D 75 7.05 12.08 -2.35
N ALA D 76 7.93 11.08 -2.34
CA ALA D 76 8.01 10.13 -1.24
C ALA D 76 9.46 9.99 -0.80
N GLU D 77 9.69 10.09 0.50
CA GLU D 77 11.01 9.87 1.08
C GLU D 77 11.28 8.41 1.38
N THR D 78 10.28 7.54 1.29
CA THR D 78 10.49 6.11 1.54
C THR D 78 11.32 5.49 0.42
N THR D 79 11.07 5.87 -0.83
CA THR D 79 11.78 5.32 -1.97
C THR D 79 12.59 6.35 -2.73
N MET D 80 12.62 7.60 -2.25
CA MET D 80 13.47 8.67 -2.80
C MET D 80 13.16 8.94 -4.27
N ASP D 81 11.89 9.16 -4.59
CA ASP D 81 11.49 9.36 -5.96
C ASP D 81 10.21 10.19 -6.04
N TYR D 82 9.92 10.69 -7.23
CA TYR D 82 8.73 11.48 -7.48
C TYR D 82 8.26 11.22 -8.90
N ARG D 83 6.98 11.51 -9.14
CA ARG D 83 6.35 11.26 -10.43
C ARG D 83 6.07 12.56 -11.16
N VAL D 84 6.02 12.48 -12.48
CA VAL D 84 5.79 13.64 -13.33
C VAL D 84 5.17 13.17 -14.64
N ASN D 85 4.41 14.06 -15.27
CA ASN D 85 3.76 13.79 -16.55
C ASN D 85 4.04 14.97 -17.47
N ILE D 86 4.81 14.74 -18.54
CA ILE D 86 5.36 15.82 -19.33
C ILE D 86 5.05 15.64 -20.81
N PHE D 87 5.16 16.74 -21.54
CA PHE D 87 5.20 16.75 -23.00
C PHE D 87 6.63 17.02 -23.43
N LEU D 88 7.17 16.16 -24.28
CA LEU D 88 8.56 16.26 -24.73
C LEU D 88 8.59 16.50 -26.23
N ARG D 89 9.37 17.50 -26.64
CA ARG D 89 9.46 17.90 -28.05
C ARG D 89 10.91 17.98 -28.46
N GLN D 90 11.24 17.39 -29.61
CA GLN D 90 12.60 17.42 -30.16
C GLN D 90 12.54 17.91 -31.60
N GLN D 91 13.47 18.78 -31.97
CA GLN D 91 13.58 19.29 -33.32
C GLN D 91 15.00 19.10 -33.82
N TRP D 92 15.13 18.55 -35.02
CA TRP D 92 16.44 18.40 -35.66
C TRP D 92 16.27 18.59 -37.16
N ASN D 93 17.30 18.26 -37.92
CA ASN D 93 17.30 18.45 -39.36
C ASN D 93 17.73 17.16 -40.05
N ASP D 94 17.23 16.98 -41.28
CA ASP D 94 17.58 15.83 -42.09
C ASP D 94 17.56 16.23 -43.57
N PRO D 95 18.73 16.32 -44.21
CA PRO D 95 18.75 16.73 -45.63
C PRO D 95 18.11 15.73 -46.57
N ARG D 96 17.97 14.46 -46.17
CA ARG D 96 17.36 13.47 -47.05
C ARG D 96 15.86 13.71 -47.21
N LEU D 97 15.22 14.28 -46.19
CA LEU D 97 13.78 14.52 -46.24
C LEU D 97 13.48 15.94 -46.73
N ALA D 98 13.97 16.24 -47.94
CA ALA D 98 13.78 17.53 -48.57
C ALA D 98 12.94 17.36 -49.82
N TYR D 99 11.85 18.12 -49.91
CA TYR D 99 10.95 18.06 -51.05
C TYR D 99 10.56 19.47 -51.46
N SER D 100 10.25 19.63 -52.74
CA SER D 100 9.81 20.93 -53.26
C SER D 100 8.61 20.85 -54.18
N GLU D 101 8.24 19.67 -54.68
CA GLU D 101 7.14 19.58 -55.64
C GLU D 101 5.79 19.70 -54.95
N TYR D 102 5.66 19.17 -53.75
CA TYR D 102 4.35 19.14 -53.09
C TYR D 102 3.98 20.54 -52.59
N PRO D 103 2.74 20.98 -52.80
CA PRO D 103 2.36 22.34 -52.39
C PRO D 103 2.28 22.52 -50.89
N ASP D 104 1.91 21.48 -50.14
CA ASP D 104 1.74 21.61 -48.70
C ASP D 104 3.09 21.79 -48.01
N ASP D 105 3.12 22.70 -47.04
CA ASP D 105 4.37 22.98 -46.33
C ASP D 105 4.78 21.83 -45.42
N SER D 106 3.83 21.26 -44.69
CA SER D 106 4.11 20.20 -43.74
C SER D 106 3.36 18.93 -44.11
N LEU D 107 4.00 17.79 -43.87
CA LEU D 107 3.42 16.48 -44.10
C LEU D 107 3.42 15.69 -42.81
N ASP D 108 2.25 15.20 -42.41
CA ASP D 108 2.12 14.43 -41.19
C ASP D 108 2.46 12.97 -41.45
N LEU D 109 2.93 12.29 -40.40
CA LEU D 109 3.29 10.88 -40.47
C LEU D 109 2.48 10.12 -39.43
N ASP D 110 1.91 9.00 -39.83
CA ASP D 110 1.12 8.19 -38.92
C ASP D 110 2.02 7.54 -37.86
N PRO D 111 1.52 7.39 -36.64
CA PRO D 111 2.34 6.76 -35.58
C PRO D 111 2.70 5.31 -35.83
N SER D 112 1.97 4.61 -36.71
CA SER D 112 2.28 3.21 -36.97
C SER D 112 3.55 3.04 -37.79
N MET D 113 3.95 4.05 -38.56
CA MET D 113 5.14 3.99 -39.40
C MET D 113 6.28 4.84 -38.84
N LEU D 114 6.42 4.85 -37.52
CA LEU D 114 7.49 5.61 -36.88
C LEU D 114 8.84 4.92 -36.96
N ASP D 115 8.88 3.65 -37.38
CA ASP D 115 10.14 2.92 -37.48
C ASP D 115 10.87 3.20 -38.79
N SER D 116 10.27 3.95 -39.70
CA SER D 116 10.89 4.27 -40.98
C SER D 116 11.64 5.60 -40.97
N ILE D 117 11.70 6.27 -39.82
CA ILE D 117 12.35 7.57 -39.70
C ILE D 117 13.38 7.48 -38.59
N TRP D 118 14.60 7.96 -38.87
CA TRP D 118 15.64 7.99 -37.85
C TRP D 118 15.25 8.94 -36.72
N LYS D 119 15.40 8.48 -35.49
CA LYS D 119 15.10 9.26 -34.30
C LYS D 119 16.26 9.17 -33.34
N PRO D 120 16.51 10.23 -32.55
CA PRO D 120 17.57 10.16 -31.54
C PRO D 120 17.22 9.18 -30.43
N ASP D 121 18.27 8.57 -29.86
CA ASP D 121 18.11 7.58 -28.81
C ASP D 121 18.19 8.23 -27.43
N LEU D 122 17.29 9.18 -27.21
CA LEU D 122 17.21 9.88 -25.95
C LEU D 122 16.71 8.95 -24.85
N PHE D 123 17.22 9.14 -23.64
CA PHE D 123 16.69 8.46 -22.47
C PHE D 123 17.06 9.26 -21.23
N PHE D 124 16.34 9.00 -20.14
CA PHE D 124 16.53 9.72 -18.89
C PHE D 124 17.47 8.92 -17.98
N ALA D 125 18.47 9.60 -17.43
CA ALA D 125 19.48 8.91 -16.64
C ALA D 125 18.94 8.45 -15.30
N ASN D 126 18.17 9.30 -14.63
CA ASN D 126 17.75 9.05 -13.25
C ASN D 126 16.29 8.63 -13.16
N GLU D 127 15.80 7.85 -14.11
CA GLU D 127 14.42 7.37 -14.08
C GLU D 127 14.35 5.93 -13.61
N LYS D 128 13.24 5.58 -12.96
CA LYS D 128 13.00 4.23 -12.49
C LYS D 128 11.98 3.46 -13.30
N GLY D 129 11.01 4.16 -13.90
CA GLY D 129 10.03 3.53 -14.74
C GLY D 129 9.27 4.54 -15.58
N ALA D 130 8.83 4.14 -16.77
CA ALA D 130 8.13 5.05 -17.66
C ALA D 130 7.24 4.26 -18.59
N ASN D 131 6.28 4.97 -19.20
CA ASN D 131 5.36 4.37 -20.15
C ASN D 131 4.80 5.46 -21.05
N PHE D 132 4.30 5.05 -22.20
CA PHE D 132 3.61 5.95 -23.12
C PHE D 132 2.13 5.99 -22.78
N HIS D 133 1.38 6.79 -23.53
CA HIS D 133 -0.05 6.97 -23.31
C HIS D 133 -0.81 6.56 -24.56
N GLU D 134 -1.79 5.68 -24.40
CA GLU D 134 -2.60 5.14 -25.49
C GLU D 134 -4.07 5.13 -25.09
N VAL D 135 -4.57 6.27 -24.60
CA VAL D 135 -5.93 6.34 -24.06
C VAL D 135 -6.97 6.15 -25.18
N THR D 136 -6.76 6.74 -26.33
CA THR D 136 -7.61 6.45 -27.48
C THR D 136 -6.80 6.16 -28.72
N THR D 137 -5.71 6.88 -28.95
CA THR D 137 -4.75 6.62 -30.01
C THR D 137 -3.36 6.76 -29.42
N ASP D 138 -2.34 6.63 -30.26
CA ASP D 138 -0.99 6.91 -29.82
C ASP D 138 -0.81 8.41 -29.64
N ASN D 139 -0.27 8.81 -28.49
CA ASN D 139 -0.05 10.23 -28.19
C ASN D 139 1.30 10.69 -28.73
N LYS D 140 1.54 10.45 -30.01
CA LYS D 140 2.78 10.82 -30.67
C LYS D 140 2.45 11.60 -31.94
N LEU D 141 3.30 12.57 -32.27
CA LEU D 141 3.12 13.37 -33.47
C LEU D 141 4.48 13.63 -34.10
N LEU D 142 4.53 13.55 -35.42
CA LEU D 142 5.76 13.83 -36.17
C LEU D 142 5.41 14.64 -37.40
N ARG D 143 6.16 15.70 -37.64
CA ARG D 143 5.92 16.58 -38.77
C ARG D 143 7.22 16.83 -39.52
N ILE D 144 7.13 16.92 -40.84
CA ILE D 144 8.28 17.14 -41.70
C ILE D 144 8.02 18.38 -42.54
N SER D 145 8.90 19.37 -42.43
CA SER D 145 8.78 20.59 -43.20
C SER D 145 9.42 20.40 -44.57
N LYS D 146 9.41 21.46 -45.37
CA LYS D 146 9.95 21.37 -46.73
C LYS D 146 11.48 21.34 -46.74
N ASN D 147 12.10 22.07 -45.81
CA ASN D 147 13.56 22.17 -45.76
C ASN D 147 14.20 21.08 -44.92
N GLY D 148 13.48 20.00 -44.63
CA GLY D 148 14.03 18.89 -43.88
C GLY D 148 13.89 19.00 -42.38
N ASN D 149 13.30 20.07 -41.86
CA ASN D 149 13.10 20.19 -40.43
C ASN D 149 12.10 19.14 -39.95
N VAL D 150 12.40 18.50 -38.83
CA VAL D 150 11.58 17.43 -38.28
C VAL D 150 11.19 17.81 -36.86
N LEU D 151 9.91 17.69 -36.55
CA LEU D 151 9.38 17.91 -35.21
C LEU D 151 8.81 16.60 -34.69
N TYR D 152 8.93 16.39 -33.38
CA TYR D 152 8.56 15.11 -32.79
C TYR D 152 8.10 15.34 -31.35
N SER D 153 6.80 15.28 -31.11
CA SER D 153 6.21 15.56 -29.81
C SER D 153 5.52 14.31 -29.29
N ILE D 154 5.80 13.95 -28.04
CA ILE D 154 5.21 12.79 -27.39
C ILE D 154 4.79 13.17 -25.97
N ARG D 155 4.05 12.26 -25.34
CA ARG D 155 3.57 12.44 -23.97
C ARG D 155 4.03 11.26 -23.13
N ILE D 156 4.80 11.54 -22.08
CA ILE D 156 5.48 10.51 -21.29
C ILE D 156 5.11 10.69 -19.83
N THR D 157 4.92 9.56 -19.13
CA THR D 157 4.78 9.55 -17.68
C THR D 157 6.04 8.94 -17.08
N LEU D 158 6.67 9.65 -16.15
CA LEU D 158 7.98 9.28 -15.65
C LEU D 158 7.98 9.17 -14.12
N VAL D 159 8.87 8.32 -13.62
CA VAL D 159 9.18 8.23 -12.19
C VAL D 159 10.67 8.46 -12.06
N LEU D 160 11.04 9.58 -11.43
CA LEU D 160 12.43 10.01 -11.36
C LEU D 160 12.92 9.95 -9.92
N ALA D 161 14.17 9.52 -9.74
CA ALA D 161 14.77 9.39 -8.43
C ALA D 161 15.52 10.66 -8.03
N CYS D 162 15.52 10.94 -6.73
CA CYS D 162 16.24 12.08 -6.20
C CYS D 162 16.62 11.82 -4.75
N PRO D 163 17.91 11.88 -4.41
CA PRO D 163 18.31 11.77 -3.01
C PRO D 163 17.84 12.97 -2.20
N MET D 164 17.56 12.73 -0.94
CA MET D 164 17.02 13.75 -0.05
C MET D 164 17.79 13.77 1.26
N ASP D 165 17.92 14.97 1.83
CA ASP D 165 18.55 15.16 3.13
C ASP D 165 17.51 15.72 4.08
N LEU D 166 17.26 14.99 5.17
CA LEU D 166 16.25 15.36 6.15
C LEU D 166 16.87 15.72 7.51
N LYS D 167 18.11 16.22 7.49
CA LYS D 167 18.75 16.64 8.73
C LYS D 167 18.14 17.91 9.30
N ASN D 168 17.36 18.64 8.51
CA ASN D 168 16.66 19.85 8.93
C ASN D 168 15.18 19.73 8.59
N PHE D 169 14.56 18.63 9.00
CA PHE D 169 13.26 18.24 8.47
C PHE D 169 12.14 19.27 8.60
N PRO D 170 11.94 19.98 9.73
CA PRO D 170 10.85 20.99 9.74
C PRO D 170 11.03 22.12 8.75
N MET D 171 12.27 22.54 8.46
CA MET D 171 12.50 23.60 7.48
C MET D 171 13.73 23.24 6.63
N ASP D 172 13.49 22.89 5.38
CA ASP D 172 14.56 22.42 4.51
C ASP D 172 14.21 22.73 3.06
N VAL D 173 15.23 22.75 2.22
CA VAL D 173 15.09 22.96 0.79
C VAL D 173 15.61 21.73 0.07
N GLN D 174 14.79 21.18 -0.82
CA GLN D 174 15.14 19.99 -1.58
C GLN D 174 15.26 20.35 -3.05
N THR D 175 16.17 19.67 -3.75
CA THR D 175 16.42 19.91 -5.17
C THR D 175 16.23 18.60 -5.93
N CYS D 176 15.40 18.65 -6.97
CA CYS D 176 15.14 17.51 -7.83
C CYS D 176 15.57 17.84 -9.25
N ILE D 177 16.23 16.88 -9.90
CA ILE D 177 16.85 17.12 -11.20
C ILE D 177 16.15 16.28 -12.27
N MET D 178 16.57 16.47 -13.51
CA MET D 178 16.03 15.75 -14.66
C MET D 178 17.09 15.74 -15.74
N GLN D 179 17.58 14.55 -16.10
CA GLN D 179 18.68 14.41 -17.04
C GLN D 179 18.21 13.77 -18.34
N LEU D 180 18.80 14.19 -19.45
CA LEU D 180 18.44 13.71 -20.78
C LEU D 180 19.73 13.27 -21.49
N GLU D 181 20.03 11.97 -21.43
CA GLU D 181 21.27 11.43 -21.97
C GLU D 181 21.10 11.02 -23.43
N SER D 182 22.19 10.54 -24.01
CA SER D 182 22.20 9.86 -25.30
C SER D 182 22.78 8.46 -25.08
N PHE D 183 22.06 7.44 -25.54
CA PHE D 183 22.42 6.07 -25.18
C PHE D 183 23.68 5.60 -25.90
N GLY D 184 23.77 5.85 -27.20
CA GLY D 184 24.85 5.27 -27.96
C GLY D 184 25.52 6.17 -28.99
N TYR D 185 25.52 7.47 -28.74
CA TYR D 185 26.16 8.42 -29.64
C TYR D 185 27.01 9.39 -28.83
N THR D 186 28.21 9.67 -29.34
CA THR D 186 29.17 10.50 -28.63
C THR D 186 29.00 11.97 -29.05
N MET D 187 29.92 12.83 -28.59
CA MET D 187 29.81 14.25 -28.85
C MET D 187 30.05 14.60 -30.31
N ASN D 188 30.78 13.76 -31.04
CA ASN D 188 31.00 14.02 -32.45
C ASN D 188 29.86 13.54 -33.33
N ASP D 189 28.83 12.96 -32.75
CA ASP D 189 27.67 12.48 -33.51
C ASP D 189 26.37 13.17 -33.10
N LEU D 190 26.09 13.26 -31.80
CA LEU D 190 24.82 13.79 -31.31
C LEU D 190 25.08 14.75 -30.16
N ILE D 191 24.53 15.96 -30.26
CA ILE D 191 24.63 16.98 -29.22
C ILE D 191 23.22 17.46 -28.90
N PHE D 192 22.90 17.53 -27.61
CA PHE D 192 21.60 18.01 -27.14
C PHE D 192 21.76 19.44 -26.63
N GLU D 193 20.79 20.30 -26.95
CA GLU D 193 20.80 21.69 -26.51
C GLU D 193 19.40 22.11 -26.10
N TRP D 194 19.31 22.92 -25.06
CA TRP D 194 18.03 23.48 -24.63
C TRP D 194 17.56 24.53 -25.62
N ASP D 195 16.25 24.77 -25.64
CA ASP D 195 15.71 25.87 -26.40
C ASP D 195 16.04 27.19 -25.70
N GLU D 196 16.32 28.23 -26.49
CA GLU D 196 16.74 29.49 -25.92
C GLU D 196 15.59 30.24 -25.23
N LYS D 197 14.35 29.93 -25.56
CA LYS D 197 13.20 30.55 -24.91
C LYS D 197 12.15 29.49 -24.62
N GLY D 198 11.58 29.56 -23.43
CA GLY D 198 10.55 28.61 -23.02
C GLY D 198 11.03 27.17 -22.94
N ALA D 199 12.19 26.94 -22.33
CA ALA D 199 12.74 25.60 -22.27
C ALA D 199 11.90 24.68 -21.39
N VAL D 200 11.58 25.13 -20.18
CA VAL D 200 10.77 24.35 -19.25
C VAL D 200 9.57 25.20 -18.85
N GLN D 201 8.37 24.65 -19.04
CA GLN D 201 7.13 25.34 -18.71
C GLN D 201 6.28 24.44 -17.82
N VAL D 202 5.58 25.06 -16.87
CA VAL D 202 4.75 24.34 -15.91
C VAL D 202 3.33 24.89 -16.03
N ALA D 203 2.36 23.98 -16.13
CA ALA D 203 0.96 24.38 -16.24
C ALA D 203 0.49 25.06 -14.95
N ASP D 204 -0.43 25.99 -15.10
CA ASP D 204 -0.93 26.76 -13.97
C ASP D 204 -1.90 25.94 -13.14
N GLY D 205 -1.89 26.20 -11.83
CA GLY D 205 -2.82 25.58 -10.91
C GLY D 205 -2.34 24.33 -10.21
N LEU D 206 -1.07 23.97 -10.37
CA LEU D 206 -0.52 22.78 -9.72
C LEU D 206 -0.27 23.08 -8.24
N THR D 207 -0.57 22.10 -7.39
CA THR D 207 -0.34 22.24 -5.96
C THR D 207 0.18 20.93 -5.40
N LEU D 208 0.86 21.03 -4.26
CA LEU D 208 1.41 19.88 -3.56
C LEU D 208 0.97 19.90 -2.10
N PRO D 209 0.77 18.73 -1.49
CA PRO D 209 0.35 18.70 -0.08
C PRO D 209 1.46 19.06 0.91
N GLN D 210 2.72 18.97 0.51
CA GLN D 210 3.82 19.19 1.44
C GLN D 210 4.67 20.39 1.04
N PHE D 211 5.14 20.42 -0.19
CA PHE D 211 6.14 21.39 -0.63
C PHE D 211 5.52 22.53 -1.42
N ILE D 212 6.36 23.50 -1.76
CA ILE D 212 5.99 24.60 -2.64
C ILE D 212 7.05 24.67 -3.73
N LEU D 213 6.60 24.62 -4.99
CA LEU D 213 7.52 24.64 -6.13
C LEU D 213 7.80 26.09 -6.51
N LYS D 214 9.08 26.47 -6.47
CA LYS D 214 9.46 27.84 -6.77
C LYS D 214 9.39 28.11 -8.27
N GLU D 215 9.28 29.39 -8.60
CA GLU D 215 9.13 29.80 -10.00
C GLU D 215 10.43 29.62 -10.78
N GLU D 216 11.57 29.90 -10.15
CA GLU D 216 12.84 29.86 -10.86
C GLU D 216 13.31 28.43 -11.06
N LYS D 217 13.99 28.21 -12.19
CA LYS D 217 14.56 26.92 -12.54
C LYS D 217 15.96 27.13 -13.09
N ASP D 218 16.77 26.08 -13.00
CA ASP D 218 18.16 26.12 -13.45
C ASP D 218 18.34 25.17 -14.63
N LEU D 219 18.96 25.68 -15.69
CA LEU D 219 19.30 24.88 -16.86
C LEU D 219 20.81 24.89 -17.04
N ARG D 220 21.40 23.71 -17.18
CA ARG D 220 22.85 23.60 -17.22
C ARG D 220 23.24 22.34 -17.96
N TYR D 221 24.52 22.27 -18.35
CA TYR D 221 25.09 21.11 -19.00
C TYR D 221 25.78 20.24 -17.95
N CYS D 222 25.53 18.93 -18.02
CA CYS D 222 26.15 17.95 -17.14
C CYS D 222 26.66 16.77 -17.97
N THR D 223 27.42 17.07 -19.02
CA THR D 223 27.90 16.05 -19.94
C THR D 223 28.78 15.03 -19.25
N LYS D 224 28.67 13.77 -19.69
CA LYS D 224 29.33 12.66 -19.03
C LYS D 224 30.63 12.31 -19.71
N HIS D 225 31.59 11.84 -18.91
CA HIS D 225 32.86 11.34 -19.40
C HIS D 225 32.99 9.87 -19.04
N TYR D 226 33.24 9.03 -20.04
CA TYR D 226 33.42 7.60 -19.85
C TYR D 226 34.69 7.16 -20.58
N ASN D 227 35.06 5.91 -20.35
CA ASN D 227 36.22 5.35 -21.05
C ASN D 227 35.93 5.14 -22.53
N THR D 228 34.67 4.91 -22.89
CA THR D 228 34.33 4.74 -24.29
C THR D 228 34.31 6.06 -25.04
N GLY D 229 34.00 7.16 -24.34
CA GLY D 229 33.97 8.46 -24.98
C GLY D 229 33.25 9.47 -24.12
N LYS D 230 32.82 10.56 -24.76
CA LYS D 230 32.11 11.64 -24.12
C LYS D 230 30.68 11.69 -24.64
N PHE D 231 29.71 11.79 -23.74
CA PHE D 231 28.30 11.70 -24.08
C PHE D 231 27.56 12.93 -23.62
N THR D 232 26.64 13.41 -24.45
CA THR D 232 25.93 14.66 -24.19
C THR D 232 24.82 14.47 -23.16
N CYS D 233 24.50 15.55 -22.46
CA CYS D 233 23.36 15.58 -21.55
C CYS D 233 22.98 17.02 -21.28
N ILE D 234 21.73 17.20 -20.86
CA ILE D 234 21.21 18.50 -20.41
C ILE D 234 20.40 18.26 -19.16
N GLU D 235 20.26 19.30 -18.34
CA GLU D 235 19.65 19.14 -17.03
C GLU D 235 18.68 20.28 -16.74
N ALA D 236 17.71 19.99 -15.88
CA ALA D 236 16.79 20.99 -15.34
C ALA D 236 16.64 20.72 -13.85
N ARG D 237 16.60 21.80 -13.06
CA ARG D 237 16.58 21.70 -11.61
C ARG D 237 15.39 22.44 -11.04
N PHE D 238 14.74 21.82 -10.05
CA PHE D 238 13.61 22.40 -9.35
C PHE D 238 13.93 22.52 -7.86
N HIS D 239 13.60 23.66 -7.27
CA HIS D 239 13.81 23.89 -5.85
C HIS D 239 12.46 23.87 -5.14
N LEU D 240 12.39 23.14 -4.03
CA LEU D 240 11.15 23.00 -3.27
C LEU D 240 11.39 23.43 -1.82
N GLU D 241 10.45 24.19 -1.28
CA GLU D 241 10.45 24.56 0.13
C GLU D 241 9.25 23.93 0.82
N ARG D 242 9.49 23.38 2.01
CA ARG D 242 8.43 22.77 2.80
C ARG D 242 7.84 23.80 3.74
N GLN D 243 6.55 24.12 3.54
CA GLN D 243 5.87 25.04 4.43
C GLN D 243 5.64 24.39 5.79
N MET D 244 5.94 25.14 6.85
CA MET D 244 5.94 24.62 8.21
C MET D 244 4.84 25.22 9.07
N GLY D 245 3.74 25.65 8.45
CA GLY D 245 2.62 26.20 9.20
C GLY D 245 1.95 25.16 10.10
N TYR D 246 1.86 23.92 9.61
CA TYR D 246 1.24 22.87 10.42
C TYR D 246 2.13 22.44 11.57
N TYR D 247 3.43 22.32 11.33
CA TYR D 247 4.34 21.84 12.37
C TYR D 247 4.50 22.85 13.49
N LEU D 248 4.32 24.14 13.19
CA LEU D 248 4.46 25.15 14.23
C LEU D 248 3.29 25.11 15.21
N ILE D 249 2.06 24.95 14.70
CA ILE D 249 0.87 25.00 15.55
C ILE D 249 0.54 23.65 16.19
N GLN D 250 1.16 22.56 15.75
CA GLN D 250 0.82 21.23 16.23
C GLN D 250 1.90 20.59 17.09
N MET D 251 3.17 20.90 16.83
CA MET D 251 4.27 20.26 17.55
C MET D 251 5.10 21.22 18.38
N TYR D 252 5.34 22.44 17.89
CA TYR D 252 6.20 23.36 18.62
C TYR D 252 5.44 24.12 19.70
N ILE D 253 4.29 24.70 19.35
CA ILE D 253 3.50 25.45 20.33
C ILE D 253 2.97 24.57 21.46
N PRO D 254 2.37 23.38 21.21
CA PRO D 254 1.99 22.54 22.35
C PRO D 254 3.15 22.08 23.22
N SER D 255 4.33 21.88 22.63
CA SER D 255 5.49 21.53 23.45
C SER D 255 5.96 22.71 24.29
N LEU D 256 5.77 23.93 23.81
CA LEU D 256 6.16 25.11 24.57
C LEU D 256 5.26 25.30 25.79
N LEU D 257 3.95 25.04 25.64
CA LEU D 257 3.02 25.27 26.73
C LEU D 257 3.19 24.25 27.85
N ILE D 258 3.60 23.01 27.50
CA ILE D 258 3.79 21.99 28.53
C ILE D 258 4.99 22.33 29.40
N VAL D 259 6.05 22.88 28.80
CA VAL D 259 7.24 23.25 29.56
C VAL D 259 6.92 24.39 30.54
N ILE D 260 6.09 25.34 30.11
CA ILE D 260 5.72 26.46 30.97
C ILE D 260 4.89 25.96 32.16
N LEU D 261 4.07 24.93 31.94
CA LEU D 261 3.28 24.37 33.03
C LEU D 261 4.15 23.73 34.11
N SER D 262 5.33 23.23 33.74
CA SER D 262 6.23 22.65 34.73
C SER D 262 6.83 23.70 35.66
N TRP D 263 6.91 24.96 35.22
CA TRP D 263 7.44 26.02 36.06
C TRP D 263 6.44 26.53 37.09
N VAL D 264 5.19 26.08 37.01
CA VAL D 264 4.17 26.47 37.98
C VAL D 264 4.53 25.92 39.36
N SER D 265 5.13 24.73 39.40
CA SER D 265 5.45 24.06 40.66
C SER D 265 6.44 24.85 41.51
N PHE D 266 7.23 25.73 40.91
CA PHE D 266 8.14 26.56 41.69
C PHE D 266 7.38 27.62 42.51
N TRP D 267 6.13 27.89 42.17
CA TRP D 267 5.33 28.85 42.92
C TRP D 267 4.43 28.19 43.96
N ILE D 268 4.17 26.89 43.84
CA ILE D 268 3.37 26.19 44.83
C ILE D 268 4.18 26.03 46.11
N ASN D 269 3.48 25.93 47.24
CA ASN D 269 4.13 25.77 48.53
C ASN D 269 4.90 24.45 48.59
N MET D 270 6.06 24.47 49.25
CA MET D 270 6.89 23.27 49.35
C MET D 270 6.31 22.23 50.30
N ASP D 271 5.35 22.62 51.15
CA ASP D 271 4.72 21.65 52.03
C ASP D 271 3.70 20.77 51.32
N ALA D 272 3.17 21.24 50.18
CA ALA D 272 2.16 20.48 49.44
C ALA D 272 2.87 19.42 48.59
N ALA D 273 3.28 18.35 49.26
CA ALA D 273 3.99 17.26 48.57
C ALA D 273 3.14 16.53 47.53
N PRO D 274 1.89 16.13 47.79
CA PRO D 274 1.12 15.48 46.70
C PRO D 274 0.80 16.41 45.54
N ALA D 275 0.75 17.72 45.78
CA ALA D 275 0.43 18.65 44.69
C ALA D 275 1.61 18.80 43.74
N ARG D 276 2.81 18.97 44.27
CA ARG D 276 3.97 19.23 43.43
C ARG D 276 4.48 17.96 42.75
N VAL D 277 4.40 16.82 43.45
CA VAL D 277 4.84 15.56 42.85
C VAL D 277 3.87 15.12 41.75
N GLY D 278 2.56 15.27 42.01
CA GLY D 278 1.58 14.89 41.01
C GLY D 278 1.63 15.74 39.75
N LEU D 279 1.91 17.04 39.92
CA LEU D 279 2.09 17.91 38.75
C LEU D 279 3.36 17.57 38.00
N GLY D 280 4.44 17.25 38.73
CA GLY D 280 5.70 16.99 38.08
C GLY D 280 5.72 15.72 37.23
N ILE D 281 5.12 14.64 37.74
CA ILE D 281 5.20 13.37 37.03
C ILE D 281 4.17 13.31 35.90
N THR D 282 3.05 14.03 36.03
CA THR D 282 2.06 14.02 34.96
C THR D 282 2.52 14.86 33.77
N THR D 283 3.29 15.91 34.04
CA THR D 283 3.85 16.72 32.95
C THR D 283 4.79 15.92 32.08
N VAL D 284 5.57 15.01 32.69
CA VAL D 284 6.42 14.11 31.92
C VAL D 284 5.57 13.14 31.11
N LEU D 285 4.46 12.67 31.69
CA LEU D 285 3.56 11.78 30.97
C LEU D 285 2.91 12.49 29.80
N THR D 286 2.52 13.76 29.98
CA THR D 286 1.96 14.53 28.88
C THR D 286 2.99 14.77 27.79
N MET D 287 4.24 15.01 28.17
CA MET D 287 5.29 15.26 27.18
C MET D 287 5.62 13.99 26.41
N THR D 288 5.58 12.84 27.07
CA THR D 288 5.86 11.57 26.39
C THR D 288 4.73 11.19 25.43
N THR D 289 3.49 11.52 25.81
CA THR D 289 2.36 11.28 24.91
C THR D 289 2.46 12.15 23.66
N GLN D 290 2.89 13.40 23.81
CA GLN D 290 3.06 14.29 22.67
C GLN D 290 4.14 13.79 21.73
N SER D 291 5.24 13.25 22.27
CA SER D 291 6.33 12.78 21.42
C SER D 291 5.97 11.49 20.71
N SER D 292 5.34 10.55 21.41
CA SER D 292 5.01 9.27 20.79
C SER D 292 3.84 9.39 19.82
N GLY D 293 2.91 10.31 20.09
CA GLY D 293 1.79 10.50 19.18
C GLY D 293 2.22 11.08 17.85
N SER D 294 3.24 11.93 17.86
CA SER D 294 3.76 12.55 16.65
C SER D 294 4.78 11.68 15.92
N ARG D 295 5.10 10.50 16.47
CA ARG D 295 6.10 9.64 15.84
C ARG D 295 5.57 9.05 14.53
N ALA D 296 4.27 8.76 14.46
CA ALA D 296 3.72 8.11 13.27
C ALA D 296 3.54 9.08 12.11
N SER D 297 3.65 10.39 12.34
CA SER D 297 3.43 11.38 11.30
C SER D 297 4.73 11.93 10.74
N LEU D 298 5.87 11.33 11.08
CA LEU D 298 7.15 11.80 10.59
C LEU D 298 7.78 10.77 9.65
N PRO D 299 8.63 11.21 8.71
CA PRO D 299 9.30 10.25 7.83
C PRO D 299 10.20 9.31 8.60
N LYS D 300 10.31 8.09 8.09
CA LYS D 300 11.06 7.02 8.74
C LYS D 300 12.51 7.11 8.30
N VAL D 301 13.35 7.72 9.13
CA VAL D 301 14.79 7.80 8.87
C VAL D 301 15.53 7.24 10.07
N SER D 302 16.86 7.20 10.00
CA SER D 302 17.67 6.68 11.08
C SER D 302 18.63 7.70 11.68
N TYR D 303 18.76 8.88 11.09
CA TYR D 303 19.60 9.93 11.66
C TYR D 303 18.75 10.96 12.39
N VAL D 304 19.44 11.83 13.12
CA VAL D 304 18.76 12.80 13.98
C VAL D 304 18.32 13.99 13.13
N LYS D 305 17.02 14.29 13.15
CA LYS D 305 16.49 15.45 12.47
C LYS D 305 16.42 16.64 13.43
N ALA D 306 16.06 17.80 12.88
CA ALA D 306 15.98 19.01 13.69
C ALA D 306 14.79 18.97 14.64
N ILE D 307 13.72 18.24 14.29
CA ILE D 307 12.59 18.12 15.18
C ILE D 307 12.92 17.23 16.37
N ASP D 308 13.84 16.29 16.20
CA ASP D 308 14.19 15.37 17.28
C ASP D 308 15.00 16.06 18.37
N ILE D 309 15.81 17.05 18.00
CA ILE D 309 16.58 17.79 18.98
C ILE D 309 15.68 18.62 19.87
N TRP D 310 14.65 19.25 19.27
CA TRP D 310 13.70 20.04 20.04
C TRP D 310 12.90 19.18 21.01
N MET D 311 12.48 18.00 20.57
CA MET D 311 11.64 17.15 21.42
C MET D 311 12.45 16.51 22.53
N ALA D 312 13.75 16.28 22.30
CA ALA D 312 14.57 15.64 23.32
C ALA D 312 14.86 16.56 24.50
N VAL D 313 15.22 17.81 24.23
CA VAL D 313 15.59 18.72 25.30
C VAL D 313 14.38 19.31 26.00
N CYS D 314 13.21 19.33 25.36
CA CYS D 314 11.99 19.73 26.07
C CYS D 314 11.61 18.67 27.10
N LEU D 315 11.89 17.40 26.81
CA LEU D 315 11.78 16.36 27.82
C LEU D 315 12.81 16.54 28.92
N LEU D 316 13.99 17.08 28.58
CA LEU D 316 15.02 17.28 29.59
C LEU D 316 14.66 18.40 30.56
N PHE D 317 13.90 19.39 30.11
CA PHE D 317 13.54 20.50 31.00
C PHE D 317 12.50 20.07 32.02
N VAL D 318 11.47 19.34 31.59
CA VAL D 318 10.46 18.87 32.52
C VAL D 318 10.99 17.76 33.42
N PHE D 319 12.00 17.02 32.97
CA PHE D 319 12.64 16.03 33.83
C PHE D 319 13.47 16.71 34.91
N SER D 320 14.14 17.82 34.57
CA SER D 320 14.94 18.55 35.55
C SER D 320 14.09 19.29 36.56
N ALA D 321 12.85 19.63 36.22
CA ALA D 321 11.96 20.31 37.16
C ALA D 321 11.56 19.39 38.30
N LEU D 322 11.36 18.10 38.00
CA LEU D 322 10.99 17.14 39.04
C LEU D 322 12.14 16.88 39.99
N LEU D 323 13.38 16.86 39.49
CA LEU D 323 14.53 16.70 40.37
C LEU D 323 14.76 17.91 41.26
N GLU D 324 14.25 19.09 40.85
CA GLU D 324 14.39 20.28 41.67
C GLU D 324 13.62 20.15 42.98
N TYR D 325 12.42 19.58 42.93
CA TYR D 325 11.64 19.41 44.15
C TYR D 325 12.24 18.34 45.05
N ALA D 326 12.92 17.35 44.47
CA ALA D 326 13.56 16.32 45.27
C ALA D 326 14.66 16.89 46.15
N ALA D 327 15.39 17.89 45.64
CA ALA D 327 16.39 18.56 46.45
C ALA D 327 15.75 19.44 47.52
N VAL D 328 14.61 20.06 47.20
CA VAL D 328 13.94 20.92 48.17
C VAL D 328 13.34 20.10 49.32
N ASN D 329 12.67 19.00 48.98
CA ASN D 329 12.03 18.18 50.01
C ASN D 329 13.05 17.46 50.88
N PHE D 330 14.19 17.04 50.31
CA PHE D 330 15.19 16.32 51.08
C PHE D 330 15.90 17.24 52.06
N ILE D 331 16.17 18.48 51.66
CA ILE D 331 16.86 19.42 52.54
C ILE D 331 15.95 19.84 53.68
N ALA D 332 14.69 20.16 53.39
CA ALA D 332 13.76 20.63 54.41
C ALA D 332 13.39 19.54 55.41
N ARG D 333 13.53 18.26 55.04
CA ARG D 333 13.16 17.18 55.94
C ARG D 333 14.23 16.96 57.02
N GLN D 334 15.45 17.47 56.80
CA GLN D 334 16.51 17.32 57.79
C GLN D 334 16.20 18.08 59.06
N HIS D 335 16.36 17.41 60.19
CA HIS D 335 16.17 17.98 61.53
C HIS D 335 14.78 18.58 61.70
N LYS D 336 13.77 17.75 61.46
CA LYS D 336 12.38 18.18 61.57
C LYS D 336 11.90 18.14 63.01
N MET D 399 19.12 26.78 63.87
CA MET D 399 19.38 25.73 62.89
C MET D 399 18.07 25.21 62.29
N ARG D 400 16.96 25.43 63.02
CA ARG D 400 15.65 25.04 62.51
C ARG D 400 15.28 25.83 61.27
N LYS D 401 15.52 27.14 61.28
CA LYS D 401 15.25 28.01 60.14
C LYS D 401 16.41 28.07 59.17
N LEU D 402 17.53 27.39 59.47
CA LEU D 402 18.65 27.36 58.53
C LEU D 402 18.32 26.53 57.30
N PHE D 403 17.75 25.34 57.50
CA PHE D 403 17.38 24.51 56.37
C PHE D 403 16.18 25.06 55.61
N ILE D 404 15.25 25.71 56.32
CA ILE D 404 14.10 26.31 55.66
C ILE D 404 14.54 27.48 54.78
N SER D 405 15.52 28.25 55.25
CA SER D 405 16.07 29.33 54.42
C SER D 405 16.81 28.78 53.21
N ARG D 406 17.53 27.68 53.39
CA ARG D 406 18.24 27.06 52.27
C ARG D 406 17.26 26.44 51.27
N ALA D 407 16.18 25.84 51.77
CA ALA D 407 15.18 25.27 50.87
C ALA D 407 14.41 26.36 50.15
N LYS D 408 14.15 27.48 50.82
CA LYS D 408 13.46 28.60 50.18
C LYS D 408 14.35 29.29 49.15
N ARG D 409 15.66 29.34 49.39
CA ARG D 409 16.56 30.00 48.46
C ARG D 409 16.70 29.20 47.17
N ILE D 410 16.51 27.89 47.21
CA ILE D 410 16.55 27.09 45.99
C ILE D 410 15.33 27.39 45.12
N ASP D 411 14.15 27.47 45.73
CA ASP D 411 12.95 27.83 44.99
C ASP D 411 12.97 29.27 44.52
N THR D 412 13.65 30.15 45.25
CA THR D 412 13.73 31.56 44.86
C THR D 412 14.58 31.73 43.60
N VAL D 413 15.71 31.05 43.52
CA VAL D 413 16.57 31.18 42.34
C VAL D 413 16.07 30.36 41.16
N SER D 414 15.28 29.31 41.41
CA SER D 414 14.76 28.50 40.32
C SER D 414 13.59 29.17 39.60
N ARG D 415 12.99 30.19 40.20
CA ARG D 415 11.93 30.93 39.53
C ARG D 415 12.45 31.77 38.38
N VAL D 416 13.73 32.13 38.39
CA VAL D 416 14.31 32.93 37.33
C VAL D 416 15.39 32.19 36.56
N ALA D 417 15.97 31.11 37.11
CA ALA D 417 17.02 30.40 36.39
C ALA D 417 16.44 29.58 35.25
N PHE D 418 15.33 28.90 35.48
CA PHE D 418 14.71 28.07 34.45
C PHE D 418 14.22 28.85 33.23
N PRO D 419 13.52 30.00 33.35
CA PRO D 419 13.13 30.71 32.11
C PRO D 419 14.29 31.26 31.30
N LEU D 420 15.35 31.75 31.95
CA LEU D 420 16.48 32.32 31.21
C LEU D 420 17.28 31.25 30.49
N VAL D 421 17.40 30.06 31.08
CA VAL D 421 18.10 28.97 30.40
C VAL D 421 17.32 28.53 29.17
N PHE D 422 15.99 28.42 29.28
CA PHE D 422 15.17 28.05 28.14
C PHE D 422 15.16 29.14 27.08
N LEU D 423 15.23 30.42 27.49
CA LEU D 423 15.27 31.50 26.52
C LEU D 423 16.60 31.55 25.78
N ILE D 424 17.69 31.18 26.46
CA ILE D 424 19.00 31.14 25.81
C ILE D 424 19.02 30.04 24.75
N PHE D 425 18.48 28.86 25.07
CA PHE D 425 18.47 27.75 24.12
C PHE D 425 17.61 28.07 22.90
N ASN D 426 16.48 28.73 23.10
CA ASN D 426 15.61 29.08 21.98
C ASN D 426 16.27 30.08 21.04
N ILE D 427 17.18 30.91 21.56
CA ILE D 427 17.96 31.79 20.71
C ILE D 427 18.88 30.97 19.80
N PHE D 428 19.56 29.98 20.37
CA PHE D 428 20.52 29.20 19.59
C PHE D 428 19.84 28.26 18.62
N TYR D 429 18.62 27.79 18.94
CA TYR D 429 17.93 26.86 18.07
C TYR D 429 17.39 27.55 16.83
N TRP D 430 16.81 28.75 16.98
CA TRP D 430 16.15 29.42 15.88
C TRP D 430 17.09 30.30 15.06
N ILE D 431 18.37 30.33 15.39
CA ILE D 431 19.38 30.98 14.56
C ILE D 431 20.15 29.96 13.72
N THR D 432 20.46 28.81 14.31
CA THR D 432 21.18 27.77 13.60
C THR D 432 20.38 27.24 12.42
N TYR D 433 19.09 26.99 12.62
CA TYR D 433 18.25 26.39 11.59
C TYR D 433 17.53 27.41 10.72
N LYS D 434 17.78 28.70 10.93
CA LYS D 434 17.21 29.74 10.08
C LYS D 434 18.24 30.59 9.36
N ILE D 435 19.48 30.63 9.83
CA ILE D 435 20.51 31.44 9.20
C ILE D 435 21.65 30.57 8.72
N PRO E 121 4.22 -16.96 -38.00
CA PRO E 121 3.78 -17.62 -39.25
C PRO E 121 4.67 -18.80 -39.61
N SER E 122 4.34 -19.98 -39.08
CA SER E 122 5.11 -21.20 -39.35
C SER E 122 4.16 -22.34 -39.63
N GLN E 123 4.65 -23.32 -40.39
CA GLN E 123 3.88 -24.50 -40.75
C GLN E 123 4.74 -25.74 -40.55
N LEU E 124 4.08 -26.86 -40.27
CA LEU E 124 4.79 -28.14 -40.15
C LEU E 124 5.40 -28.56 -41.48
N SER E 125 4.68 -28.32 -42.58
CA SER E 125 5.19 -28.58 -43.92
C SER E 125 4.91 -27.35 -44.78
N SER E 126 5.97 -26.57 -45.05
CA SER E 126 5.86 -25.35 -45.83
C SER E 126 6.95 -25.34 -46.90
N GLU E 127 6.67 -24.62 -47.99
CA GLU E 127 7.58 -24.57 -49.13
C GLU E 127 8.61 -23.49 -48.90
N ASP E 128 9.83 -23.90 -48.57
CA ASP E 128 10.95 -22.97 -48.41
C ASP E 128 12.24 -23.74 -48.63
N LEU E 129 13.14 -23.16 -49.41
CA LEU E 129 14.41 -23.81 -49.77
C LEU E 129 15.54 -23.06 -49.06
N ALA E 130 16.18 -23.73 -48.10
CA ALA E 130 17.33 -23.20 -47.40
C ALA E 130 18.40 -24.27 -47.35
N ARG E 131 19.57 -23.98 -47.92
CA ARG E 131 20.67 -24.93 -47.94
C ARG E 131 21.58 -24.83 -46.72
N VAL E 132 21.43 -23.78 -45.92
CA VAL E 132 22.28 -23.58 -44.74
C VAL E 132 22.05 -24.59 -43.60
N PRO E 133 20.85 -25.21 -43.38
CA PRO E 133 20.80 -26.27 -42.37
C PRO E 133 21.39 -27.56 -42.91
N ALA E 134 22.59 -27.90 -42.44
CA ALA E 134 23.30 -29.11 -42.86
C ALA E 134 23.78 -29.83 -41.61
N ASN E 135 22.99 -30.80 -41.15
CA ASN E 135 23.23 -31.54 -39.91
C ASN E 135 23.35 -30.59 -38.72
N SER E 136 22.54 -29.53 -38.74
CA SER E 136 22.46 -28.58 -37.66
C SER E 136 21.21 -28.87 -36.84
N THR E 137 20.88 -27.98 -35.91
CA THR E 137 19.63 -28.10 -35.19
C THR E 137 18.43 -27.92 -36.12
N SER E 138 18.51 -26.95 -37.04
CA SER E 138 17.39 -26.65 -37.92
C SER E 138 17.15 -27.71 -38.98
N ASN E 139 18.17 -28.50 -39.32
CA ASN E 139 18.03 -29.47 -40.40
C ASN E 139 17.25 -30.70 -39.97
N ILE E 140 17.33 -31.09 -38.71
CA ILE E 140 16.85 -32.41 -38.30
C ILE E 140 15.39 -32.39 -37.89
N LEU E 141 14.90 -31.34 -37.22
CA LEU E 141 13.54 -31.40 -36.69
C LEU E 141 12.50 -31.25 -37.78
N ASN E 142 12.84 -30.59 -38.89
CA ASN E 142 11.90 -30.42 -39.98
C ASN E 142 11.55 -31.75 -40.63
N LYS E 143 12.48 -32.70 -40.64
CA LYS E 143 12.14 -34.06 -41.04
C LYS E 143 11.30 -34.76 -39.98
N LEU E 144 11.51 -34.43 -38.71
CA LEU E 144 10.69 -35.00 -37.64
C LEU E 144 9.28 -34.42 -37.67
N LEU E 145 9.15 -33.12 -37.93
CA LEU E 145 7.86 -32.46 -37.93
C LEU E 145 7.19 -32.47 -39.29
N ILE E 146 7.06 -33.66 -39.88
CA ILE E 146 6.30 -33.87 -41.10
C ILE E 146 5.12 -34.77 -40.75
N THR E 147 3.90 -34.31 -41.06
CA THR E 147 2.65 -34.95 -40.67
C THR E 147 2.59 -35.17 -39.16
N TYR E 148 3.04 -34.16 -38.41
CA TYR E 148 2.99 -34.16 -36.95
C TYR E 148 1.96 -33.12 -36.52
N ASP E 149 0.89 -33.58 -35.89
CA ASP E 149 -0.18 -32.69 -35.45
C ASP E 149 0.01 -32.34 -33.99
N PRO E 150 0.22 -31.07 -33.64
CA PRO E 150 0.42 -30.71 -32.23
C PRO E 150 -0.84 -30.80 -31.39
N ARG E 151 -2.02 -30.90 -31.99
CA ARG E 151 -3.27 -30.99 -31.25
C ARG E 151 -3.65 -32.42 -30.91
N ILE E 152 -2.83 -33.40 -31.28
CA ILE E 152 -3.13 -34.80 -31.02
C ILE E 152 -2.14 -35.29 -29.96
N ARG E 153 -2.67 -35.84 -28.88
CA ARG E 153 -1.84 -36.34 -27.80
C ARG E 153 -1.10 -37.61 -28.25
N PRO E 154 0.04 -37.93 -27.63
CA PRO E 154 0.72 -39.19 -27.95
C PRO E 154 -0.12 -40.39 -27.57
N ASN E 155 0.03 -41.46 -28.34
CA ASN E 155 -0.76 -42.69 -28.22
C ASN E 155 -2.25 -42.38 -28.28
N PHE E 156 -2.67 -41.82 -29.40
CA PHE E 156 -4.06 -41.41 -29.58
C PHE E 156 -4.97 -42.62 -29.61
N LYS E 157 -6.09 -42.53 -28.88
CA LYS E 157 -7.07 -43.61 -28.75
C LYS E 157 -6.44 -44.90 -28.25
N GLY E 158 -5.55 -44.77 -27.26
CA GLY E 158 -4.83 -45.90 -26.71
C GLY E 158 -4.51 -45.70 -25.26
N ILE E 159 -3.28 -46.06 -24.88
CA ILE E 159 -2.85 -45.97 -23.48
C ILE E 159 -2.69 -44.49 -23.10
N PRO E 160 -3.22 -44.05 -21.97
CA PRO E 160 -3.04 -42.67 -21.55
C PRO E 160 -1.58 -42.36 -21.23
N VAL E 161 -1.19 -41.11 -21.47
CA VAL E 161 0.18 -40.68 -21.22
C VAL E 161 0.34 -40.36 -19.74
N GLU E 162 1.57 -40.52 -19.26
CA GLU E 162 1.90 -40.31 -17.85
C GLU E 162 2.99 -39.26 -17.73
N ASP E 163 2.84 -38.38 -16.75
CA ASP E 163 3.78 -37.28 -16.52
C ASP E 163 4.47 -37.46 -15.18
N ARG E 164 5.78 -37.20 -15.16
CA ARG E 164 6.56 -37.19 -13.93
C ARG E 164 6.90 -35.74 -13.61
N VAL E 165 6.45 -35.26 -12.46
CA VAL E 165 6.54 -33.85 -12.09
C VAL E 165 7.34 -33.74 -10.81
N ASN E 166 8.27 -32.76 -10.82
CA ASN E 166 9.08 -32.45 -9.63
C ASN E 166 9.12 -30.93 -9.54
N ILE E 167 9.25 -30.38 -8.33
CA ILE E 167 9.21 -28.94 -8.12
C ILE E 167 10.40 -28.54 -7.25
N PHE E 168 11.15 -27.55 -7.69
CA PHE E 168 12.21 -26.92 -6.91
C PHE E 168 11.72 -25.54 -6.48
N ILE E 169 11.84 -25.23 -5.20
CA ILE E 169 11.30 -24.01 -4.62
C ILE E 169 12.45 -23.06 -4.33
N ASN E 170 12.38 -21.85 -4.89
CA ASN E 170 13.40 -20.83 -4.69
C ASN E 170 13.04 -19.87 -3.58
N SER E 171 11.91 -19.17 -3.71
CA SER E 171 11.49 -18.15 -2.76
C SER E 171 10.15 -18.54 -2.14
N PHE E 172 9.98 -18.21 -0.87
CA PHE E 172 8.76 -18.50 -0.14
C PHE E 172 8.55 -17.37 0.87
N GLY E 173 7.36 -16.78 0.86
CA GLY E 173 7.08 -15.72 1.81
C GLY E 173 5.88 -14.90 1.35
N SER E 174 5.83 -13.67 1.87
CA SER E 174 4.72 -12.73 1.66
C SER E 174 3.39 -13.35 2.07
N ILE E 175 3.39 -14.08 3.19
CA ILE E 175 2.17 -14.69 3.70
C ILE E 175 1.29 -13.59 4.27
N GLN E 176 0.07 -13.48 3.75
CA GLN E 176 -0.84 -12.41 4.12
C GLN E 176 -2.13 -12.99 4.66
N GLU E 177 -2.60 -12.42 5.76
CA GLU E 177 -3.89 -12.80 6.33
C GLU E 177 -5.03 -11.90 5.89
N THR E 178 -4.73 -10.74 5.31
CA THR E 178 -5.78 -9.86 4.81
C THR E 178 -6.45 -10.46 3.57
N THR E 179 -5.65 -11.00 2.66
CA THR E 179 -6.17 -11.58 1.43
C THR E 179 -6.05 -13.11 1.39
N MET E 180 -5.38 -13.72 2.38
CA MET E 180 -5.23 -15.17 2.48
C MET E 180 -4.53 -15.75 1.25
N ASP E 181 -3.28 -15.33 1.06
CA ASP E 181 -2.50 -15.78 -0.09
C ASP E 181 -1.02 -15.69 0.24
N TYR E 182 -0.20 -16.29 -0.61
CA TYR E 182 1.24 -16.33 -0.42
C TYR E 182 1.91 -16.57 -1.75
N ARG E 183 3.08 -15.97 -1.94
CA ARG E 183 3.79 -15.98 -3.22
C ARG E 183 4.98 -16.94 -3.16
N VAL E 184 5.10 -17.79 -4.18
CA VAL E 184 6.17 -18.77 -4.26
C VAL E 184 6.80 -18.68 -5.65
N ASN E 185 8.12 -18.74 -5.70
CA ASN E 185 8.86 -18.81 -6.96
C ASN E 185 9.43 -20.21 -7.11
N ILE E 186 9.10 -20.89 -8.21
CA ILE E 186 9.39 -22.31 -8.36
C ILE E 186 10.09 -22.59 -9.68
N PHE E 187 10.70 -23.78 -9.73
CA PHE E 187 11.16 -24.40 -10.97
C PHE E 187 10.30 -25.65 -11.19
N LEU E 188 9.69 -25.75 -12.37
CA LEU E 188 8.75 -26.82 -12.68
C LEU E 188 9.30 -27.67 -13.81
N ARG E 189 9.33 -28.98 -13.62
CA ARG E 189 9.85 -29.92 -14.61
C ARG E 189 8.84 -31.03 -14.84
N GLN E 190 8.54 -31.30 -16.12
CA GLN E 190 7.65 -32.38 -16.50
C GLN E 190 8.35 -33.28 -17.52
N ARG E 191 8.00 -34.56 -17.50
CA ARG E 191 8.58 -35.52 -18.43
C ARG E 191 7.51 -36.50 -18.90
N TRP E 192 7.53 -36.81 -20.19
CA TRP E 192 6.63 -37.80 -20.76
C TRP E 192 7.33 -38.45 -21.94
N ASN E 193 6.57 -39.27 -22.68
CA ASN E 193 7.11 -40.02 -23.81
C ASN E 193 6.26 -39.77 -25.04
N ASP E 194 6.91 -39.46 -26.15
CA ASP E 194 6.23 -39.23 -27.43
C ASP E 194 6.77 -40.19 -28.47
N PRO E 195 6.04 -41.24 -28.84
CA PRO E 195 6.55 -42.18 -29.86
C PRO E 195 6.66 -41.57 -31.24
N ARG E 196 6.05 -40.43 -31.50
CA ARG E 196 6.16 -39.77 -32.80
C ARG E 196 7.47 -39.01 -32.97
N LEU E 197 8.30 -38.93 -31.93
CA LEU E 197 9.56 -38.19 -32.00
C LEU E 197 10.74 -39.13 -31.84
N ARG E 198 10.70 -40.28 -32.52
CA ARG E 198 11.84 -41.19 -32.53
C ARG E 198 13.05 -40.51 -33.14
N LEU E 199 14.20 -40.69 -32.51
CA LEU E 199 15.46 -40.16 -33.03
C LEU E 199 16.23 -41.29 -33.69
N PRO E 200 16.39 -41.28 -35.02
CA PRO E 200 17.08 -42.40 -35.67
C PRO E 200 18.58 -42.36 -35.48
N GLN E 201 19.29 -43.27 -36.14
CA GLN E 201 20.74 -43.33 -36.09
C GLN E 201 21.42 -42.26 -36.95
N ASP E 202 20.64 -41.50 -37.73
CA ASP E 202 21.24 -40.52 -38.63
C ASP E 202 21.89 -39.37 -37.87
N PHE E 203 21.33 -38.96 -36.74
CA PHE E 203 21.85 -37.86 -35.96
C PHE E 203 22.64 -38.43 -34.78
N LYS E 204 23.90 -38.03 -34.66
CA LYS E 204 24.80 -38.65 -33.70
C LYS E 204 24.52 -38.24 -32.26
N SER E 205 24.23 -36.97 -32.01
CA SER E 205 24.04 -36.49 -30.65
C SER E 205 22.74 -37.04 -30.07
N ASP E 206 22.77 -37.32 -28.76
CA ASP E 206 21.62 -37.94 -28.11
C ASP E 206 20.46 -36.97 -27.95
N SER E 207 20.74 -35.74 -27.52
CA SER E 207 19.69 -34.79 -27.18
C SER E 207 19.60 -33.68 -28.23
N LEU E 208 18.41 -33.09 -28.32
CA LEU E 208 18.15 -31.95 -29.18
C LEU E 208 17.55 -30.83 -28.35
N THR E 209 17.83 -29.59 -28.75
CA THR E 209 17.29 -28.42 -28.09
C THR E 209 16.34 -27.68 -29.03
N VAL E 210 15.11 -27.47 -28.58
CA VAL E 210 14.11 -26.77 -29.36
C VAL E 210 14.22 -25.28 -29.07
N ASP E 211 14.26 -24.48 -30.12
CA ASP E 211 14.38 -23.04 -29.98
C ASP E 211 13.13 -22.48 -29.32
N PRO E 212 13.27 -21.64 -28.29
CA PRO E 212 12.10 -21.28 -27.46
C PRO E 212 11.01 -20.48 -28.16
N LYS E 213 11.26 -19.90 -29.34
CA LYS E 213 10.21 -19.10 -29.98
C LYS E 213 9.21 -19.96 -30.71
N MET E 214 9.45 -21.28 -30.81
CA MET E 214 8.61 -22.14 -31.63
C MET E 214 8.05 -23.36 -30.90
N PHE E 215 7.54 -23.17 -29.68
CA PHE E 215 6.86 -24.29 -29.02
C PHE E 215 5.47 -24.57 -29.59
N LYS E 216 4.96 -23.72 -30.49
CA LYS E 216 3.61 -23.88 -31.00
C LYS E 216 3.44 -25.11 -31.89
N CYS E 217 4.54 -25.74 -32.32
CA CYS E 217 4.49 -26.91 -33.17
C CYS E 217 4.74 -28.20 -32.41
N LEU E 218 4.67 -28.18 -31.08
CA LEU E 218 4.87 -29.37 -30.27
C LEU E 218 3.74 -29.53 -29.27
N TRP E 219 3.47 -30.78 -28.89
CA TRP E 219 2.41 -31.07 -27.94
C TRP E 219 2.92 -30.96 -26.51
N LYS E 220 2.21 -30.19 -25.69
CA LYS E 220 2.52 -30.06 -24.27
C LYS E 220 1.26 -30.26 -23.45
N PRO E 221 1.37 -30.86 -22.27
CA PRO E 221 0.20 -31.01 -21.40
C PRO E 221 -0.30 -29.67 -20.89
N ASP E 222 -1.62 -29.60 -20.71
CA ASP E 222 -2.28 -28.38 -20.22
C ASP E 222 -2.39 -28.41 -18.69
N LEU E 223 -1.29 -28.07 -18.03
CA LEU E 223 -1.22 -28.06 -16.58
C LEU E 223 -1.60 -26.68 -16.06
N PHE E 224 -2.27 -26.65 -14.91
CA PHE E 224 -2.59 -25.40 -14.24
C PHE E 224 -2.78 -25.66 -12.76
N PHE E 225 -2.71 -24.60 -11.97
CA PHE E 225 -2.84 -24.68 -10.52
C PHE E 225 -4.26 -24.34 -10.12
N ALA E 226 -4.87 -25.21 -9.30
CA ALA E 226 -6.28 -25.05 -8.95
C ALA E 226 -6.51 -23.82 -8.09
N ASN E 227 -5.63 -23.57 -7.11
CA ASN E 227 -5.77 -22.44 -6.20
C ASN E 227 -4.90 -21.25 -6.60
N GLU E 228 -4.69 -21.05 -7.89
CA GLU E 228 -3.84 -19.98 -8.38
C GLU E 228 -4.63 -18.69 -8.54
N LYS E 229 -4.05 -17.58 -8.09
CA LYS E 229 -4.64 -16.25 -8.24
C LYS E 229 -3.93 -15.41 -9.29
N SER E 230 -2.61 -15.51 -9.37
CA SER E 230 -1.83 -14.76 -10.34
C SER E 230 -0.51 -15.48 -10.58
N ALA E 231 -0.06 -15.47 -11.84
CA ALA E 231 1.20 -16.11 -12.20
C ALA E 231 1.77 -15.44 -13.44
N ASN E 232 3.07 -15.63 -13.64
CA ASN E 232 3.75 -15.02 -14.78
C ASN E 232 5.03 -15.79 -15.07
N PHE E 233 5.55 -15.60 -16.27
CA PHE E 233 6.81 -16.18 -16.68
C PHE E 233 7.96 -15.22 -16.34
N HIS E 234 9.18 -15.63 -16.65
CA HIS E 234 10.37 -14.82 -16.38
C HIS E 234 11.18 -14.69 -17.67
N ASP E 235 11.45 -13.45 -18.07
CA ASP E 235 12.18 -13.16 -19.30
C ASP E 235 13.22 -12.06 -19.06
N VAL E 236 14.04 -12.23 -18.02
CA VAL E 236 14.95 -11.18 -17.58
C VAL E 236 16.01 -10.88 -18.65
N THR E 237 16.57 -11.90 -19.28
CA THR E 237 17.43 -11.69 -20.43
C THR E 237 17.01 -12.52 -21.63
N GLN E 238 16.63 -13.77 -21.41
CA GLN E 238 16.01 -14.64 -22.40
C GLN E 238 14.80 -15.27 -21.77
N GLU E 239 14.05 -16.04 -22.55
CA GLU E 239 12.95 -16.80 -21.99
C GLU E 239 13.51 -17.96 -21.15
N ASN E 240 13.01 -18.10 -19.93
CA ASN E 240 13.52 -19.11 -19.00
C ASN E 240 12.83 -20.46 -19.18
N ILE E 241 12.80 -20.94 -20.42
CA ILE E 241 12.16 -22.19 -20.77
C ILE E 241 13.09 -22.95 -21.71
N LEU E 242 13.28 -24.24 -21.45
CA LEU E 242 14.04 -25.10 -22.35
C LEU E 242 13.31 -26.42 -22.53
N LEU E 243 13.58 -27.08 -23.66
CA LEU E 243 12.97 -28.37 -23.97
C LEU E 243 14.02 -29.27 -24.60
N PHE E 244 14.08 -30.52 -24.14
CA PHE E 244 15.02 -31.50 -24.65
C PHE E 244 14.25 -32.69 -25.21
N ILE E 245 14.80 -33.31 -26.25
CA ILE E 245 14.25 -34.51 -26.86
C ILE E 245 15.34 -35.57 -26.89
N PHE E 246 15.06 -36.73 -26.30
CA PHE E 246 16.05 -37.79 -26.20
C PHE E 246 15.92 -38.75 -27.39
N ARG E 247 16.75 -39.80 -27.37
CA ARG E 247 16.76 -40.76 -28.47
C ARG E 247 15.48 -41.60 -28.50
N ASN E 248 14.98 -41.98 -27.32
CA ASN E 248 13.80 -42.83 -27.21
C ASN E 248 12.51 -42.02 -27.16
N GLY E 249 12.52 -40.78 -27.62
CA GLY E 249 11.31 -39.98 -27.65
C GLY E 249 10.94 -39.30 -26.37
N ASP E 250 11.72 -39.45 -25.30
CA ASP E 250 11.43 -38.78 -24.05
C ASP E 250 11.59 -37.28 -24.19
N VAL E 251 10.66 -36.53 -23.61
CA VAL E 251 10.64 -35.08 -23.70
C VAL E 251 10.76 -34.51 -22.29
N LEU E 252 11.69 -33.58 -22.10
CA LEU E 252 11.90 -32.90 -20.83
C LEU E 252 11.68 -31.42 -21.04
N ILE E 253 10.83 -30.81 -20.22
CA ILE E 253 10.59 -29.38 -20.25
C ILE E 253 10.80 -28.83 -18.85
N SER E 254 11.56 -27.74 -18.75
CA SER E 254 11.83 -27.07 -17.48
C SER E 254 11.57 -25.59 -17.64
N MET E 255 11.01 -24.98 -16.60
CA MET E 255 10.57 -23.59 -16.68
C MET E 255 10.48 -23.00 -15.29
N ARG E 256 10.47 -21.67 -15.24
CA ARG E 256 10.49 -20.92 -14.00
C ARG E 256 9.23 -20.07 -13.90
N LEU E 257 8.58 -20.11 -12.74
CA LEU E 257 7.29 -19.46 -12.55
C LEU E 257 7.29 -18.65 -11.26
N SER E 258 6.29 -17.77 -11.15
CA SER E 258 6.07 -16.96 -9.95
C SER E 258 4.56 -16.96 -9.68
N VAL E 259 4.10 -17.92 -8.89
CA VAL E 259 2.67 -18.12 -8.65
C VAL E 259 2.28 -17.42 -7.35
N THR E 260 0.98 -17.18 -7.20
CA THR E 260 0.39 -16.59 -6.00
C THR E 260 -0.79 -17.47 -5.59
N LEU E 261 -0.51 -18.48 -4.78
CA LEU E 261 -1.54 -19.41 -4.37
C LEU E 261 -2.38 -18.83 -3.23
N SER E 262 -3.48 -19.50 -2.93
CA SER E 262 -4.42 -19.06 -1.90
C SER E 262 -4.36 -20.03 -0.73
N CYS E 263 -4.18 -19.49 0.47
CA CYS E 263 -4.08 -20.28 1.70
C CYS E 263 -5.11 -19.80 2.71
N PRO E 264 -6.17 -20.57 2.97
CA PRO E 264 -7.14 -20.16 4.00
C PRO E 264 -6.55 -20.32 5.39
N LEU E 265 -6.45 -19.22 6.12
CA LEU E 265 -5.84 -19.20 7.44
C LEU E 265 -6.92 -19.10 8.51
N ASP E 266 -6.80 -19.90 9.56
CA ASP E 266 -7.70 -19.86 10.71
C ASP E 266 -6.92 -19.32 11.90
N LEU E 267 -7.29 -18.13 12.36
CA LEU E 267 -6.59 -17.43 13.42
C LEU E 267 -7.34 -17.48 14.74
N THR E 268 -8.00 -18.59 15.05
CA THR E 268 -8.69 -18.73 16.33
C THR E 268 -7.71 -18.76 17.49
N LEU E 269 -6.68 -19.60 17.39
CA LEU E 269 -5.64 -19.67 18.40
C LEU E 269 -4.43 -18.85 17.94
N PHE E 270 -4.63 -17.53 17.85
CA PHE E 270 -3.72 -16.68 17.09
C PHE E 270 -2.27 -16.67 17.57
N PRO E 271 -1.95 -16.50 18.87
CA PRO E 271 -0.53 -16.49 19.25
C PRO E 271 0.19 -17.80 19.00
N MET E 272 -0.49 -18.93 19.14
CA MET E 272 0.10 -20.24 18.89
C MET E 272 -0.82 -21.05 17.96
N ASP E 273 -0.54 -20.94 16.65
CA ASP E 273 -1.36 -21.55 15.63
C ASP E 273 -0.48 -22.26 14.61
N THR E 274 -1.07 -23.25 13.96
CA THR E 274 -0.40 -24.02 12.91
C THR E 274 -1.23 -23.91 11.64
N GLN E 275 -0.61 -23.49 10.55
CA GLN E 275 -1.27 -23.31 9.27
C GLN E 275 -0.75 -24.32 8.27
N ARG E 276 -1.64 -24.83 7.43
CA ARG E 276 -1.30 -25.76 6.35
C ARG E 276 -1.63 -25.09 5.03
N CYS E 277 -0.60 -24.81 4.23
CA CYS E 277 -0.77 -24.23 2.92
C CYS E 277 -0.70 -25.31 1.86
N LYS E 278 -1.36 -25.06 0.73
CA LYS E 278 -1.68 -26.09 -0.23
C LYS E 278 -1.21 -25.70 -1.62
N MET E 279 -0.74 -26.69 -2.39
CA MET E 279 -0.39 -26.51 -3.79
C MET E 279 -0.99 -27.66 -4.59
N GLN E 280 -1.68 -27.32 -5.68
CA GLN E 280 -2.36 -28.31 -6.50
C GLN E 280 -2.03 -28.08 -7.96
N LEU E 281 -1.96 -29.18 -8.72
CA LEU E 281 -1.62 -29.16 -10.15
C LEU E 281 -2.57 -30.07 -10.89
N GLU E 282 -3.46 -29.51 -11.69
CA GLU E 282 -4.51 -30.25 -12.39
C GLU E 282 -4.28 -30.19 -13.90
N SER E 283 -5.16 -30.86 -14.63
CA SER E 283 -5.22 -30.79 -16.09
C SER E 283 -6.52 -30.09 -16.47
N PHE E 284 -6.42 -29.13 -17.39
CA PHE E 284 -7.57 -28.26 -17.68
C PHE E 284 -8.65 -29.00 -18.45
N GLY E 285 -8.27 -29.76 -19.49
CA GLY E 285 -9.27 -30.33 -20.36
C GLY E 285 -9.03 -31.76 -20.79
N TYR E 286 -8.29 -32.52 -19.99
CA TYR E 286 -8.02 -33.93 -20.27
C TYR E 286 -8.43 -34.74 -19.06
N THR E 287 -9.18 -35.81 -19.29
CA THR E 287 -9.66 -36.66 -18.21
C THR E 287 -8.55 -37.62 -17.76
N THR E 288 -8.86 -38.40 -16.73
CA THR E 288 -7.94 -39.43 -16.26
C THR E 288 -7.74 -40.53 -17.29
N ASP E 289 -8.72 -40.74 -18.17
CA ASP E 289 -8.61 -41.71 -19.25
C ASP E 289 -7.56 -41.34 -20.29
N ASP E 290 -7.09 -40.09 -20.32
CA ASP E 290 -6.15 -39.65 -21.33
C ASP E 290 -4.84 -39.13 -20.75
N LEU E 291 -4.87 -38.41 -19.64
CA LEU E 291 -3.67 -37.80 -19.06
C LEU E 291 -3.67 -38.01 -17.56
N GLN E 292 -2.57 -38.55 -17.04
CA GLN E 292 -2.39 -38.78 -15.61
C GLN E 292 -1.11 -38.11 -15.14
N PHE E 293 -1.12 -37.64 -13.90
CA PHE E 293 0.01 -36.96 -13.29
C PHE E 293 0.61 -37.84 -12.20
N MET E 294 1.94 -37.87 -12.13
CA MET E 294 2.66 -38.67 -11.15
C MET E 294 3.77 -37.84 -10.54
N TRP E 295 3.98 -37.99 -9.24
CA TRP E 295 5.16 -37.42 -8.60
C TRP E 295 6.39 -38.25 -8.97
N GLN E 296 7.55 -37.61 -8.91
CA GLN E 296 8.80 -38.32 -9.17
C GLN E 296 9.07 -39.32 -8.05
N SER E 297 9.74 -40.41 -8.41
CA SER E 297 10.01 -41.45 -7.40
C SER E 297 10.80 -40.83 -6.24
N GLY E 298 11.86 -40.08 -6.56
CA GLY E 298 12.71 -39.50 -5.51
C GLY E 298 12.79 -38.00 -5.61
N ASP E 299 12.86 -37.30 -4.46
CA ASP E 299 12.99 -35.82 -4.44
C ASP E 299 11.93 -35.06 -5.23
N PRO E 300 10.61 -35.30 -5.07
CA PRO E 300 9.63 -34.49 -5.77
C PRO E 300 9.61 -33.01 -5.39
N VAL E 301 9.73 -32.66 -4.12
CA VAL E 301 9.81 -31.23 -3.73
C VAL E 301 11.13 -30.98 -2.97
N GLN E 302 11.89 -29.95 -3.36
CA GLN E 302 13.20 -29.67 -2.72
C GLN E 302 13.18 -28.27 -2.10
N MET E 303 14.00 -28.02 -1.08
CA MET E 303 13.94 -26.76 -0.35
C MET E 303 15.31 -26.09 -0.39
N ASP E 304 15.36 -24.82 -0.01
CA ASP E 304 16.59 -24.05 0.09
C ASP E 304 16.72 -23.48 1.49
N GLU E 305 17.74 -22.65 1.68
CA GLU E 305 18.05 -22.04 2.96
C GLU E 305 17.56 -20.60 2.95
N ILE E 306 16.31 -20.40 3.38
CA ILE E 306 15.70 -19.09 3.46
C ILE E 306 15.07 -18.92 4.84
N ALA E 307 14.63 -17.69 5.12
CA ALA E 307 14.03 -17.35 6.40
C ALA E 307 12.70 -16.66 6.17
N LEU E 308 11.86 -16.68 7.21
CA LEU E 308 10.53 -16.10 7.17
C LEU E 308 10.39 -15.09 8.31
N PRO E 309 9.60 -14.03 8.10
CA PRO E 309 9.49 -12.98 9.12
C PRO E 309 8.79 -13.45 10.40
N GLN E 310 7.64 -14.10 10.26
CA GLN E 310 6.86 -14.52 11.41
C GLN E 310 6.72 -16.03 11.56
N PHE E 311 6.45 -16.75 10.48
CA PHE E 311 6.25 -18.19 10.55
C PHE E 311 7.59 -18.90 10.51
N ASP E 312 7.54 -20.24 10.52
CA ASP E 312 8.73 -21.07 10.48
C ASP E 312 8.39 -22.33 9.70
N ILE E 313 8.97 -22.48 8.51
CA ILE E 313 8.69 -23.64 7.67
C ILE E 313 9.39 -24.86 8.24
N LYS E 314 8.89 -26.04 7.87
CA LYS E 314 9.41 -27.30 8.36
C LYS E 314 9.87 -28.17 7.19
N GLN E 315 10.91 -28.97 7.42
CA GLN E 315 11.41 -29.88 6.41
C GLN E 315 10.74 -31.26 6.55
N GLU E 316 9.40 -31.22 6.54
CA GLU E 316 8.59 -32.43 6.62
C GLU E 316 7.40 -32.35 5.67
N ASP E 317 7.56 -31.68 4.53
CA ASP E 317 6.47 -31.50 3.56
C ASP E 317 5.95 -32.84 3.08
N ILE E 318 4.70 -33.14 3.45
CA ILE E 318 4.06 -34.38 3.07
C ILE E 318 3.51 -34.22 1.65
N GLU E 319 3.90 -35.15 0.78
CA GLU E 319 3.38 -35.16 -0.58
C GLU E 319 2.10 -35.97 -0.61
N TYR E 320 0.98 -35.28 -0.42
CA TYR E 320 -0.31 -35.94 -0.26
C TYR E 320 -0.70 -36.65 -1.54
N GLY E 321 -1.50 -37.71 -1.40
CA GLY E 321 -1.88 -38.52 -2.53
C GLY E 321 -2.71 -37.75 -3.54
N ASN E 322 -2.90 -38.37 -4.70
CA ASN E 322 -3.53 -37.66 -5.81
C ASN E 322 -5.00 -37.40 -5.52
N CYS E 323 -5.34 -36.12 -5.38
CA CYS E 323 -6.72 -35.71 -5.12
C CYS E 323 -7.44 -35.53 -6.45
N THR E 324 -7.76 -36.67 -7.06
CA THR E 324 -8.43 -36.65 -8.36
C THR E 324 -9.82 -36.07 -8.24
N LYS E 325 -10.12 -35.11 -9.10
CA LYS E 325 -11.37 -34.37 -9.04
C LYS E 325 -12.45 -35.09 -9.83
N TYR E 326 -13.64 -35.15 -9.24
CA TYR E 326 -14.81 -35.72 -9.89
C TYR E 326 -15.84 -34.62 -10.09
N TYR E 327 -16.31 -34.46 -11.31
CA TYR E 327 -17.25 -33.41 -11.66
C TYR E 327 -18.54 -34.04 -12.18
N ALA E 328 -19.56 -33.18 -12.32
CA ALA E 328 -20.93 -33.63 -12.64
C ALA E 328 -21.00 -34.03 -14.10
N GLY E 329 -20.69 -35.30 -14.37
CA GLY E 329 -20.90 -35.89 -15.68
C GLY E 329 -19.76 -35.71 -16.67
N THR E 330 -18.82 -34.81 -16.40
CA THR E 330 -17.70 -34.63 -17.32
C THR E 330 -16.71 -35.79 -17.21
N GLY E 331 -16.43 -36.23 -15.99
CA GLY E 331 -15.54 -37.34 -15.74
C GLY E 331 -14.51 -36.99 -14.69
N TYR E 332 -13.56 -37.91 -14.49
CA TYR E 332 -12.50 -37.71 -13.51
C TYR E 332 -11.40 -36.83 -14.09
N TYR E 333 -10.74 -36.08 -13.21
CA TYR E 333 -9.62 -35.24 -13.59
C TYR E 333 -8.49 -35.42 -12.59
N THR E 334 -7.27 -35.56 -13.10
CA THR E 334 -6.12 -35.86 -12.25
C THR E 334 -5.60 -34.59 -11.59
N CYS E 335 -5.07 -34.77 -10.38
CA CYS E 335 -4.46 -33.68 -9.64
C CYS E 335 -3.43 -34.26 -8.69
N VAL E 336 -2.38 -33.49 -8.41
CA VAL E 336 -1.36 -33.87 -7.43
C VAL E 336 -1.23 -32.73 -6.43
N GLU E 337 -0.95 -33.10 -5.18
CA GLU E 337 -1.04 -32.18 -4.06
C GLU E 337 0.18 -32.34 -3.16
N VAL E 338 0.75 -31.19 -2.75
CA VAL E 338 1.83 -31.15 -1.78
C VAL E 338 1.43 -30.17 -0.69
N ILE E 339 1.70 -30.52 0.57
CA ILE E 339 1.24 -29.77 1.72
C ILE E 339 2.46 -29.24 2.48
N PHE E 340 2.44 -27.95 2.80
CA PHE E 340 3.44 -27.32 3.64
C PHE E 340 2.82 -26.97 4.99
N THR E 341 3.56 -27.19 6.07
CA THR E 341 3.10 -26.91 7.42
C THR E 341 3.93 -25.80 8.02
N LEU E 342 3.26 -24.78 8.55
CA LEU E 342 3.91 -23.60 9.10
C LEU E 342 3.59 -23.46 10.58
N ARG E 343 4.57 -23.05 11.37
CA ARG E 343 4.41 -22.81 12.78
C ARG E 343 4.88 -21.40 13.11
N ARG E 344 4.22 -20.76 14.08
CA ARG E 344 4.47 -19.37 14.42
C ARG E 344 5.28 -19.30 15.70
N GLN E 345 6.35 -18.51 15.68
CA GLN E 345 7.16 -18.30 16.88
C GLN E 345 6.41 -17.42 17.88
N VAL E 346 6.55 -17.76 19.16
CA VAL E 346 5.83 -17.08 20.22
C VAL E 346 6.75 -16.22 21.07
N GLY E 347 7.97 -15.95 20.60
CA GLY E 347 8.92 -15.22 21.42
C GLY E 347 8.54 -13.76 21.64
N PHE E 348 8.03 -13.10 20.61
CA PHE E 348 7.73 -11.68 20.71
C PHE E 348 6.47 -11.44 21.55
N TYR E 349 5.44 -12.24 21.33
CA TYR E 349 4.17 -12.01 22.03
C TYR E 349 4.26 -12.39 23.51
N MET E 350 5.07 -13.39 23.84
CA MET E 350 5.15 -13.84 25.23
C MET E 350 5.83 -12.81 26.12
N MET E 351 6.76 -12.03 25.56
CA MET E 351 7.49 -11.04 26.34
C MET E 351 7.00 -9.62 26.10
N GLY E 352 6.49 -9.32 24.91
CA GLY E 352 6.02 -7.98 24.63
C GLY E 352 4.56 -7.72 24.93
N VAL E 353 3.74 -8.78 24.92
CA VAL E 353 2.30 -8.63 25.11
C VAL E 353 1.86 -9.32 26.39
N TYR E 354 2.40 -10.51 26.66
CA TYR E 354 1.92 -11.33 27.77
C TYR E 354 2.54 -10.91 29.09
N ALA E 355 3.86 -10.78 29.14
CA ALA E 355 4.54 -10.40 30.38
C ALA E 355 4.16 -9.01 30.91
N PRO E 356 4.06 -7.94 30.10
CA PRO E 356 3.61 -6.65 30.68
C PRO E 356 2.21 -6.70 31.25
N THR E 357 1.30 -7.46 30.65
CA THR E 357 -0.06 -7.55 31.18
C THR E 357 -0.10 -8.31 32.50
N LEU E 358 0.81 -9.26 32.68
CA LEU E 358 0.88 -10.00 33.95
C LEU E 358 1.35 -9.11 35.09
N LEU E 359 2.24 -8.15 34.81
CA LEU E 359 2.79 -7.32 35.87
C LEU E 359 1.78 -6.30 36.39
N ILE E 360 0.91 -5.77 35.52
CA ILE E 360 -0.07 -4.80 35.96
C ILE E 360 -1.10 -5.44 36.89
N VAL E 361 -1.42 -6.71 36.65
CA VAL E 361 -2.38 -7.42 37.51
C VAL E 361 -1.82 -7.58 38.91
N VAL E 362 -0.51 -7.79 39.03
CA VAL E 362 0.12 -7.88 40.34
C VAL E 362 0.06 -6.54 41.07
N LEU E 363 0.20 -5.44 40.32
CA LEU E 363 0.05 -4.12 40.92
C LEU E 363 -1.39 -3.81 41.31
N SER E 364 -2.36 -4.51 40.73
CA SER E 364 -3.74 -4.34 41.18
C SER E 364 -3.95 -4.93 42.57
N TRP E 365 -3.22 -5.99 42.91
CA TRP E 365 -3.28 -6.60 44.23
C TRP E 365 -2.48 -5.83 45.27
N LEU E 366 -1.76 -4.79 44.85
CA LEU E 366 -0.86 -4.07 45.74
C LEU E 366 -1.63 -3.30 46.81
N SER E 367 -2.85 -2.84 46.49
CA SER E 367 -3.62 -2.00 47.39
C SER E 367 -4.20 -2.76 48.58
N PHE E 368 -4.12 -4.09 48.60
CA PHE E 368 -4.65 -4.84 49.74
C PHE E 368 -3.80 -4.63 50.98
N TRP E 369 -2.51 -4.33 50.80
CA TRP E 369 -1.61 -4.13 51.94
C TRP E 369 -1.55 -2.68 52.40
N ILE E 370 -2.18 -1.76 51.67
CA ILE E 370 -2.21 -0.36 52.09
C ILE E 370 -3.35 -0.18 53.09
N ASN E 371 -3.18 0.78 54.00
CA ASN E 371 -4.16 1.03 55.05
C ASN E 371 -5.49 1.49 54.44
N PRO E 372 -6.62 1.04 54.98
CA PRO E 372 -7.92 1.46 54.43
C PRO E 372 -8.21 2.94 54.58
N ASP E 373 -7.56 3.62 55.54
CA ASP E 373 -7.83 5.03 55.74
C ASP E 373 -7.22 5.90 54.64
N ALA E 374 -6.26 5.36 53.88
CA ALA E 374 -5.62 6.10 52.80
C ALA E 374 -6.54 6.08 51.59
N SER E 375 -7.57 6.91 51.65
CA SER E 375 -8.52 7.00 50.55
C SER E 375 -7.91 7.68 49.34
N ALA E 376 -6.99 8.62 49.56
CA ALA E 376 -6.35 9.34 48.46
C ALA E 376 -5.17 8.57 47.86
N ALA E 377 -4.86 7.39 48.39
CA ALA E 377 -3.76 6.57 47.88
C ALA E 377 -4.22 5.31 47.16
N ARG E 378 -5.21 4.59 47.71
CA ARG E 378 -5.68 3.37 47.07
C ARG E 378 -6.54 3.66 45.85
N VAL E 379 -7.30 4.75 45.85
CA VAL E 379 -8.12 5.10 44.69
C VAL E 379 -7.28 5.41 43.44
N PRO E 380 -6.24 6.25 43.48
CA PRO E 380 -5.46 6.46 42.26
C PRO E 380 -4.66 5.24 41.82
N LEU E 381 -4.27 4.36 42.76
CA LEU E 381 -3.60 3.13 42.39
C LEU E 381 -4.55 2.20 41.63
N GLY E 382 -5.80 2.13 42.05
CA GLY E 382 -6.76 1.24 41.42
C GLY E 382 -7.31 1.74 40.09
N ILE E 383 -7.22 3.04 39.83
CA ILE E 383 -7.81 3.59 38.61
C ILE E 383 -6.73 3.78 37.56
N LEU E 384 -5.46 3.89 37.99
CA LEU E 384 -4.38 3.97 37.03
C LEU E 384 -3.91 2.60 36.57
N SER E 385 -4.25 1.54 37.30
CA SER E 385 -4.01 0.20 36.78
C SER E 385 -5.00 -0.14 35.68
N VAL E 386 -6.23 0.37 35.78
CA VAL E 386 -7.21 0.20 34.71
C VAL E 386 -6.77 0.96 33.46
N LEU E 387 -6.25 2.17 33.64
CA LEU E 387 -5.81 2.97 32.51
C LEU E 387 -4.61 2.35 31.80
N SER E 388 -3.70 1.74 32.57
CA SER E 388 -2.54 1.08 31.97
C SER E 388 -2.96 -0.12 31.12
N LEU E 389 -3.90 -0.92 31.62
CA LEU E 389 -4.38 -2.06 30.85
C LEU E 389 -5.22 -1.62 29.66
N SER E 390 -5.99 -0.55 29.82
CA SER E 390 -6.79 -0.03 28.72
C SER E 390 -5.91 0.53 27.61
N SER E 391 -4.84 1.25 27.98
CA SER E 391 -3.94 1.81 26.99
C SER E 391 -3.11 0.73 26.32
N GLU E 392 -2.76 -0.33 27.05
CA GLU E 392 -1.96 -1.40 26.48
C GLU E 392 -2.75 -2.20 25.45
N CYS E 393 -4.02 -2.49 25.75
CA CYS E 393 -4.84 -3.28 24.84
C CYS E 393 -5.16 -2.51 23.57
N THR E 394 -5.48 -1.22 23.69
CA THR E 394 -5.87 -0.45 22.52
C THR E 394 -4.68 -0.01 21.68
N SER E 395 -3.47 -0.09 22.21
CA SER E 395 -2.29 0.18 21.40
C SER E 395 -1.96 -0.98 20.48
N LEU E 396 -2.36 -2.19 20.85
CA LEU E 396 -2.11 -3.38 20.05
C LEU E 396 -3.18 -3.62 19.00
N ALA E 397 -4.24 -2.81 18.98
CA ALA E 397 -5.29 -2.97 17.98
C ALA E 397 -4.78 -2.60 16.59
N SER E 398 -3.77 -1.74 16.51
CA SER E 398 -3.19 -1.35 15.23
C SER E 398 -2.03 -2.24 14.80
N GLU E 399 -1.65 -3.22 15.63
CA GLU E 399 -0.55 -4.13 15.32
C GLU E 399 -1.02 -5.54 15.02
N LEU E 400 -2.01 -6.04 15.75
CA LEU E 400 -2.52 -7.37 15.52
C LEU E 400 -3.34 -7.42 14.24
N PRO E 401 -3.42 -8.58 13.59
CA PRO E 401 -4.28 -8.70 12.40
C PRO E 401 -5.76 -8.58 12.75
N LYS E 402 -6.53 -8.09 11.78
CA LYS E 402 -7.97 -7.91 11.93
C LYS E 402 -8.68 -9.12 11.32
N VAL E 403 -9.44 -9.83 12.14
CA VAL E 403 -10.17 -11.00 11.67
C VAL E 403 -11.63 -10.87 12.06
N SER E 404 -11.94 -9.93 12.95
CA SER E 404 -13.30 -9.64 13.42
C SER E 404 -13.96 -10.84 14.09
N TYR E 405 -13.18 -11.68 14.76
CA TYR E 405 -13.73 -12.68 15.67
C TYR E 405 -12.76 -12.85 16.84
N VAL E 406 -13.19 -13.61 17.84
CA VAL E 406 -12.44 -13.73 19.08
C VAL E 406 -11.25 -14.65 18.86
N LYS E 407 -10.05 -14.14 19.11
CA LYS E 407 -8.83 -14.92 19.05
C LYS E 407 -8.42 -15.33 20.46
N ALA E 408 -7.35 -16.13 20.55
CA ALA E 408 -6.85 -16.55 21.85
C ALA E 408 -6.16 -15.42 22.60
N ILE E 409 -5.62 -14.42 21.89
CA ILE E 409 -5.01 -13.28 22.55
C ILE E 409 -6.08 -12.39 23.19
N ASP E 410 -7.26 -12.27 22.58
CA ASP E 410 -8.28 -11.37 23.08
C ASP E 410 -8.91 -11.88 24.37
N ILE E 411 -8.94 -13.19 24.57
CA ILE E 411 -9.46 -13.75 25.82
C ILE E 411 -8.56 -13.38 26.98
N TRP E 412 -7.24 -13.40 26.77
CA TRP E 412 -6.30 -13.03 27.82
C TRP E 412 -6.43 -11.57 28.19
N LEU E 413 -6.64 -10.69 27.21
CA LEU E 413 -6.66 -9.26 27.48
C LEU E 413 -7.93 -8.84 28.22
N ILE E 414 -9.06 -9.48 27.92
CA ILE E 414 -10.30 -9.09 28.58
C ILE E 414 -10.39 -9.69 29.98
N ALA E 415 -9.80 -10.87 30.19
CA ALA E 415 -9.83 -11.47 31.53
C ALA E 415 -8.86 -10.77 32.47
N CYS E 416 -7.76 -10.21 31.94
CA CYS E 416 -6.87 -9.41 32.76
C CYS E 416 -7.51 -8.08 33.16
N LEU E 417 -8.36 -7.53 32.29
CA LEU E 417 -9.06 -6.28 32.61
C LEU E 417 -10.07 -6.48 33.71
N LEU E 418 -10.68 -7.68 33.79
CA LEU E 418 -11.65 -7.96 34.84
C LEU E 418 -10.99 -8.02 36.20
N PHE E 419 -9.75 -8.53 36.26
CA PHE E 419 -9.04 -8.58 37.54
C PHE E 419 -8.65 -7.19 38.02
N GLY E 420 -8.22 -6.32 37.10
CA GLY E 420 -7.98 -4.94 37.48
C GLY E 420 -9.24 -4.19 37.85
N PHE E 421 -10.35 -4.52 37.17
CA PHE E 421 -11.63 -3.87 37.47
C PHE E 421 -12.17 -4.31 38.82
N ALA E 422 -12.02 -5.59 39.17
CA ALA E 422 -12.55 -6.10 40.42
C ALA E 422 -11.75 -5.64 41.63
N SER E 423 -10.51 -5.20 41.44
CA SER E 423 -9.72 -4.71 42.56
C SER E 423 -10.25 -3.39 43.08
N LEU E 424 -10.69 -2.50 42.20
CA LEU E 424 -11.24 -1.22 42.63
C LEU E 424 -12.65 -1.38 43.19
N VAL E 425 -13.41 -2.35 42.71
CA VAL E 425 -14.78 -2.54 43.16
C VAL E 425 -14.82 -2.96 44.62
N GLU E 426 -13.93 -3.87 45.02
CA GLU E 426 -13.96 -4.36 46.40
C GLU E 426 -13.53 -3.30 47.40
N TYR E 427 -12.76 -2.29 46.96
CA TYR E 427 -12.41 -1.21 47.87
C TYR E 427 -13.62 -0.36 48.21
N ALA E 428 -14.54 -0.19 47.26
CA ALA E 428 -15.80 0.48 47.56
C ALA E 428 -16.63 -0.32 48.56
N VAL E 429 -16.49 -1.64 48.56
CA VAL E 429 -17.18 -2.47 49.54
C VAL E 429 -16.62 -2.22 50.94
N VAL E 430 -15.30 -2.23 51.07
CA VAL E 430 -14.70 -2.07 52.40
C VAL E 430 -14.75 -0.62 52.86
N GLN E 431 -14.89 0.35 51.95
CA GLN E 431 -14.97 1.74 52.36
C GLN E 431 -16.33 2.10 52.93
N VAL E 432 -17.40 1.41 52.49
CA VAL E 432 -18.73 1.72 52.98
C VAL E 432 -19.08 0.92 54.24
N MET E 433 -18.43 -0.22 54.47
CA MET E 433 -18.73 -1.01 55.66
C MET E 433 -18.17 -0.37 56.92
N LEU E 434 -17.10 0.42 56.81
CA LEU E 434 -16.48 1.00 57.99
C LEU E 434 -17.32 2.14 58.57
N ASN E 435 -17.86 3.00 57.70
CA ASN E 435 -18.66 4.14 58.15
C ASN E 435 -20.15 3.82 58.08
N SER E 436 -20.53 2.76 58.80
CA SER E 436 -21.93 2.35 58.87
C SER E 436 -22.20 1.55 60.15
N ALA E 547 -14.70 -3.54 63.19
CA ALA E 547 -13.57 -4.11 62.46
C ALA E 547 -13.73 -3.89 60.96
N ALA E 548 -14.37 -4.85 60.29
CA ALA E 548 -14.67 -4.84 58.86
C ALA E 548 -13.40 -4.75 58.00
N LYS E 549 -12.26 -5.14 58.54
CA LYS E 549 -11.03 -5.27 57.77
C LYS E 549 -10.77 -6.71 57.35
N ARG E 550 -11.70 -7.63 57.65
CA ARG E 550 -11.55 -9.01 57.24
C ARG E 550 -11.68 -9.20 55.74
N ILE E 551 -12.29 -8.24 55.04
CA ILE E 551 -12.38 -8.31 53.59
C ILE E 551 -11.00 -8.20 52.96
N ASP E 552 -10.18 -7.29 53.45
CA ASP E 552 -8.82 -7.14 52.92
C ASP E 552 -7.95 -8.35 53.28
N LEU E 553 -8.16 -8.94 54.45
CA LEU E 553 -7.44 -10.14 54.82
C LEU E 553 -7.89 -11.32 53.96
N TYR E 554 -9.18 -11.39 53.64
CA TYR E 554 -9.68 -12.48 52.80
C TYR E 554 -9.25 -12.30 51.35
N ALA E 555 -9.23 -11.06 50.86
CA ALA E 555 -8.88 -10.81 49.47
C ALA E 555 -7.38 -10.94 49.23
N ARG E 556 -6.56 -10.95 50.28
CA ARG E 556 -5.13 -11.13 50.10
C ARG E 556 -4.81 -12.53 49.59
N ALA E 557 -5.54 -13.54 50.07
CA ALA E 557 -5.33 -14.92 49.66
C ALA E 557 -6.42 -15.42 48.72
N LEU E 558 -7.14 -14.51 48.06
CA LEU E 558 -8.19 -14.88 47.13
C LEU E 558 -7.90 -14.43 45.70
N PHE E 559 -7.49 -13.17 45.52
CA PHE E 559 -7.17 -12.68 44.18
C PHE E 559 -5.99 -13.40 43.54
N PRO E 560 -4.86 -13.66 44.21
CA PRO E 560 -3.84 -14.51 43.57
C PRO E 560 -4.26 -15.97 43.47
N PHE E 561 -5.16 -16.42 44.34
CA PHE E 561 -5.55 -17.83 44.33
C PHE E 561 -6.50 -18.12 43.17
N SER E 562 -7.38 -17.17 42.83
CA SER E 562 -8.28 -17.38 41.71
C SER E 562 -7.60 -17.08 40.38
N PHE E 563 -6.58 -16.22 40.38
CA PHE E 563 -5.83 -15.95 39.17
C PHE E 563 -4.94 -17.12 38.77
N LEU E 564 -4.54 -17.95 39.72
CA LEU E 564 -3.72 -19.11 39.39
C LEU E 564 -4.52 -20.16 38.63
N PHE E 565 -5.81 -20.31 38.97
CA PHE E 565 -6.63 -21.29 38.25
C PHE E 565 -6.90 -20.85 36.82
N PHE E 566 -6.96 -19.54 36.57
CA PHE E 566 -7.17 -19.06 35.21
C PHE E 566 -5.99 -19.39 34.31
N ASN E 567 -4.76 -19.29 34.84
CA ASN E 567 -3.58 -19.64 34.05
C ASN E 567 -3.54 -21.13 33.73
N VAL E 568 -3.91 -21.97 34.70
CA VAL E 568 -3.97 -23.40 34.45
C VAL E 568 -5.06 -23.72 33.43
N ILE E 569 -6.16 -22.97 33.45
CA ILE E 569 -7.21 -23.16 32.46
C ILE E 569 -6.77 -22.62 31.10
N TYR E 570 -6.12 -21.45 31.07
CA TYR E 570 -5.76 -20.82 29.81
C TYR E 570 -4.70 -21.64 29.07
N TRP E 571 -3.63 -22.02 29.75
CA TRP E 571 -2.72 -23.02 29.21
C TRP E 571 -3.34 -24.41 29.36
N SER E 572 -2.65 -25.42 28.84
CA SER E 572 -3.12 -26.80 28.79
C SER E 572 -4.42 -26.95 28.00
N VAL E 573 -4.81 -25.91 27.26
CA VAL E 573 -5.94 -25.93 26.35
C VAL E 573 -5.41 -25.52 24.99
N TYR E 574 -4.62 -24.44 24.97
CA TYR E 574 -3.95 -23.99 23.77
C TYR E 574 -2.54 -24.57 23.62
N LEU E 575 -1.93 -24.95 24.74
CA LEU E 575 -0.59 -25.56 24.79
C LEU E 575 0.48 -24.71 24.10
C1 NAG F . 38.14 -19.82 -22.13
C2 NAG F . 38.95 -20.23 -23.37
C3 NAG F . 39.68 -21.55 -23.11
C4 NAG F . 40.52 -21.45 -21.85
C5 NAG F . 39.66 -21.00 -20.68
C6 NAG F . 40.45 -20.77 -19.41
C7 NAG F . 38.50 -20.05 -25.78
C8 NAG F . 37.48 -20.22 -26.87
N2 NAG F . 38.09 -20.34 -24.54
O3 NAG F . 40.51 -21.85 -24.23
O4 NAG F . 41.08 -22.72 -21.55
O5 NAG F . 39.01 -19.75 -21.00
O6 NAG F . 41.85 -20.94 -19.64
O7 NAG F . 39.65 -19.68 -26.01
C1A PIO G . 24.82 8.16 48.19
O1A PIO G . 24.27 8.58 49.16
C2A PIO G . 24.16 7.50 46.99
O2C PIO G . 26.16 8.22 48.08
C3A PIO G . 24.01 8.41 45.80
C4A PIO G . 23.60 7.67 44.55
C5A PIO G . 22.93 8.53 43.50
C6A PIO G . 22.38 7.77 42.33
C7A PIO G . 22.13 8.60 41.08
O5 PX4 H . 17.85 -6.79 54.90
C9 PX4 H . 17.44 -5.78 54.28
O6 PX4 H . 17.54 -4.46 54.89
C10 PX4 H . 16.81 -5.95 52.82
C11 PX4 H . 17.50 -4.91 51.83
C12 PX4 H . 16.90 -5.08 50.36
C13 PX4 H . 17.08 -3.70 49.55
C14 PX4 H . 16.52 -3.87 48.05
C15 PX4 H . 17.56 -4.73 47.18
C16 PX4 H . 17.57 -4.16 45.68
C17 PX4 H . 17.46 -5.38 44.64
C18 PX4 H . 17.12 -4.79 43.19
C19 PX4 H . 16.68 -5.99 42.22
C20 PX4 H . 16.18 -5.40 40.82
C21 PX4 H . 15.92 -6.61 39.79
C22 PX4 H . 15.34 -6.02 38.42
CAV SY9 I . 19.26 -26.07 -14.99
CAU SY9 I . 19.96 -26.74 -13.81
CAT SY9 I . 18.92 -26.87 -12.67
CAN SY9 I . 17.97 -28.00 -13.13
CAK SY9 I . 17.30 -27.71 -14.49
NAH SY9 I . 17.13 -29.07 -15.05
CAA SY9 I . 17.77 -29.16 -16.32
CAF SY9 I . 17.90 -30.26 -17.18
CAE SY9 I . 18.61 -30.07 -18.37
CAD SY9 I . 19.16 -28.85 -18.70
CAC SY9 I . 19.03 -27.76 -17.83
CAB SY9 I . 18.34 -27.93 -16.63
CAG SY9 I . 18.08 -26.89 -15.56
CAW SY9 I . 17.21 -25.78 -16.18
CAX SY9 I . 17.36 -24.58 -15.26
NAY SY9 I . 18.71 -24.71 -14.64
CAS SY9 I . 18.67 -24.36 -13.19
CAR SY9 I . 18.19 -25.55 -12.39
CAQ SY9 I . 17.18 -25.46 -11.53
CAP SY9 I . 16.69 -26.63 -10.73
OAO SY9 I . 16.04 -27.59 -11.60
CAM SY9 I . 16.88 -28.57 -12.20
CAL SY9 I . 15.96 -29.57 -12.96
CAI SY9 I . 16.47 -30.03 -14.31
OAJ SY9 I . 16.30 -31.19 -14.69
C1A PIO J . 11.76 -6.78 51.45
O1A PIO J . 12.72 -6.53 52.13
C2A PIO J . 11.54 -6.28 50.05
O2C PIO J . 10.76 -7.56 51.89
C3A PIO J . 12.64 -5.39 49.56
C4A PIO J . 12.47 -5.04 48.09
C5A PIO J . 12.47 -6.23 47.17
C6A PIO J . 12.24 -5.91 45.72
C7A PIO J . 12.29 -7.12 44.83
C8A PIO J . 11.94 -6.85 43.39
C1 NAG K . -34.93 -18.44 -27.13
C2 NAG K . -35.68 -19.18 -28.25
C3 NAG K . -37.00 -18.48 -28.57
C4 NAG K . -37.82 -18.30 -27.30
C5 NAG K . -37.01 -17.58 -26.23
C6 NAG K . -37.73 -17.47 -24.91
C7 NAG K . -34.96 -20.31 -30.31
C8 NAG K . -34.04 -20.27 -31.49
N2 NAG K . -34.86 -19.30 -29.45
O3 NAG K . -37.74 -19.25 -29.51
O4 NAG K . -38.99 -17.55 -27.58
O5 NAG K . -35.79 -18.30 -25.97
O6 NAG K . -38.45 -18.65 -24.62
O7 NAG K . -35.76 -21.22 -30.15
CAV SY9 L . -12.85 -28.96 -16.38
CAU SY9 L . -13.66 -29.74 -15.34
CAT SY9 L . -14.55 -28.73 -14.57
CAN SY9 L . -15.67 -28.35 -15.59
CAK SY9 L . -15.11 -27.75 -16.89
NAH SY9 L . -16.13 -28.18 -17.88
CAA SY9 L . -15.51 -28.93 -18.92
CAF SY9 L . -16.09 -29.56 -20.03
CAE SY9 L . -15.25 -30.26 -20.91
CAD SY9 L . -13.87 -30.32 -20.69
CAC SY9 L . -13.32 -29.69 -19.57
CAB SY9 L . -14.14 -29.00 -18.69
CAG SY9 L . -13.74 -28.25 -17.44
CAW SY9 L . -12.83 -27.08 -17.86
CAX SY9 L . -12.12 -26.65 -16.58
NAY SY9 L . -12.01 -27.88 -15.75
CAS SY9 L . -12.27 -27.58 -14.31
CAR SY9 L . -13.75 -27.51 -14.07
CAQ SY9 L . -14.34 -26.48 -13.48
CAP SY9 L . -15.82 -26.41 -13.23
OAO SY9 L . -16.51 -26.27 -14.49
CAM SY9 L . -16.86 -27.48 -15.15
CAL SY9 L . -17.74 -27.09 -16.38
CAI SY9 L . -17.46 -27.87 -17.66
OAJ SY9 L . -18.37 -28.20 -18.41
O5 PX4 M . -34.40 15.93 44.58
C9 PX4 M . -33.10 16.60 44.68
O6 PX4 M . -32.71 17.06 45.77
C10 PX4 M . -32.18 16.76 43.38
C11 PX4 M . -31.64 15.32 42.93
C12 PX4 M . -31.55 15.27 41.33
C13 PX4 M . -30.41 14.24 40.88
C14 PX4 M . -30.58 13.95 39.31
C15 PX4 M . -29.33 13.08 38.80
C16 PX4 M . -29.34 13.04 37.20
C17 PX4 M . -29.24 11.52 36.71
C18 PX4 M . -29.50 11.44 35.12
C19 PX4 M . -28.11 11.57 34.35
C20 PX4 M . -28.38 11.59 32.77
C21 PX4 M . -26.99 11.77 31.98
C22 PX4 M . -27.28 11.89 30.42
O5 PX4 N . -30.57 3.16 49.41
C9 PX4 N . -31.15 2.12 49.32
O6 PX4 N . -32.17 1.76 50.10
C10 PX4 N . -30.83 1.03 48.32
C11 PX4 N . -29.69 1.39 47.42
C12 PX4 N . -29.58 0.43 46.25
C13 PX4 N . -28.45 0.74 45.29
C14 PX4 N . -28.43 -0.12 44.06
C15 PX4 N . -27.20 0.06 43.20
C16 PX4 N . -27.19 -0.80 41.96
C17 PX4 N . -25.89 -0.78 41.20
C18 PX4 N . -25.82 -1.76 40.08
C19 PX4 N . -24.45 -1.91 39.46
C20 PX4 N . -24.36 -2.97 38.38
C1B PIO O . -24.62 31.77 44.02
O1B PIO O . -24.34 33.04 44.31
C2B PIO O . -24.12 31.33 42.65
C3B PIO O . -24.76 30.07 42.11
O3C PIO O . -25.22 31.05 44.77
C4B PIO O . -24.12 29.57 40.80
C5B PIO O . -25.06 28.89 39.81
C6B PIO O . -24.42 28.14 38.66
C7B PIO O . -25.29 27.22 37.85
C8B PIO O . -24.57 26.56 36.69
C1B PIO P . -30.64 21.00 42.79
O1B PIO P . -30.69 20.10 43.77
C2B PIO P . -30.37 20.35 41.46
C3B PIO P . -29.08 19.59 41.42
O3C PIO P . -30.79 22.17 42.98
C4B PIO P . -28.80 19.03 40.03
C5B PIO P . -27.56 18.18 39.93
C6B PIO P . -27.27 17.68 38.54
C7B PIO P . -26.07 16.78 38.39
C8B PIO P . -25.77 16.41 36.97
C1B PIO Q . -31.93 -0.88 39.80
O1B PIO Q . -31.99 -0.80 41.13
C2B PIO Q . -30.52 -1.08 39.32
C3B PIO Q . -30.41 -1.18 37.83
O3C PIO Q . -32.90 -0.81 39.10
C4B PIO Q . -28.98 -1.37 37.35
C5B PIO Q . -28.84 -1.62 35.87
C6B PIO Q . -27.43 -1.94 35.44
C7B PIO Q . -27.27 -2.17 33.96
C8B PIO Q . -25.85 -2.45 33.54
O5 PX4 R . -26.29 27.31 43.26
C9 PX4 R . -27.09 26.42 43.58
O6 PX4 R . -28.08 26.67 44.63
C10 PX4 R . -27.05 25.00 42.84
C11 PX4 R . -25.54 24.44 42.87
C12 PX4 R . -25.00 24.31 41.37
C13 PX4 R . -23.40 24.37 41.37
C14 PX4 R . -22.84 23.81 39.97
C15 PX4 R . -21.25 23.91 39.96
C16 PX4 R . -20.69 23.10 38.69
C17 PX4 R . -20.38 24.12 37.49
C18 PX4 R . -19.63 23.33 36.31
C19 PX4 R . -19.31 24.34 35.10
C1 NAG S . -20.03 21.63 -38.56
C2 NAG S . -19.05 22.76 -38.18
C3 NAG S . -18.46 23.42 -39.43
C4 NAG S . -19.54 23.77 -40.45
C5 NAG S . -20.44 22.56 -40.72
C6 NAG S . -20.44 22.15 -42.17
C7 NAG S . -19.38 23.99 -36.08
C8 NAG S . -20.18 25.05 -35.38
N2 NAG S . -19.72 23.75 -37.35
O3 NAG S . -17.53 22.52 -40.02
O4 NAG S . -20.34 24.84 -39.95
O5 NAG S . -19.97 21.43 -39.98
O6 NAG S . -19.64 20.99 -42.39
O7 NAG S . -18.49 23.37 -35.52
CAV SY9 T . -25.05 -0.46 -25.48
CAU SY9 T . -26.31 0.10 -24.83
CAT SY9 T . -25.91 1.33 -23.99
CAN SY9 T . -25.61 2.43 -25.06
CAK SY9 T . -24.51 2.02 -26.05
NAH SY9 T . -24.92 2.75 -27.28
CAA SY9 T . -25.08 1.83 -28.35
CAF SY9 T . -25.50 2.07 -29.67
CAE SY9 T . -25.59 0.97 -30.54
CAD SY9 T . -25.29 -0.32 -30.11
CAC SY9 T . -24.89 -0.53 -28.79
CAB SY9 T . -24.79 0.54 -27.92
CAG SY9 T . -24.36 0.52 -26.46
CAW SY9 T . -22.91 0.04 -26.41
CAX SY9 T . -22.68 -0.39 -24.96
NAY SY9 T . -24.00 -0.84 -24.46
CAS SY9 T . -24.24 -0.38 -23.07
CAR SY9 T . -24.71 1.04 -23.07
CAQ SY9 T . -24.14 2.00 -22.35
CAP SY9 T . -24.60 3.42 -22.36
OAO SY9 T . -24.32 4.03 -23.63
CAM SY9 T . -25.34 3.89 -24.64
CAL SY9 T . -24.90 4.75 -25.86
CAI SY9 T . -25.13 4.11 -27.22
OAJ SY9 T . -25.48 4.79 -28.18
O5 PX4 U . -10.22 40.93 38.16
C9 PX4 U . -9.18 40.67 38.79
O6 PX4 U . -9.04 41.11 40.19
C10 PX4 U . -7.99 39.86 38.09
C11 PX4 U . -8.40 39.52 36.58
C12 PX4 U . -9.25 38.16 36.53
C13 PX4 U . -9.53 37.77 35.01
C14 PX4 U . -9.56 36.17 34.86
C15 PX4 U . -9.15 35.76 33.37
C16 PX4 U . -10.20 36.37 32.32
C17 PX4 U . -10.21 35.47 31.00
C18 PX4 U . -8.86 35.72 30.17
C19 PX4 U . -9.01 35.09 28.71
C20 PX4 U . -9.25 33.51 28.83
C21 PX4 U . -7.94 32.72 28.36
C22 PX4 U . -7.65 33.06 26.81
C1B PIO V . -22.34 33.66 39.35
O1B PIO V . -23.46 34.35 39.54
C2B PIO V . -22.55 32.34 38.61
C3B PIO V . -22.94 32.47 37.16
O3C PIO V . -21.27 34.03 39.74
C4B PIO V . -22.97 31.14 36.40
C5B PIO V . -22.55 31.17 34.93
C6B PIO V . -22.54 29.85 34.19
C7B PIO V . -21.46 28.86 34.56
C8B PIO V . -21.60 27.54 33.85
CAV SY9 W . 27.01 4.33 -22.89
CAU SY9 W . 28.16 4.94 -22.08
CAT SY9 W . 28.25 4.17 -20.74
CAN SY9 W . 28.86 2.79 -21.14
CAK SY9 W . 28.03 2.04 -22.17
NAH SY9 W . 29.06 1.27 -22.91
CAA SY9 W . 29.01 1.57 -24.29
CAF SY9 W . 29.83 1.12 -25.33
CAE SY9 W . 29.57 1.60 -26.62
CAD SY9 W . 28.54 2.50 -26.87
CAC SY9 W . 27.73 2.95 -25.82
CAB SY9 W . 27.99 2.49 -24.53
CAG SY9 W . 27.24 2.85 -23.27
CAW SY9 W . 25.79 2.35 -23.41
CAX SY9 W . 25.00 3.10 -22.34
NAY SY9 W . 25.70 4.39 -22.16
CAS SY9 W . 25.76 4.78 -20.72
CAR SY9 W . 26.89 4.05 -20.06
CAQ SY9 W . 26.72 3.34 -18.93
CAP SY9 W . 27.85 2.60 -18.27
OAO SY9 W . 28.27 1.50 -19.08
CAM SY9 W . 29.28 1.78 -20.05
CAL SY9 W . 29.71 0.42 -20.69
CAI SY9 W . 29.92 0.46 -22.19
OAJ SY9 W . 30.82 -0.20 -22.71
CAV SY9 X . -0.50 20.19 -29.28
CAU SY9 X . -0.52 21.64 -28.79
CAT SY9 X . 0.50 21.76 -27.63
CAN SY9 X . 1.89 21.71 -28.33
CAK SY9 X . 2.09 20.42 -29.14
NAH SY9 X . 2.99 20.89 -30.23
CAA SY9 X . 2.41 20.61 -31.49
CAF SY9 X . 2.88 20.91 -32.78
CAE SY9 X . 2.09 20.54 -33.87
CAD SY9 X . 0.87 19.89 -33.70
CAC SY9 X . 0.41 19.60 -32.42
CAB SY9 X . 1.18 19.98 -31.31
CAG SY9 X . 0.88 19.74 -29.85
CAW SY9 X . 0.83 18.23 -29.60
CAX SY9 X . 0.12 18.07 -28.27
NAY SY9 X . -0.82 19.21 -28.17
CAS SY9 X . -0.87 19.76 -26.79
CAR SY9 X . 0.31 20.67 -26.57
CAQ SY9 X . 1.14 20.53 -25.54
CAP SY9 X . 2.32 21.43 -25.32
OAO SY9 X . 3.32 21.20 -26.33
CAM SY9 X . 3.19 21.96 -27.54
CAL SY9 X . 4.44 21.68 -28.41
CAI SY9 X . 4.17 21.52 -29.90
OAJ SY9 X . 4.96 21.96 -30.73
O5 PX4 Y . 2.10 41.19 42.49
C9 PX4 Y . 2.29 40.01 42.87
O6 PX4 Y . 3.46 39.69 43.71
C10 PX4 Y . 1.26 38.86 42.44
C11 PX4 Y . 2.00 37.82 41.46
C12 PX4 Y . 0.99 36.64 41.09
C13 PX4 Y . 1.50 35.90 39.76
C14 PX4 Y . 2.34 34.60 40.16
C15 PX4 Y . 1.76 33.32 39.39
C16 PX4 Y . 2.39 33.25 37.92
C17 PX4 Y . 3.17 31.86 37.74
C18 PX4 Y . 3.64 31.70 36.21
C19 PX4 Y . 4.26 30.25 35.99
C1 NAG Z . 24.71 21.73 -35.42
C2 NAG Z . 25.97 22.41 -36.01
C3 NAG Z . 25.74 22.83 -37.46
C4 NAG Z . 25.22 21.66 -38.29
C5 NAG Z . 23.97 21.09 -37.64
C6 NAG Z . 23.45 19.87 -38.37
C7 NAG Z . 27.52 23.61 -34.53
C8 NAG Z . 28.43 22.42 -34.63
N2 NAG Z . 26.37 23.56 -35.20
O3 NAG Z . 26.96 23.29 -38.00
O4 NAG Z . 24.95 22.08 -39.62
O5 NAG Z . 24.26 20.68 -36.31
O6 NAG Z . 24.45 19.24 -39.14
O7 NAG Z . 27.83 24.60 -33.86
C1B PIO AA . 20.66 16.26 47.67
O1B PIO AA . 20.86 16.57 48.81
C2B PIO AA . 19.82 15.07 47.25
C3B PIO AA . 18.85 15.29 46.12
O3C PIO AA . 21.16 16.95 46.63
C4B PIO AA . 18.18 14.02 45.61
C5B PIO AA . 18.14 13.82 44.09
C6B PIO AA . 17.75 12.43 43.60
C7B PIO AA . 17.58 12.25 42.10
C8B PIO AA . 17.61 10.81 41.66
O5 PX4 BA . 22.15 28.90 44.92
C9 PX4 BA . 22.03 27.46 45.20
O6 PX4 BA . 21.96 27.07 46.37
C10 PX4 BA . 21.99 26.42 43.99
C11 PX4 BA . 20.59 26.53 43.23
C12 PX4 BA . 20.66 25.71 41.86
C13 PX4 BA . 19.17 25.47 41.29
C14 PX4 BA . 19.25 25.11 39.72
C15 PX4 BA . 20.13 26.23 38.98
C16 PX4 BA . 19.73 26.29 37.42
C17 PX4 BA . 19.59 24.80 36.83
C18 PX4 BA . 19.14 24.90 35.28
C19 PX4 BA . 18.82 23.44 34.72
C20 PX4 BA . 18.50 23.54 33.15
C21 PX4 BA . 18.52 22.06 32.51
O5 PX4 CA . 12.86 39.13 44.29
C9 PX4 CA . 12.21 39.94 43.61
O6 PX4 CA . 11.02 40.59 44.16
C10 PX4 CA . 12.70 40.30 42.12
C11 PX4 CA . 12.15 39.20 41.10
C12 PX4 CA . 10.55 39.11 41.21
C13 PX4 CA . 9.97 38.38 39.91
C14 PX4 CA . 10.76 37.00 39.67
C15 PX4 CA . 10.08 36.20 38.45
C16 PX4 CA . 10.72 36.69 37.07
C17 PX4 CA . 10.29 35.67 35.90
C18 PX4 CA . 8.69 35.49 35.92
C19 PX4 CA . 8.29 34.05 35.34
C20 PX4 CA . 8.33 34.08 33.74
C21 PX4 CA . 7.47 32.84 33.17
O7 PX4 DA . 8.96 -12.16 54.13
C23 PX4 DA . 9.42 -11.04 54.97
O8 PX4 DA . 10.23 -11.24 55.89
C24 PX4 DA . 8.87 -9.55 54.70
C25 PX4 DA . 7.81 -9.15 55.83
C26 PX4 DA . 6.90 -7.94 55.31
C27 PX4 DA . 6.09 -8.40 54.01
C28 PX4 DA . 5.89 -7.15 53.04
C29 PX4 DA . 4.78 -7.50 51.93
C30 PX4 DA . 4.63 -6.27 50.92
C31 PX4 DA . 3.30 -6.43 50.06
C32 PX4 DA . 3.56 -7.42 48.82
C33 PX4 DA . 2.57 -7.03 47.62
C34 PX4 DA . 2.71 -8.12 46.44
C35 PX4 DA . 1.25 -8.63 46.01
O5 PX4 EA . -1.79 -15.97 55.82
C9 PX4 EA . -1.39 -14.94 55.26
O6 PX4 EA . -2.01 -13.64 55.57
C10 PX4 EA . -0.19 -15.02 54.20
C11 PX4 EA . -0.71 -14.52 52.77
C12 PX4 EA . 0.46 -14.66 51.70
C13 PX4 EA . -0.15 -14.50 50.22
C14 PX4 EA . 1.04 -14.26 49.18
C15 PX4 EA . 0.44 -13.67 47.82
C16 PX4 EA . 1.53 -13.81 46.65
C17 PX4 EA . 1.72 -12.39 45.92
C1 NAG FA . 25.32 -35.06 -42.58
C2 NAG FA . 26.63 -35.16 -43.38
C3 NAG FA . 26.53 -36.25 -44.43
C4 NAG FA . 26.08 -37.57 -43.79
C5 NAG FA . 24.81 -37.37 -42.99
C6 NAG FA . 24.38 -38.61 -42.24
C7 NAG FA . 26.30 -33.18 -44.87
C8 NAG FA . 26.93 -31.90 -45.32
N2 NAG FA . 27.01 -33.89 -43.98
O3 NAG FA . 27.80 -36.42 -45.07
O4 NAG FA . 25.85 -38.55 -44.80
O5 NAG FA . 25.00 -36.33 -42.01
O6 NAG FA . 23.39 -38.30 -41.27
O7 NAG FA . 25.22 -33.56 -45.31
C1 NAG GA . -4.62 -41.75 -8.49
C2 NAG GA . -3.70 -42.89 -8.04
C3 NAG GA . -4.23 -44.22 -8.57
C4 NAG GA . -5.70 -44.41 -8.17
C5 NAG GA . -6.52 -43.19 -8.57
C6 NAG GA . -7.95 -43.26 -8.08
C7 NAG GA . -1.30 -42.56 -7.62
C8 NAG GA . -1.61 -42.68 -6.16
N2 NAG GA . -2.33 -42.67 -8.46
O3 NAG GA . -3.44 -45.28 -8.06
O4 NAG GA . -6.22 -45.57 -8.81
O5 NAG GA . -5.95 -41.99 -8.03
O6 NAG GA . -8.59 -41.99 -8.16
O7 NAG GA . -0.15 -42.37 -8.02
C1B PIO HA . -1.02 -19.45 47.86
O1B PIO HA . -0.58 -18.69 48.86
C2B PIO HA . -1.37 -18.67 46.61
C3B PIO HA . -0.19 -18.06 45.89
O3C PIO HA . -1.12 -20.65 47.96
C4B PIO HA . -0.55 -17.45 44.53
C5B PIO HA . 0.57 -17.32 43.50
C6B PIO HA . 0.19 -16.78 42.13
C7B PIO HA . 1.28 -16.12 41.31
C1B PIO IA . -21.84 -2.40 49.43
O1B PIO IA . -21.94 -3.22 50.31
C2B PIO IA . -21.32 -2.65 48.05
C3B PIO IA . -21.23 -1.41 47.23
O3C PIO IA . -22.23 -1.15 49.58
C4B PIO IA . -20.94 -1.70 45.77
C5B PIO IA . -20.70 -0.46 44.93
C6B PIO IA . -20.81 -0.67 43.45
C7B PIO IA . -20.70 0.59 42.64
C8B PIO IA . -21.02 0.42 41.18
C1A PIO JA . -15.95 -12.35 52.89
O1A PIO JA . -17.10 -12.22 53.57
C2A PIO JA . -15.60 -11.13 52.09
O2C PIO JA . -15.29 -13.36 52.94
C3A PIO JA . -15.47 -11.38 50.62
C4A PIO JA . -15.43 -10.09 49.82
C5A PIO JA . -15.38 -10.29 48.32
C6A PIO JA . -15.68 -9.03 47.53
C7A PIO JA . -15.66 -9.21 46.03
C8A PIO JA . -16.14 -8.02 45.25
#